data_9CTI
#
_entry.id   9CTI
#
_cell.length_a   1.00
_cell.length_b   1.00
_cell.length_c   1.00
_cell.angle_alpha   90.00
_cell.angle_beta   90.00
_cell.angle_gamma   90.00
#
_symmetry.space_group_name_H-M   'P 1'
#
loop_
_entity.id
_entity.type
_entity.pdbx_description
1 polymer 'EcPKS2 - condensing domain bound to malonyl-CoA and malonyl'
2 non-polymer 'MALONYL-COENZYME A'
#
_entity_poly.entity_id   1
_entity_poly.type   'polypeptide(L)'
_entity_poly.pdbx_seq_one_letter_code
;MAPQEQASSSQQDDAPPKTPNVVEPYKGEVAICGLSGRYPESANVGELEYNLFNKIDMVTIDNRRWEPGYLGTPERMGKV
KTITDFDAEFFGVHTKGAQTMDPMLRNLLEVVYEAIVDAGESLESMKGTRTGVYIGVSNNEVDTAYMKNWTDDDAYMVQG
CHHSMYPNWISFFFDFSGPSTAYNTA(MCS)STSLVCLDAAERHLRMGVIDNAIVGGSNFIYRPATTKLFMGMNFLGSST
CKAFDESGDGFVRGEVASAILLKKADTAKRVYCTLVGSMLNNDGNQTNGILYPNSEAQEQLMTDIYSTHKIDANEVKYFE
CHGTGTQAGDPNETRAICNAVCKGKKDPLLIGSIKSNLGHGETASGINGISKVIITMHSRQIPPNLHFKNPNPKIPGLFD
GRLKVVTETTPFDGGLIAINSFGMGGTNAHAIFRSFDKRAEPHPASDKPRLFTYCARTEEGLQKIFEEAHKHASNVEFHA
LCQESANTKPKSLPYRGATILNAEGEYTEIQKCPSKAREVWFVYSGMGSQWVGMGRSLMALDVFRQSIEETAAILSPFGV
DLMSLLMDGTEDKLKEIMPPFICINAIQLALTDLLNSMGIVPDGLVGHSLGEVGCAYADGCLTRREAILSAFWRAKAVID
CEVKPGKMAAVELTWEEAKRLCPPGVVAACHNSQDSVTISGGAQEMTKFMAELSAQGVTVKEVNSNNISYHSSFMTEPAA
YLKKGLEKEIVPKPRSKKWISTSIPEERWGNPEAQTADASYQANNLLSSVLFYEGLQKIPSNAIAIEIAPAGLLQSVIKK
SLGQDCTIVALQKRKSPNNLEVFFSALGKCYSHGVPMNPLGLYPAVQFPVSIDTPMLSSMVSEAWDHSAKWRVPLVEEFE
YGSGSSSDNVIDIDLSEDSPENYLLEHAVDGRMLFPATGTLVLAWKTLAKLKGVEFEQLGVQMTNVQIHQALFLNPGGKT
TVSVSVMPITGEFQVRDGESLISSGVITSSEGRLLETDQHMKKGSVLDGKPDKELLFTKEIYREFLLRGYEYGAAFQGIQ
RASLDATDTDIRWDGRWISYLDTVLQMYLLSKPGTHQALPTLLESVTIDPRVHPAQPPEGTTEFQVLPGKWDPVLQIAAA
GGVEIRSCHSIRASRRLNHDPPILEDFAFAPYVDPRPSDRSAAAVTPALRDYADACFEFSRQGMKRWLENDKNNVLPNKE
EIKEALAMANKHASTPQAASNFASAKATLEALVNNKNGHRLPNHGLFEMLDIAFSEPLEGDYWDRLRMKLHDVRTYLWDD
PIIAALESPDIVKLVMETVSDNVNQQVMEILEVGAARGPYYRQAIPKALEYFSIKDWQYTVADQGFVEDAAEFPVKMMQF
DPLDPANFPAELTESCDLLVLKWNLQMQVDLDAAITEFSKMIKPGGFLLVLENGTRLSTFFPIKAIVSASLGGKGGPEGD
RAMGCFYTDAQWSALFARHGFEQIMHIPDGIAVSMFLLRKPFEPSVAPIIINVDDLECSWLEEVQARCAELQDSHKDSRL
WLVANTELSGVLGFLRSLVWEFGSEKLRCIQIDDATAGPNPPKISADSADFKELVRKDLAYNVFKNGKWGTYRGFVISDA
DRQKERPSEYVYADWLSAGDMSSLRWFDSPLKTGHNNGMLGSKMAHKLETETCSVYYAGLNLRDIILANGTIQRDILPEE
TFFKEGVLGVEFSGRNSSGKRVMGLCPPPALATTVKCPVSSLWSVPDQWTLEEAATVPLAYATAYYCLVSEGGVQKGATV
FIHAGASVVGQASIAVALSYNCEIFTLTKNSDETALLKSMYPQLNDRNFCSSEDCSFEKYIRKETKGSGVDVVINTLRGK
FLKASRRLLSKKGKFVDIGFKVDSNTQIAYYTREHPDLRFQLDALLESQGPEWTRLFDLVQAGIHSGVVKPLKRAVYSMD
KIVDAFKTVEAEREAGKIVIKIRDEERQKVCPTPRTSFPAIHRTCFHPDKSHILVGGMGGMGLETAHWMVLRGAKKLILT
SRYGITTGYQARKIAFFKQLGVEVEVLALSVNTRKAADKVFEHALKMGPVGGIFNMAMVLYNDDFLKMNREQFLKPLESK
ITMTMLLDDKSREKPVRDTLDHFVMFSSLIVSGGHLGQANYAFGSTVLEKICERRKRDGLPVTTPQWASIADVGTVALMG
TGNETIICRKYPQRFFNVLSVFDFMMSSDNVVTISYVLVEKSMGVAAGEESMVDQVLRAVGKVLGIKDVSSVDGDKEFID
MGVD(4HH)LMSVEIKQALERDAGLVISTKDTQLMTFNTLRSMVKGSHVHHHHHH
;
_entity_poly.pdbx_strand_id   A,B
#
loop_
_chem_comp.id
_chem_comp.type
_chem_comp.name
_chem_comp.formula
MLC non-polymer 'MALONYL-COENZYME A' 'C24 H38 N7 O19 P3 S'
#
# COMPACT_ATOMS: atom_id res chain seq x y z
N PRO A 16 -16.14 29.49 -4.08
CA PRO A 16 -15.16 29.04 -3.09
C PRO A 16 -15.44 27.65 -2.51
N PRO A 17 -16.71 27.34 -2.22
CA PRO A 17 -17.03 25.99 -1.73
C PRO A 17 -16.61 24.93 -2.74
N LYS A 18 -16.13 23.80 -2.22
CA LYS A 18 -15.65 22.71 -3.05
C LYS A 18 -16.68 21.58 -3.04
N THR A 19 -17.01 21.08 -4.24
CA THR A 19 -17.99 20.01 -4.36
C THR A 19 -17.36 18.67 -3.96
N PRO A 20 -17.91 17.96 -2.98
CA PRO A 20 -17.32 16.66 -2.62
C PRO A 20 -17.36 15.67 -3.78
N ASN A 21 -16.33 14.83 -3.84
CA ASN A 21 -16.30 13.75 -4.81
C ASN A 21 -17.21 12.61 -4.37
N VAL A 22 -17.77 11.91 -5.35
CA VAL A 22 -18.71 10.81 -5.09
C VAL A 22 -17.86 9.56 -4.93
N VAL A 23 -17.38 9.32 -3.71
CA VAL A 23 -16.61 8.12 -3.39
C VAL A 23 -17.61 7.00 -3.13
N GLU A 24 -17.88 6.19 -4.15
CA GLU A 24 -18.83 5.09 -4.06
C GLU A 24 -18.16 3.80 -4.50
N PRO A 25 -18.46 2.67 -3.85
CA PRO A 25 -17.83 1.41 -4.26
C PRO A 25 -18.12 1.09 -5.72
N TYR A 26 -17.13 0.54 -6.40
CA TYR A 26 -17.23 0.17 -7.80
C TYR A 26 -17.39 -1.34 -7.91
N LYS A 27 -18.34 -1.79 -8.75
CA LYS A 27 -18.64 -3.20 -8.91
C LYS A 27 -18.40 -3.71 -10.31
N GLY A 28 -17.96 -2.87 -11.25
CA GLY A 28 -17.72 -3.30 -12.60
C GLY A 28 -16.37 -3.99 -12.76
N GLU A 29 -15.97 -4.15 -14.01
CA GLU A 29 -14.72 -4.83 -14.34
C GLU A 29 -13.56 -3.86 -14.40
N VAL A 30 -12.36 -4.38 -14.11
CA VAL A 30 -11.12 -3.61 -14.19
C VAL A 30 -10.29 -4.17 -15.33
N ALA A 31 -9.89 -3.31 -16.25
CA ALA A 31 -9.22 -3.71 -17.48
C ALA A 31 -7.81 -3.14 -17.52
N ILE A 32 -6.85 -3.99 -17.86
CA ILE A 32 -5.47 -3.54 -18.10
C ILE A 32 -5.40 -3.04 -19.53
N CYS A 33 -5.07 -1.77 -19.70
CA CYS A 33 -5.20 -1.10 -20.99
C CYS A 33 -3.87 -0.91 -21.70
N GLY A 34 -2.85 -0.43 -20.99
CA GLY A 34 -1.56 -0.16 -21.61
C GLY A 34 -0.44 -0.84 -20.84
N LEU A 35 0.61 -1.21 -21.58
CA LEU A 35 1.78 -1.85 -21.02
C LEU A 35 3.03 -1.29 -21.69
N SER A 36 4.09 -1.08 -20.92
CA SER A 36 5.36 -0.64 -21.48
C SER A 36 6.46 -1.02 -20.52
N GLY A 37 7.70 -0.97 -20.99
CA GLY A 37 8.82 -1.25 -20.12
C GLY A 37 10.08 -1.63 -20.87
N ARG A 38 11.20 -1.43 -20.19
CA ARG A 38 12.51 -1.86 -20.67
C ARG A 38 12.85 -3.19 -20.04
N TYR A 39 13.28 -4.15 -20.86
CA TYR A 39 13.62 -5.48 -20.42
C TYR A 39 15.02 -5.82 -20.91
N PRO A 40 15.69 -6.78 -20.28
CA PRO A 40 17.06 -7.10 -20.68
C PRO A 40 17.14 -7.46 -22.16
N GLU A 41 18.07 -6.82 -22.86
CA GLU A 41 18.24 -7.03 -24.30
C GLU A 41 16.93 -6.79 -25.05
N SER A 42 16.18 -5.78 -24.61
CA SER A 42 14.92 -5.43 -25.25
C SER A 42 14.62 -3.98 -24.94
N ALA A 43 14.67 -3.12 -25.96
CA ALA A 43 14.41 -1.71 -25.77
C ALA A 43 12.93 -1.39 -25.57
N ASN A 44 12.03 -2.34 -25.83
CA ASN A 44 10.60 -2.10 -25.71
C ASN A 44 9.89 -3.44 -25.63
N VAL A 45 8.56 -3.39 -25.56
CA VAL A 45 7.77 -4.61 -25.42
C VAL A 45 7.86 -5.46 -26.67
N GLY A 46 7.94 -4.83 -27.85
CA GLY A 46 8.02 -5.59 -29.08
C GLY A 46 9.27 -6.45 -29.15
N GLU A 47 10.42 -5.88 -28.78
CA GLU A 47 11.66 -6.64 -28.75
C GLU A 47 11.57 -7.78 -27.75
N LEU A 48 10.98 -7.53 -26.58
CA LEU A 48 10.81 -8.59 -25.59
C LEU A 48 9.95 -9.72 -26.15
N GLU A 49 8.85 -9.38 -26.82
CA GLU A 49 8.00 -10.40 -27.41
C GLU A 49 8.75 -11.21 -28.46
N TYR A 50 9.49 -10.52 -29.33
CA TYR A 50 10.25 -11.21 -30.36
C TYR A 50 11.27 -12.16 -29.75
N ASN A 51 11.99 -11.69 -28.74
CA ASN A 51 13.00 -12.55 -28.11
C ASN A 51 12.37 -13.73 -27.42
N LEU A 52 11.24 -13.53 -26.72
CA LEU A 52 10.58 -14.64 -26.05
C LEU A 52 10.09 -15.69 -27.04
N PHE A 53 9.50 -15.24 -28.15
CA PHE A 53 8.92 -16.17 -29.10
C PHE A 53 9.95 -16.80 -30.03
N ASN A 54 11.22 -16.39 -29.96
CA ASN A 54 12.29 -16.98 -30.73
C ASN A 54 13.33 -17.69 -29.87
N LYS A 55 12.99 -17.98 -28.61
CA LYS A 55 13.89 -18.68 -27.71
C LYS A 55 15.24 -17.98 -27.61
N ILE A 56 15.21 -16.66 -27.46
CA ILE A 56 16.41 -15.85 -27.35
C ILE A 56 16.65 -15.58 -25.87
N ASP A 57 17.83 -15.94 -25.39
CA ASP A 57 18.21 -15.71 -24.00
C ASP A 57 18.62 -14.25 -23.83
N MET A 58 17.99 -13.57 -22.89
CA MET A 58 18.23 -12.14 -22.66
C MET A 58 19.31 -11.89 -21.62
N VAL A 59 19.87 -12.94 -21.00
CA VAL A 59 20.93 -12.78 -20.02
C VAL A 59 22.26 -12.96 -20.74
N THR A 60 23.02 -11.88 -20.84
CA THR A 60 24.26 -11.85 -21.60
C THR A 60 25.44 -11.54 -20.67
N ILE A 61 26.64 -11.61 -21.23
CA ILE A 61 27.88 -11.37 -20.50
C ILE A 61 28.63 -10.26 -21.21
N ASP A 62 28.83 -9.15 -20.52
CA ASP A 62 29.60 -8.01 -21.05
C ASP A 62 29.91 -7.09 -19.87
N ASN A 63 30.44 -5.91 -20.17
CA ASN A 63 30.88 -4.95 -19.17
C ASN A 63 29.98 -3.73 -19.10
N ARG A 64 28.67 -3.92 -19.33
CA ARG A 64 27.74 -2.79 -19.26
C ARG A 64 27.71 -2.19 -17.86
N ARG A 65 27.67 -3.05 -16.83
CA ARG A 65 27.67 -2.60 -15.45
C ARG A 65 29.04 -2.76 -14.79
N TRP A 66 29.63 -3.94 -14.89
CA TRP A 66 30.96 -4.18 -14.36
C TRP A 66 31.56 -5.36 -15.12
N GLU A 67 32.85 -5.60 -14.88
CA GLU A 67 33.56 -6.63 -15.62
C GLU A 67 32.94 -8.01 -15.32
N PRO A 68 32.94 -8.93 -16.29
CA PRO A 68 32.34 -10.24 -16.04
C PRO A 68 33.13 -11.07 -15.03
N GLY A 69 32.96 -10.74 -13.75
CA GLY A 69 33.69 -11.43 -12.70
C GLY A 69 34.18 -10.48 -11.62
N TYR A 70 33.89 -9.20 -11.76
CA TYR A 70 34.33 -8.21 -10.77
C TYR A 70 33.83 -8.61 -9.38
N LEU A 71 34.76 -8.63 -8.43
CA LEU A 71 34.50 -9.08 -7.07
C LEU A 71 33.96 -10.51 -7.03
N GLY A 72 34.23 -11.30 -8.07
CA GLY A 72 33.80 -12.68 -8.09
C GLY A 72 32.34 -12.90 -8.39
N THR A 73 31.60 -11.86 -8.77
CA THR A 73 30.18 -12.01 -9.04
C THR A 73 29.97 -12.86 -10.29
N PRO A 74 28.81 -13.50 -10.41
CA PRO A 74 28.53 -14.28 -11.63
C PRO A 74 28.63 -13.43 -12.87
N GLU A 75 29.19 -14.01 -13.93
CA GLU A 75 29.44 -13.26 -15.15
C GLU A 75 28.14 -12.84 -15.82
N ARG A 76 27.15 -13.74 -15.88
CA ARG A 76 25.94 -13.47 -16.64
C ARG A 76 24.94 -12.68 -15.82
N MET A 77 24.25 -11.75 -16.48
CA MET A 77 23.26 -10.91 -15.82
C MET A 77 22.25 -10.45 -16.86
N GLY A 78 21.11 -9.98 -16.38
CA GLY A 78 20.09 -9.40 -17.24
C GLY A 78 20.11 -7.89 -17.16
N LYS A 79 20.59 -7.23 -18.21
CA LYS A 79 20.80 -5.78 -18.20
C LYS A 79 20.05 -5.14 -19.36
N VAL A 80 19.41 -4.01 -19.08
CA VAL A 80 18.71 -3.26 -20.12
C VAL A 80 19.73 -2.68 -21.08
N LYS A 81 19.26 -2.22 -22.25
CA LYS A 81 20.17 -1.74 -23.27
C LYS A 81 20.98 -0.54 -22.77
N THR A 82 20.29 0.47 -22.23
CA THR A 82 20.96 1.68 -21.76
C THR A 82 20.14 2.30 -20.64
N ILE A 83 20.85 3.00 -19.74
CA ILE A 83 20.19 3.71 -18.65
C ILE A 83 20.75 5.13 -18.57
N THR A 84 21.47 5.54 -19.60
CA THR A 84 22.05 6.88 -19.67
C THR A 84 21.24 7.85 -20.50
N ASP A 85 20.06 7.45 -20.95
CA ASP A 85 19.24 8.25 -21.86
C ASP A 85 17.98 8.72 -21.16
N PHE A 86 17.58 9.96 -21.45
CA PHE A 86 16.36 10.51 -20.87
C PHE A 86 16.02 11.82 -21.57
N ASP A 87 14.71 12.03 -21.80
CA ASP A 87 14.21 13.25 -22.43
C ASP A 87 13.79 14.21 -21.31
N ALA A 88 14.79 14.91 -20.76
CA ALA A 88 14.54 15.79 -19.63
C ALA A 88 13.60 16.94 -20.01
N GLU A 89 13.79 17.52 -21.20
CA GLU A 89 12.98 18.67 -21.58
C GLU A 89 11.50 18.31 -21.69
N PHE A 90 11.18 17.09 -22.12
CA PHE A 90 9.79 16.71 -22.27
C PHE A 90 9.05 16.73 -20.94
N PHE A 91 9.68 16.21 -19.89
CA PHE A 91 9.04 16.09 -18.59
C PHE A 91 9.18 17.35 -17.74
N GLY A 92 9.74 18.41 -18.29
CA GLY A 92 9.89 19.63 -17.53
C GLY A 92 10.83 19.52 -16.35
N VAL A 93 11.95 18.83 -16.52
CA VAL A 93 12.96 18.67 -15.49
C VAL A 93 14.27 19.27 -16.01
N HIS A 94 14.86 20.16 -15.22
CA HIS A 94 16.04 20.89 -15.64
C HIS A 94 17.28 20.01 -15.59
N THR A 95 18.37 20.52 -16.16
CA THR A 95 19.59 19.74 -16.24
C THR A 95 20.10 19.37 -14.86
N LYS A 96 20.08 20.31 -13.92
CA LYS A 96 20.55 20.03 -12.57
C LYS A 96 19.72 18.92 -11.92
N GLY A 97 18.40 19.00 -12.06
CA GLY A 97 17.56 17.98 -11.47
C GLY A 97 17.71 16.64 -12.16
N ALA A 98 17.81 16.64 -13.49
CA ALA A 98 17.94 15.39 -14.24
C ALA A 98 19.25 14.69 -13.92
N GLN A 99 20.35 15.45 -13.80
CA GLN A 99 21.63 14.83 -13.47
C GLN A 99 21.56 14.16 -12.11
N THR A 100 20.97 14.83 -11.13
CA THR A 100 20.80 14.27 -9.78
C THR A 100 19.47 13.54 -9.65
N MET A 101 19.20 12.62 -10.56
CA MET A 101 17.97 11.84 -10.55
C MET A 101 18.32 10.39 -10.85
N ASP A 102 17.60 9.48 -10.21
CA ASP A 102 17.87 8.06 -10.39
C ASP A 102 17.56 7.65 -11.83
N PRO A 103 18.47 6.94 -12.50
CA PRO A 103 18.12 6.45 -13.84
C PRO A 103 16.86 5.60 -13.85
N MET A 104 16.61 4.86 -12.78
CA MET A 104 15.38 4.08 -12.70
C MET A 104 14.16 4.99 -12.80
N LEU A 105 14.18 6.12 -12.11
CA LEU A 105 13.05 7.04 -12.16
C LEU A 105 12.85 7.60 -13.56
N ARG A 106 13.95 7.94 -14.24
CA ARG A 106 13.83 8.48 -15.60
C ARG A 106 13.25 7.45 -16.56
N ASN A 107 13.81 6.24 -16.55
CA ASN A 107 13.28 5.19 -17.42
C ASN A 107 11.83 4.88 -17.07
N LEU A 108 11.48 4.93 -15.79
CA LEU A 108 10.10 4.65 -15.39
C LEU A 108 9.15 5.74 -15.86
N LEU A 109 9.57 7.00 -15.82
CA LEU A 109 8.73 8.07 -16.36
C LEU A 109 8.50 7.89 -17.85
N GLU A 110 9.58 7.56 -18.58
CA GLU A 110 9.42 7.32 -20.01
C GLU A 110 8.50 6.15 -20.27
N VAL A 111 8.65 5.07 -19.52
CA VAL A 111 7.84 3.88 -19.71
C VAL A 111 6.39 4.15 -19.35
N VAL A 112 6.15 4.96 -18.33
CA VAL A 112 4.78 5.30 -17.95
C VAL A 112 4.11 6.11 -19.06
N TYR A 113 4.84 7.07 -19.64
CA TYR A 113 4.26 7.81 -20.75
C TYR A 113 3.98 6.89 -21.93
N GLU A 114 4.90 5.96 -22.23
CA GLU A 114 4.68 5.05 -23.34
C GLU A 114 3.46 4.17 -23.10
N ALA A 115 3.30 3.67 -21.87
CA ALA A 115 2.13 2.86 -21.55
C ALA A 115 0.85 3.67 -21.64
N ILE A 116 0.86 4.92 -21.17
CA ILE A 116 -0.32 5.77 -21.28
C ILE A 116 -0.70 5.96 -22.74
N VAL A 117 0.28 6.21 -23.60
CA VAL A 117 -0.01 6.37 -25.02
C VAL A 117 -0.51 5.05 -25.61
N ASP A 118 0.01 3.92 -25.13
CA ASP A 118 -0.37 2.63 -25.69
C ASP A 118 -1.84 2.33 -25.45
N ALA A 119 -2.35 2.72 -24.29
CA ALA A 119 -3.74 2.46 -23.93
C ALA A 119 -4.72 3.38 -24.64
N GLY A 120 -4.28 4.13 -25.63
CA GLY A 120 -5.16 5.07 -26.31
C GLY A 120 -5.39 6.37 -25.57
N GLU A 121 -4.67 6.61 -24.49
CA GLU A 121 -4.79 7.84 -23.72
C GLU A 121 -3.72 8.84 -24.17
N SER A 122 -3.83 10.07 -23.67
CA SER A 122 -2.90 11.13 -24.04
C SER A 122 -2.63 11.99 -22.81
N LEU A 123 -1.81 13.03 -23.00
CA LEU A 123 -1.49 13.91 -21.89
C LEU A 123 -2.70 14.75 -21.47
N GLU A 124 -3.46 15.26 -22.45
CA GLU A 124 -4.61 16.10 -22.13
C GLU A 124 -5.76 15.28 -21.58
N SER A 125 -5.93 14.04 -22.03
CA SER A 125 -7.05 13.22 -21.58
C SER A 125 -6.84 12.73 -20.15
N MET A 126 -5.62 12.37 -19.78
CA MET A 126 -5.33 11.87 -18.45
C MET A 126 -5.04 12.97 -17.44
N LYS A 127 -4.97 14.22 -17.88
CA LYS A 127 -4.67 15.32 -16.97
C LYS A 127 -5.89 15.63 -16.12
N GLY A 128 -5.69 15.72 -14.81
CA GLY A 128 -6.75 16.03 -13.88
C GLY A 128 -7.62 14.86 -13.48
N THR A 129 -7.36 13.67 -14.00
CA THR A 129 -8.17 12.51 -13.67
C THR A 129 -7.81 11.98 -12.28
N ARG A 130 -8.72 11.20 -11.71
CA ARG A 130 -8.51 10.60 -10.39
C ARG A 130 -7.75 9.29 -10.56
N THR A 131 -6.46 9.43 -10.87
CA THR A 131 -5.57 8.30 -11.10
C THR A 131 -4.58 8.16 -9.95
N GLY A 132 -4.38 6.92 -9.51
CA GLY A 132 -3.42 6.62 -8.48
C GLY A 132 -2.18 5.97 -9.07
N VAL A 133 -1.03 6.25 -8.45
CA VAL A 133 0.25 5.73 -8.91
C VAL A 133 0.80 4.83 -7.82
N TYR A 134 1.21 3.62 -8.21
CA TYR A 134 1.60 2.57 -7.28
C TYR A 134 2.94 1.96 -7.68
N ILE A 135 3.93 2.82 -7.90
CA ILE A 135 5.26 2.33 -8.25
C ILE A 135 5.82 1.48 -7.12
N GLY A 136 6.49 0.40 -7.49
CA GLY A 136 7.20 -0.43 -6.52
C GLY A 136 8.69 -0.45 -6.77
N VAL A 137 9.46 0.17 -5.89
CA VAL A 137 10.91 0.27 -6.02
C VAL A 137 11.54 0.05 -4.66
N SER A 138 12.76 -0.55 -4.67
CA SER A 138 13.53 -0.90 -3.46
C SER A 138 15.05 -0.75 -3.56
N ASN A 139 15.62 -0.07 -4.55
CA ASN A 139 17.10 -0.01 -4.76
C ASN A 139 17.56 1.43 -4.56
N ASN A 140 18.25 1.72 -3.47
CA ASN A 140 18.75 3.10 -3.15
C ASN A 140 20.27 3.09 -3.20
N GLU A 141 20.86 2.36 -4.14
CA GLU A 141 22.32 2.31 -4.32
C GLU A 141 22.78 3.63 -4.91
N VAL A 142 21.93 4.38 -5.57
CA VAL A 142 22.29 5.68 -6.20
C VAL A 142 22.43 6.75 -5.12
N ASP A 143 22.27 6.42 -3.85
CA ASP A 143 22.40 7.38 -2.74
C ASP A 143 23.73 7.13 -2.05
N THR A 144 24.41 6.05 -2.36
CA THR A 144 25.73 5.75 -1.81
C THR A 144 26.77 6.25 -2.80
N ALA A 145 26.56 6.11 -4.12
CA ALA A 145 27.50 6.58 -5.13
C ALA A 145 27.48 8.10 -5.23
N TYR A 146 26.29 8.70 -5.25
CA TYR A 146 26.20 10.15 -5.36
C TYR A 146 26.61 10.85 -4.07
N MET A 147 26.59 10.15 -2.93
CA MET A 147 26.96 10.75 -1.67
C MET A 147 28.42 10.54 -1.31
N LYS A 148 29.12 9.62 -1.99
CA LYS A 148 30.53 9.42 -1.70
C LYS A 148 31.33 10.70 -1.92
N ASN A 149 30.96 11.47 -2.94
CA ASN A 149 31.65 12.72 -3.26
C ASN A 149 30.65 13.86 -3.27
N TRP A 150 29.82 13.94 -2.24
CA TRP A 150 28.76 14.95 -2.22
C TRP A 150 29.34 16.36 -2.30
N THR A 151 28.72 17.18 -3.14
CA THR A 151 29.10 18.59 -3.28
C THR A 151 27.82 19.40 -3.39
N ASP A 152 27.96 20.72 -3.24
CA ASP A 152 26.81 21.60 -3.37
C ASP A 152 26.18 21.41 -4.74
N ASP A 153 24.89 21.73 -4.84
CA ASP A 153 23.99 21.53 -5.98
C ASP A 153 23.49 20.09 -6.05
N ASP A 154 23.89 19.21 -5.13
CA ASP A 154 23.38 17.85 -5.07
C ASP A 154 22.19 17.72 -4.14
N ALA A 155 21.67 18.83 -3.64
CA ALA A 155 20.49 18.75 -2.77
C ALA A 155 19.26 18.28 -3.54
N TYR A 156 19.22 18.53 -4.85
CA TYR A 156 18.05 18.17 -5.65
C TYR A 156 17.81 16.67 -5.69
N MET A 157 18.78 15.86 -5.25
CA MET A 157 18.52 14.43 -5.11
C MET A 157 17.31 14.18 -4.22
N VAL A 158 17.06 15.07 -3.26
CA VAL A 158 15.90 14.89 -2.39
C VAL A 158 14.64 14.77 -3.22
N GLN A 159 14.54 15.54 -4.30
CA GLN A 159 13.37 15.51 -5.17
C GLN A 159 13.57 14.63 -6.40
N GLY A 160 14.73 14.01 -6.56
CA GLY A 160 14.99 13.18 -7.71
C GLY A 160 15.55 11.82 -7.35
N CYS A 161 15.67 11.42 -6.10
CA CYS A 161 16.30 10.11 -5.74
C CYS A 161 15.53 9.41 -4.63
N HIS A 162 14.82 10.13 -3.74
CA HIS A 162 13.96 9.53 -2.70
C HIS A 162 13.04 8.57 -3.42
N HIS A 163 12.68 7.45 -2.80
CA HIS A 163 11.86 6.42 -3.45
C HIS A 163 10.42 6.89 -3.37
N SER A 164 10.11 7.84 -2.49
CA SER A 164 8.77 8.42 -2.47
C SER A 164 8.52 9.36 -3.62
N MET A 165 9.56 9.76 -4.34
CA MET A 165 9.41 10.65 -5.48
C MET A 165 9.14 9.91 -6.78
N TYR A 166 9.19 8.57 -6.78
CA TYR A 166 8.90 7.87 -8.04
C TYR A 166 7.44 8.05 -8.44
N PRO A 167 6.47 7.59 -7.68
CA PRO A 167 5.07 7.87 -8.06
C PRO A 167 4.73 9.36 -8.03
N ASN A 168 5.25 10.10 -7.06
CA ASN A 168 4.88 11.51 -6.92
C ASN A 168 5.19 12.27 -8.20
N TRP A 169 6.38 12.08 -8.76
CA TRP A 169 6.72 12.74 -10.02
C TRP A 169 5.70 12.38 -11.10
N ILE A 170 5.35 11.09 -11.19
CA ILE A 170 4.32 10.68 -12.16
C ILE A 170 3.03 11.44 -11.89
N SER A 171 2.66 11.60 -10.62
CA SER A 171 1.48 12.39 -10.29
C SER A 171 1.69 13.85 -10.65
N PHE A 172 2.89 14.38 -10.43
CA PHE A 172 3.15 15.78 -10.68
C PHE A 172 3.16 16.09 -12.18
N PHE A 173 3.84 15.26 -12.97
CA PHE A 173 3.94 15.53 -14.39
C PHE A 173 2.59 15.36 -15.08
N PHE A 174 1.94 14.21 -14.88
CA PHE A 174 0.68 13.94 -15.54
C PHE A 174 -0.50 14.59 -14.86
N ASP A 175 -0.29 15.23 -13.71
CA ASP A 175 -1.33 15.98 -13.00
C ASP A 175 -2.40 15.06 -12.41
N PHE A 176 -1.99 13.87 -11.97
CA PHE A 176 -2.92 12.97 -11.29
C PHE A 176 -3.23 13.50 -9.89
N SER A 177 -4.41 13.14 -9.40
CA SER A 177 -4.90 13.60 -8.10
C SER A 177 -5.44 12.42 -7.31
N GLY A 178 -4.68 11.35 -7.27
CA GLY A 178 -5.06 10.16 -6.54
C GLY A 178 -3.92 9.64 -5.69
N PRO A 179 -4.20 8.65 -4.84
CA PRO A 179 -3.15 8.11 -3.97
C PRO A 179 -1.91 7.68 -4.73
N SER A 180 -0.79 8.35 -4.48
CA SER A 180 0.49 8.03 -5.09
C SER A 180 1.42 7.53 -3.99
N THR A 181 1.72 6.24 -4.01
CA THR A 181 2.48 5.59 -2.96
C THR A 181 3.54 4.69 -3.55
N ALA A 182 4.63 4.52 -2.82
CA ALA A 182 5.72 3.63 -3.19
C ALA A 182 5.73 2.41 -2.29
N TYR A 183 5.88 1.24 -2.88
CA TYR A 183 5.80 -0.03 -2.17
C TYR A 183 7.13 -0.75 -2.24
N ASN A 184 7.42 -1.55 -1.21
CA ASN A 184 8.63 -2.37 -1.17
C ASN A 184 8.26 -3.67 -0.46
N THR A 185 7.95 -4.70 -1.25
CA THR A 185 7.59 -6.01 -0.73
C THR A 185 8.54 -7.09 -1.25
N ALA A 186 9.80 -6.72 -1.47
CA ALA A 186 10.81 -7.66 -1.94
C ALA A 186 10.51 -8.09 -3.35
O MCS A 187 8.75 -10.62 -6.46
C MCS A 187 9.03 -10.04 -5.38
CA MCS A 187 10.50 -9.87 -4.97
N MCS A 187 10.68 -9.38 -3.62
CB MCS A 187 11.19 -11.23 -5.13
SAI MCS A 187 12.44 -11.46 -3.83
CAK MCS A 187 14.10 -10.83 -4.23
OAC MCS A 187 14.83 -11.54 -4.84
CAG MCS A 187 14.71 -9.93 -3.17
CAJ MCS A 187 15.36 -8.67 -3.73
OAE MCS A 187 15.01 -7.52 -3.33
OAB MCS A 187 16.34 -8.81 -4.49
HA MCS A 187 10.91 -9.25 -5.60
H MCS A 187 11.55 -9.51 -3.41
HBC1 MCS A 187 10.53 -11.94 -5.05
HBC2 MCS A 187 11.63 -11.28 -6.02
HAG1 MCS A 187 15.38 -10.44 -2.67
HAG2 MCS A 187 14.00 -9.65 -2.56
N SER A 188 8.08 -9.58 -4.56
CA SER A 188 6.67 -9.62 -4.94
C SER A 188 5.98 -8.28 -4.74
N THR A 189 6.70 -7.19 -5.00
CA THR A 189 6.14 -5.86 -4.82
C THR A 189 5.21 -5.45 -5.95
N SER A 190 5.49 -5.88 -7.17
CA SER A 190 4.68 -5.46 -8.31
C SER A 190 3.24 -5.93 -8.15
N LEU A 191 3.03 -7.14 -7.62
CA LEU A 191 1.68 -7.63 -7.43
C LEU A 191 1.02 -7.01 -6.20
N VAL A 192 1.80 -6.60 -5.19
CA VAL A 192 1.22 -5.86 -4.08
C VAL A 192 0.73 -4.50 -4.54
N CYS A 193 1.46 -3.88 -5.47
CA CYS A 193 0.97 -2.64 -6.07
C CYS A 193 -0.31 -2.88 -6.85
N LEU A 194 -0.38 -4.00 -7.59
CA LEU A 194 -1.63 -4.32 -8.27
C LEU A 194 -2.77 -4.53 -7.28
N ASP A 195 -2.51 -5.20 -6.16
CA ASP A 195 -3.54 -5.39 -5.14
C ASP A 195 -4.00 -4.05 -4.57
N ALA A 196 -3.08 -3.15 -4.30
CA ALA A 196 -3.46 -1.83 -3.79
C ALA A 196 -4.29 -1.07 -4.81
N ALA A 197 -3.93 -1.17 -6.09
CA ALA A 197 -4.71 -0.51 -7.12
C ALA A 197 -6.12 -1.08 -7.21
N GLU A 198 -6.25 -2.40 -7.11
CA GLU A 198 -7.57 -3.01 -7.10
C GLU A 198 -8.37 -2.54 -5.90
N ARG A 199 -7.74 -2.46 -4.72
CA ARG A 199 -8.43 -2.01 -3.53
C ARG A 199 -8.92 -0.58 -3.67
N HIS A 200 -8.10 0.30 -4.25
CA HIS A 200 -8.50 1.70 -4.38
C HIS A 200 -9.48 1.92 -5.52
N LEU A 201 -9.46 1.07 -6.55
CA LEU A 201 -10.41 1.24 -7.65
C LEU A 201 -11.80 0.76 -7.26
N ARG A 202 -11.88 -0.30 -6.44
CA ARG A 202 -13.15 -0.88 -6.08
C ARG A 202 -13.85 -0.15 -4.94
N MET A 203 -13.20 0.85 -4.34
CA MET A 203 -13.85 1.67 -3.33
C MET A 203 -14.38 2.99 -3.89
N GLY A 204 -13.78 3.49 -4.97
CA GLY A 204 -14.24 4.70 -5.63
C GLY A 204 -13.28 5.87 -5.53
N VAL A 205 -12.09 5.69 -4.97
CA VAL A 205 -11.15 6.79 -4.86
C VAL A 205 -10.61 7.19 -6.22
N ILE A 206 -10.27 6.20 -7.06
CA ILE A 206 -9.63 6.45 -8.33
C ILE A 206 -10.37 5.67 -9.42
N ASP A 207 -10.20 6.16 -10.65
CA ASP A 207 -10.73 5.48 -11.83
C ASP A 207 -9.66 4.77 -12.65
N ASN A 208 -8.39 5.14 -12.48
CA ASN A 208 -7.28 4.53 -13.21
C ASN A 208 -6.16 4.24 -12.22
N ALA A 209 -5.16 3.48 -12.70
CA ALA A 209 -4.00 3.16 -11.88
C ALA A 209 -2.79 3.01 -12.78
N ILE A 210 -1.62 3.37 -12.25
CA ILE A 210 -0.38 3.37 -13.02
C ILE A 210 0.59 2.37 -12.40
N VAL A 211 0.05 1.27 -11.88
CA VAL A 211 0.87 0.23 -11.27
C VAL A 211 2.06 -0.08 -12.16
N GLY A 212 3.23 -0.16 -11.58
CA GLY A 212 4.45 -0.46 -12.32
C GLY A 212 5.55 -0.97 -11.42
N GLY A 213 6.79 -0.73 -11.83
CA GLY A 213 7.93 -1.16 -11.06
C GLY A 213 9.24 -1.13 -11.83
N SER A 214 10.30 -0.69 -11.18
CA SER A 214 11.62 -0.59 -11.79
C SER A 214 12.67 -1.17 -10.87
N ASN A 215 13.72 -1.73 -11.46
CA ASN A 215 14.82 -2.32 -10.72
C ASN A 215 16.04 -2.36 -11.65
N PHE A 216 17.07 -1.59 -11.29
CA PHE A 216 18.35 -1.59 -12.00
C PHE A 216 19.45 -1.93 -11.02
N ILE A 217 20.49 -2.61 -11.51
CA ILE A 217 21.60 -3.05 -10.67
C ILE A 217 22.77 -2.10 -10.90
N TYR A 218 23.25 -1.48 -9.82
CA TYR A 218 24.38 -0.56 -9.86
C TYR A 218 25.56 -1.06 -9.05
N ARG A 219 25.36 -1.40 -7.79
CA ARG A 219 26.46 -1.80 -6.92
C ARG A 219 26.91 -3.21 -7.25
N PRO A 220 28.22 -3.45 -7.44
CA PRO A 220 28.71 -4.82 -7.63
C PRO A 220 28.80 -5.63 -6.35
N ALA A 221 28.59 -5.01 -5.19
CA ALA A 221 28.67 -5.70 -3.91
C ALA A 221 27.36 -6.34 -3.49
N THR A 222 26.23 -5.85 -4.00
CA THR A 222 24.95 -6.46 -3.68
C THR A 222 24.87 -7.88 -4.24
N THR A 223 25.41 -8.10 -5.44
CA THR A 223 25.47 -9.45 -5.97
C THR A 223 26.28 -10.36 -5.06
N LYS A 224 27.34 -9.83 -4.46
CA LYS A 224 28.10 -10.60 -3.48
C LYS A 224 27.25 -10.93 -2.26
N LEU A 225 26.44 -9.97 -1.81
CA LEU A 225 25.53 -10.23 -0.70
C LEU A 225 24.58 -11.37 -1.04
N PHE A 226 23.98 -11.32 -2.22
CA PHE A 226 23.05 -12.37 -2.62
C PHE A 226 23.76 -13.71 -2.81
N MET A 227 25.04 -13.70 -3.20
CA MET A 227 25.78 -14.94 -3.35
C MET A 227 26.11 -15.56 -1.99
N GLY A 228 26.38 -14.72 -0.99
CA GLY A 228 26.69 -15.24 0.34
C GLY A 228 25.54 -15.96 0.99
N MET A 229 24.31 -15.67 0.58
CA MET A 229 23.13 -16.35 1.08
C MET A 229 22.69 -17.50 0.18
N ASN A 230 23.49 -17.85 -0.82
CA ASN A 230 23.22 -18.93 -1.76
C ASN A 230 21.99 -18.66 -2.62
N PHE A 231 21.58 -17.39 -2.73
CA PHE A 231 20.42 -17.06 -3.56
C PHE A 231 20.71 -17.33 -5.03
N LEU A 232 21.87 -16.93 -5.51
CA LEU A 232 22.19 -16.97 -6.94
C LEU A 232 22.80 -18.31 -7.32
N GLY A 233 22.55 -18.73 -8.56
CA GLY A 233 23.10 -19.95 -9.09
C GLY A 233 24.27 -19.69 -10.03
N SER A 234 24.70 -20.77 -10.69
CA SER A 234 25.85 -20.68 -11.60
C SER A 234 25.41 -20.20 -12.98
N SER A 235 24.50 -20.93 -13.61
CA SER A 235 24.04 -20.62 -14.96
C SER A 235 22.70 -19.86 -14.88
N THR A 236 22.09 -19.67 -16.05
CA THR A 236 20.81 -18.98 -16.12
C THR A 236 19.74 -19.78 -15.36
N CYS A 237 18.71 -19.08 -14.91
CA CYS A 237 17.64 -19.71 -14.14
C CYS A 237 17.11 -20.94 -14.85
N LYS A 238 17.30 -22.11 -14.23
CA LYS A 238 16.83 -23.37 -14.79
C LYS A 238 15.47 -23.71 -14.15
N ALA A 239 14.47 -22.93 -14.54
CA ALA A 239 13.14 -23.11 -13.96
C ALA A 239 12.63 -24.52 -14.21
N PHE A 240 12.13 -25.16 -13.16
CA PHE A 240 11.58 -26.51 -13.22
C PHE A 240 12.61 -27.54 -13.69
N ASP A 241 13.89 -27.22 -13.61
CA ASP A 241 14.95 -28.12 -14.02
C ASP A 241 15.59 -28.77 -12.79
N GLU A 242 15.94 -30.05 -12.93
CA GLU A 242 16.53 -30.77 -11.81
C GLU A 242 17.88 -30.19 -11.39
N SER A 243 18.57 -29.49 -12.29
CA SER A 243 19.87 -28.94 -12.00
C SER A 243 19.80 -27.49 -11.51
N GLY A 244 18.61 -26.94 -11.33
CA GLY A 244 18.48 -25.58 -10.86
C GLY A 244 19.14 -25.37 -9.52
N ASP A 245 19.91 -24.29 -9.38
CA ASP A 245 20.62 -24.01 -8.13
C ASP A 245 20.56 -22.54 -7.74
N GLY A 246 19.72 -21.74 -8.37
CA GLY A 246 19.63 -20.33 -8.04
C GLY A 246 19.11 -19.55 -9.24
N PHE A 247 19.14 -18.23 -9.09
CA PHE A 247 18.64 -17.31 -10.11
C PHE A 247 19.73 -16.32 -10.50
N VAL A 248 19.47 -15.58 -11.57
CA VAL A 248 20.38 -14.56 -12.08
C VAL A 248 19.65 -13.23 -12.05
N ARG A 249 20.32 -12.20 -11.54
CA ARG A 249 19.70 -10.90 -11.38
C ARG A 249 19.35 -10.29 -12.73
N GLY A 250 18.31 -9.45 -12.74
CA GLY A 250 17.85 -8.81 -13.96
C GLY A 250 17.44 -7.38 -13.70
N GLU A 251 17.15 -6.68 -14.79
CA GLU A 251 16.77 -5.27 -14.74
C GLU A 251 15.47 -5.08 -15.50
N VAL A 252 14.58 -4.25 -14.94
CA VAL A 252 13.30 -3.95 -15.56
C VAL A 252 12.93 -2.50 -15.26
N ALA A 253 12.11 -1.92 -16.13
CA ALA A 253 11.59 -0.57 -15.91
C ALA A 253 10.13 -0.50 -16.32
N SER A 254 9.34 -1.49 -15.94
CA SER A 254 8.04 -1.69 -16.58
C SER A 254 6.94 -0.94 -15.86
N ALA A 255 5.81 -0.77 -16.57
CA ALA A 255 4.65 -0.10 -16.02
C ALA A 255 3.43 -0.53 -16.83
N ILE A 256 2.26 -0.50 -16.17
CA ILE A 256 0.98 -0.81 -16.80
C ILE A 256 -0.03 0.23 -16.36
N LEU A 257 -1.11 0.35 -17.14
CA LEU A 257 -2.20 1.27 -16.86
C LEU A 257 -3.49 0.48 -16.74
N LEU A 258 -4.19 0.64 -15.62
CA LEU A 258 -5.46 -0.03 -15.37
C LEU A 258 -6.59 0.99 -15.42
N LYS A 259 -7.69 0.63 -16.07
CA LYS A 259 -8.85 1.50 -16.16
C LYS A 259 -10.11 0.65 -16.05
N LYS A 260 -11.20 1.31 -15.67
CA LYS A 260 -12.50 0.63 -15.66
C LYS A 260 -12.86 0.17 -17.06
N ALA A 261 -13.35 -1.07 -17.17
CA ALA A 261 -13.59 -1.65 -18.48
C ALA A 261 -14.56 -0.83 -19.32
N ASP A 262 -15.49 -0.13 -18.67
CA ASP A 262 -16.50 0.62 -19.42
C ASP A 262 -15.93 1.87 -20.08
N THR A 263 -14.83 2.41 -19.54
CA THR A 263 -14.24 3.64 -20.07
C THR A 263 -12.88 3.39 -20.75
N ALA A 264 -12.54 2.15 -21.06
CA ALA A 264 -11.25 1.83 -21.64
C ALA A 264 -11.36 1.80 -23.15
N LYS A 265 -10.40 2.45 -23.82
CA LYS A 265 -10.32 2.42 -25.27
C LYS A 265 -9.49 1.25 -25.80
N ARG A 266 -8.82 0.51 -24.93
CA ARG A 266 -8.11 -0.71 -25.31
C ARG A 266 -8.03 -1.58 -24.08
N VAL A 267 -8.36 -2.87 -24.24
CA VAL A 267 -8.41 -3.80 -23.13
C VAL A 267 -7.58 -5.02 -23.52
N TYR A 268 -6.37 -5.12 -22.97
CA TYR A 268 -5.59 -6.35 -23.13
C TYR A 268 -6.27 -7.51 -22.44
N CYS A 269 -6.84 -7.27 -21.25
CA CYS A 269 -7.45 -8.32 -20.44
C CYS A 269 -8.24 -7.65 -19.33
N THR A 270 -8.78 -8.48 -18.44
CA THR A 270 -9.54 -8.02 -17.28
C THR A 270 -8.94 -8.61 -16.01
N LEU A 271 -8.86 -7.79 -14.97
CA LEU A 271 -8.32 -8.22 -13.68
C LEU A 271 -9.44 -8.85 -12.88
N VAL A 272 -9.49 -10.19 -12.88
CA VAL A 272 -10.51 -10.88 -12.11
C VAL A 272 -10.34 -10.60 -10.63
N GLY A 273 -9.10 -10.64 -10.15
CA GLY A 273 -8.83 -10.36 -8.76
C GLY A 273 -7.42 -10.72 -8.34
N SER A 274 -6.90 -9.99 -7.36
CA SER A 274 -5.57 -10.24 -6.80
C SER A 274 -5.66 -10.23 -5.29
N MET A 275 -4.82 -11.05 -4.66
CA MET A 275 -4.83 -11.19 -3.21
C MET A 275 -3.42 -11.41 -2.71
N LEU A 276 -3.19 -11.11 -1.43
CA LEU A 276 -1.88 -11.23 -0.80
C LEU A 276 -2.01 -11.95 0.52
N ASN A 277 -0.92 -12.58 0.95
CA ASN A 277 -0.90 -13.24 2.25
C ASN A 277 0.53 -13.40 2.70
N ASN A 278 0.71 -13.89 3.92
CA ASN A 278 2.02 -14.09 4.51
C ASN A 278 2.15 -15.52 5.00
N ASP A 279 3.40 -15.93 5.24
CA ASP A 279 3.69 -17.30 5.66
C ASP A 279 3.60 -17.49 7.17
N GLY A 280 4.14 -16.56 7.94
CA GLY A 280 4.14 -16.69 9.39
C GLY A 280 5.43 -17.26 9.92
N ASN A 281 5.34 -17.85 11.11
CA ASN A 281 6.50 -18.39 11.82
C ASN A 281 6.74 -19.82 11.33
N GLN A 282 7.52 -19.94 10.27
CA GLN A 282 7.90 -21.25 9.76
C GLN A 282 9.22 -21.68 10.39
N THR A 283 9.35 -22.99 10.58
CA THR A 283 10.52 -23.55 11.25
C THR A 283 11.73 -23.68 10.34
N ASN A 284 11.58 -23.44 9.03
CA ASN A 284 12.66 -23.59 8.08
C ASN A 284 13.39 -22.28 7.80
N GLY A 285 13.08 -21.23 8.54
CA GLY A 285 13.74 -19.96 8.37
C GLY A 285 12.84 -18.93 7.69
N ILE A 286 13.19 -17.66 7.88
CA ILE A 286 12.38 -16.59 7.31
C ILE A 286 12.48 -16.59 5.79
N LEU A 287 13.65 -16.89 5.25
CA LEU A 287 13.85 -16.95 3.81
C LEU A 287 13.58 -18.35 3.27
N TYR A 288 12.40 -18.89 3.59
CA TYR A 288 12.01 -20.20 3.12
C TYR A 288 10.57 -20.10 2.65
N PRO A 289 10.26 -20.56 1.43
CA PRO A 289 8.87 -20.52 0.96
C PRO A 289 7.98 -21.44 1.77
N ASN A 290 6.74 -21.01 1.96
CA ASN A 290 5.74 -21.78 2.69
C ASN A 290 4.72 -22.30 1.69
N SER A 291 4.77 -23.60 1.39
CA SER A 291 3.83 -24.17 0.45
C SER A 291 2.40 -24.04 0.94
N GLU A 292 2.18 -24.25 2.24
CA GLU A 292 0.83 -24.14 2.78
C GLU A 292 0.28 -22.73 2.62
N ALA A 293 1.11 -21.72 2.86
CA ALA A 293 0.65 -20.34 2.73
C ALA A 293 0.25 -20.03 1.29
N GLN A 294 1.07 -20.44 0.33
CA GLN A 294 0.75 -20.18 -1.07
C GLN A 294 -0.50 -20.95 -1.48
N GLU A 295 -0.64 -22.20 -1.05
CA GLU A 295 -1.82 -22.98 -1.37
C GLU A 295 -3.09 -22.35 -0.78
N GLN A 296 -3.00 -21.87 0.47
CA GLN A 296 -4.14 -21.20 1.08
C GLN A 296 -4.48 -19.91 0.34
N LEU A 297 -3.47 -19.14 -0.06
CA LEU A 297 -3.73 -17.93 -0.82
C LEU A 297 -4.43 -18.24 -2.12
N MET A 298 -3.96 -19.28 -2.83
CA MET A 298 -4.62 -19.68 -4.07
C MET A 298 -6.05 -20.11 -3.83
N THR A 299 -6.28 -20.93 -2.81
CA THR A 299 -7.62 -21.40 -2.52
C THR A 299 -8.54 -20.23 -2.20
N ASP A 300 -8.06 -19.29 -1.38
CA ASP A 300 -8.86 -18.13 -1.01
C ASP A 300 -9.19 -17.27 -2.22
N ILE A 301 -8.22 -17.01 -3.10
CA ILE A 301 -8.47 -16.13 -4.23
C ILE A 301 -9.42 -16.80 -5.22
N TYR A 302 -9.29 -18.11 -5.43
CA TYR A 302 -10.18 -18.81 -6.36
C TYR A 302 -11.55 -19.07 -5.76
N SER A 303 -11.70 -19.02 -4.43
CA SER A 303 -13.01 -19.23 -3.82
C SER A 303 -13.76 -17.92 -3.61
N THR A 304 -13.06 -16.84 -3.31
CA THR A 304 -13.73 -15.56 -3.10
C THR A 304 -14.42 -15.09 -4.37
N HIS A 305 -13.78 -15.25 -5.52
CA HIS A 305 -14.34 -14.85 -6.80
C HIS A 305 -15.12 -15.96 -7.47
N LYS A 306 -15.26 -17.11 -6.82
CA LYS A 306 -16.02 -18.24 -7.38
C LYS A 306 -15.44 -18.69 -8.72
N ILE A 307 -14.15 -18.49 -8.92
CA ILE A 307 -13.51 -18.88 -10.18
C ILE A 307 -13.22 -20.37 -10.14
N ASP A 308 -13.67 -21.09 -11.15
CA ASP A 308 -13.37 -22.51 -11.26
C ASP A 308 -11.89 -22.68 -11.57
N ALA A 309 -11.12 -23.17 -10.60
CA ALA A 309 -9.69 -23.31 -10.78
C ALA A 309 -9.33 -24.21 -11.95
N ASN A 310 -10.23 -25.11 -12.34
CA ASN A 310 -9.95 -25.97 -13.49
C ASN A 310 -10.00 -25.21 -14.81
N GLU A 311 -10.46 -23.96 -14.82
CA GLU A 311 -10.57 -23.18 -16.03
C GLU A 311 -9.26 -22.49 -16.42
N VAL A 312 -8.26 -22.51 -15.54
CA VAL A 312 -6.99 -21.85 -15.84
C VAL A 312 -6.30 -22.56 -17.00
N LYS A 313 -5.92 -21.80 -18.02
CA LYS A 313 -5.26 -22.37 -19.18
C LYS A 313 -3.74 -22.33 -19.04
N TYR A 314 -3.20 -21.17 -18.65
CA TYR A 314 -1.76 -21.00 -18.46
C TYR A 314 -1.50 -20.49 -17.06
N PHE A 315 -0.35 -20.86 -16.50
CA PHE A 315 0.03 -20.50 -15.15
C PHE A 315 1.43 -19.91 -15.16
N GLU A 316 1.52 -18.58 -14.99
CA GLU A 316 2.80 -17.88 -14.93
C GLU A 316 3.36 -18.07 -13.53
N CYS A 317 4.19 -19.10 -13.36
CA CYS A 317 4.73 -19.40 -12.05
C CYS A 317 5.90 -18.49 -11.72
N HIS A 318 6.19 -18.39 -10.42
CA HIS A 318 7.36 -17.66 -9.94
C HIS A 318 8.57 -18.60 -9.91
N GLY A 319 9.05 -18.90 -11.11
CA GLY A 319 10.11 -19.89 -11.28
C GLY A 319 11.49 -19.34 -11.02
N THR A 320 11.83 -19.13 -9.75
CA THR A 320 13.15 -18.62 -9.41
C THR A 320 14.24 -19.59 -9.82
N GLY A 321 13.93 -20.89 -9.87
CA GLY A 321 14.90 -21.90 -10.25
C GLY A 321 15.65 -22.52 -9.10
N THR A 322 15.34 -22.17 -7.86
CA THR A 322 16.01 -22.75 -6.71
C THR A 322 15.46 -24.14 -6.41
N GLN A 323 16.23 -24.90 -5.62
CA GLN A 323 15.82 -26.24 -5.24
C GLN A 323 14.77 -26.25 -4.14
N ALA A 324 14.56 -25.13 -3.45
CA ALA A 324 13.57 -25.04 -2.39
C ALA A 324 12.34 -24.23 -2.77
N GLY A 325 12.38 -23.49 -3.88
CA GLY A 325 11.26 -22.68 -4.28
C GLY A 325 10.36 -23.36 -5.29
N ASP A 326 10.95 -23.92 -6.34
CA ASP A 326 10.14 -24.55 -7.38
C ASP A 326 9.33 -25.72 -6.85
N PRO A 327 9.89 -26.65 -6.08
CA PRO A 327 9.05 -27.76 -5.59
C PRO A 327 7.85 -27.33 -4.78
N ASN A 328 8.02 -26.35 -3.89
CA ASN A 328 6.91 -25.91 -3.05
C ASN A 328 5.85 -25.19 -3.87
N GLU A 329 6.28 -24.32 -4.78
CA GLU A 329 5.31 -23.63 -5.63
C GLU A 329 4.54 -24.62 -6.49
N THR A 330 5.23 -25.60 -7.07
CA THR A 330 4.55 -26.58 -7.89
C THR A 330 3.59 -27.43 -7.05
N ARG A 331 3.98 -27.79 -5.83
CA ARG A 331 3.08 -28.55 -4.97
C ARG A 331 1.84 -27.74 -4.65
N ALA A 332 2.00 -26.46 -4.33
CA ALA A 332 0.85 -25.62 -4.03
C ALA A 332 -0.06 -25.49 -5.25
N ILE A 333 0.53 -25.30 -6.43
CA ILE A 333 -0.26 -25.19 -7.65
C ILE A 333 -1.02 -26.48 -7.90
N CYS A 334 -0.36 -27.62 -7.74
CA CYS A 334 -1.03 -28.89 -7.95
C CYS A 334 -2.18 -29.08 -6.97
N ASN A 335 -1.99 -28.68 -5.72
CA ASN A 335 -3.02 -28.90 -4.71
C ASN A 335 -4.19 -27.93 -4.87
N ALA A 336 -3.95 -26.73 -5.39
CA ALA A 336 -4.97 -25.70 -5.44
C ALA A 336 -5.68 -25.59 -6.78
N VAL A 337 -4.95 -25.72 -7.88
CA VAL A 337 -5.51 -25.44 -9.20
C VAL A 337 -5.61 -26.68 -10.07
N CYS A 338 -4.82 -27.73 -9.81
CA CYS A 338 -4.87 -28.94 -10.61
C CYS A 338 -5.83 -29.98 -10.06
N LYS A 339 -6.56 -29.66 -8.98
CA LYS A 339 -7.52 -30.60 -8.41
C LYS A 339 -8.78 -30.57 -9.26
N GLY A 340 -9.00 -31.66 -10.01
CA GLY A 340 -10.14 -31.77 -10.90
C GLY A 340 -9.82 -31.54 -12.37
N LYS A 341 -8.66 -30.97 -12.67
CA LYS A 341 -8.28 -30.78 -14.07
C LYS A 341 -8.13 -32.13 -14.76
N LYS A 342 -8.73 -32.26 -15.94
CA LYS A 342 -8.64 -33.49 -16.72
C LYS A 342 -7.54 -33.45 -17.77
N ASP A 343 -6.80 -32.35 -17.88
CA ASP A 343 -5.70 -32.21 -18.82
C ASP A 343 -4.53 -31.56 -18.12
N PRO A 344 -3.31 -31.75 -18.61
CA PRO A 344 -2.16 -31.11 -17.98
C PRO A 344 -2.29 -29.59 -17.98
N LEU A 345 -1.83 -28.96 -16.91
CA LEU A 345 -1.89 -27.51 -16.75
C LEU A 345 -0.56 -26.93 -17.17
N LEU A 346 -0.59 -26.03 -18.16
CA LEU A 346 0.62 -25.49 -18.74
C LEU A 346 1.21 -24.42 -17.82
N ILE A 347 2.35 -24.73 -17.20
CA ILE A 347 3.03 -23.80 -16.32
C ILE A 347 4.20 -23.18 -17.07
N GLY A 348 4.65 -22.03 -16.58
CA GLY A 348 5.79 -21.37 -17.19
C GLY A 348 6.23 -20.20 -16.34
N SER A 349 7.37 -19.63 -16.73
CA SER A 349 7.91 -18.46 -16.05
C SER A 349 8.74 -17.65 -17.03
N ILE A 350 8.93 -16.37 -16.71
CA ILE A 350 9.75 -15.48 -17.53
C ILE A 350 11.14 -15.29 -16.93
N LYS A 351 11.45 -15.99 -15.84
CA LYS A 351 12.77 -15.88 -15.23
C LYS A 351 13.83 -16.70 -15.95
N SER A 352 13.43 -17.73 -16.68
CA SER A 352 14.40 -18.48 -17.48
C SER A 352 14.77 -17.75 -18.77
N ASN A 353 14.00 -16.73 -19.15
CA ASN A 353 14.27 -15.96 -20.36
C ASN A 353 15.12 -14.72 -20.07
N LEU A 354 14.79 -13.98 -19.01
CA LEU A 354 15.49 -12.74 -18.68
C LEU A 354 15.97 -12.69 -17.24
N GLY A 355 15.97 -13.81 -16.54
CA GLY A 355 16.47 -13.83 -15.18
C GLY A 355 15.48 -13.28 -14.17
N HIS A 356 15.99 -13.05 -12.97
CA HIS A 356 15.18 -12.61 -11.85
C HIS A 356 15.27 -11.10 -11.71
N GLY A 357 14.13 -10.42 -11.82
CA GLY A 357 14.09 -8.98 -11.76
C GLY A 357 14.06 -8.40 -10.37
N GLU A 358 14.10 -9.24 -9.34
CA GLU A 358 14.09 -8.80 -7.95
C GLU A 358 12.79 -8.04 -7.68
N THR A 359 12.85 -6.74 -7.42
CA THR A 359 11.61 -5.99 -7.13
C THR A 359 10.74 -5.77 -8.36
N ALA A 360 11.06 -6.33 -9.52
CA ALA A 360 10.27 -6.19 -10.73
C ALA A 360 9.94 -7.54 -11.34
N SER A 361 9.81 -8.58 -10.51
CA SER A 361 9.43 -9.89 -11.02
C SER A 361 7.94 -9.95 -11.33
N GLY A 362 7.11 -9.35 -10.48
CA GLY A 362 5.69 -9.35 -10.74
C GLY A 362 5.32 -8.60 -12.00
N ILE A 363 5.97 -7.46 -12.23
CA ILE A 363 5.73 -6.71 -13.45
C ILE A 363 6.20 -7.50 -14.67
N ASN A 364 7.30 -8.25 -14.54
CA ASN A 364 7.74 -9.11 -15.63
C ASN A 364 6.71 -10.19 -15.93
N GLY A 365 6.16 -10.82 -14.89
CA GLY A 365 5.13 -11.81 -15.11
C GLY A 365 3.89 -11.21 -15.75
N ILE A 366 3.51 -10.00 -15.31
CA ILE A 366 2.37 -9.32 -15.90
C ILE A 366 2.62 -9.04 -17.38
N SER A 367 3.83 -8.60 -17.71
CA SER A 367 4.16 -8.33 -19.10
C SER A 367 4.10 -9.60 -19.94
N LYS A 368 4.61 -10.71 -19.42
CA LYS A 368 4.53 -11.97 -20.17
C LYS A 368 3.09 -12.41 -20.33
N VAL A 369 2.27 -12.26 -19.29
CA VAL A 369 0.86 -12.65 -19.40
C VAL A 369 0.16 -11.81 -20.45
N ILE A 370 0.43 -10.50 -20.46
CA ILE A 370 -0.19 -9.62 -21.46
C ILE A 370 0.29 -9.97 -22.86
N ILE A 371 1.57 -10.29 -23.01
CA ILE A 371 2.09 -10.68 -24.32
C ILE A 371 1.41 -11.95 -24.79
N THR A 372 1.25 -12.92 -23.87
CA THR A 372 0.59 -14.17 -24.21
C THR A 372 -0.86 -13.95 -24.61
N MET A 373 -1.56 -13.09 -23.89
CA MET A 373 -2.98 -12.86 -24.17
C MET A 373 -3.21 -11.84 -25.27
N HIS A 374 -2.16 -11.19 -25.76
CA HIS A 374 -2.26 -10.30 -26.92
C HIS A 374 -1.89 -11.04 -28.19
N SER A 375 -0.72 -11.68 -28.22
CA SER A 375 -0.34 -12.53 -29.34
C SER A 375 -1.11 -13.85 -29.34
N ARG A 376 -1.79 -14.18 -28.25
CA ARG A 376 -2.57 -15.41 -28.13
C ARG A 376 -1.70 -16.66 -28.24
N GLN A 377 -0.41 -16.53 -27.95
CA GLN A 377 0.51 -17.66 -27.96
C GLN A 377 1.36 -17.62 -26.69
N ILE A 378 1.58 -18.79 -26.09
CA ILE A 378 2.36 -18.89 -24.86
C ILE A 378 3.85 -18.89 -25.20
N PRO A 379 4.63 -17.94 -24.69
CA PRO A 379 6.04 -17.91 -25.02
C PRO A 379 6.74 -19.18 -24.55
N PRO A 380 7.73 -19.65 -25.29
CA PRO A 380 8.47 -20.85 -24.85
C PRO A 380 9.23 -20.61 -23.56
N ASN A 381 9.44 -21.69 -22.81
CA ASN A 381 10.25 -21.68 -21.60
C ASN A 381 11.62 -22.27 -21.91
N LEU A 382 12.67 -21.59 -21.47
CA LEU A 382 14.04 -21.97 -21.79
C LEU A 382 14.68 -22.75 -20.65
N HIS A 383 15.63 -23.61 -21.02
CA HIS A 383 16.50 -24.33 -20.10
C HIS A 383 15.80 -25.46 -19.35
N PHE A 384 14.60 -25.85 -19.77
CA PHE A 384 13.89 -26.97 -19.15
C PHE A 384 14.26 -28.24 -19.91
N LYS A 385 15.36 -28.88 -19.48
CA LYS A 385 15.84 -30.08 -20.15
C LYS A 385 15.31 -31.34 -19.46
N ASN A 386 15.60 -31.51 -18.18
CA ASN A 386 15.19 -32.67 -17.41
C ASN A 386 14.24 -32.24 -16.30
N PRO A 387 13.06 -32.84 -16.18
CA PRO A 387 12.14 -32.43 -15.12
C PRO A 387 12.73 -32.68 -13.74
N ASN A 388 12.41 -31.78 -12.82
CA ASN A 388 12.92 -31.90 -11.45
C ASN A 388 12.35 -33.16 -10.81
N PRO A 389 13.18 -34.06 -10.29
CA PRO A 389 12.63 -35.27 -9.64
C PRO A 389 11.79 -34.97 -8.41
N LYS A 390 11.96 -33.81 -7.79
CA LYS A 390 11.18 -33.44 -6.62
C LYS A 390 9.83 -32.82 -6.98
N ILE A 391 9.53 -32.67 -8.26
CA ILE A 391 8.24 -32.13 -8.70
C ILE A 391 7.42 -33.27 -9.28
N PRO A 392 6.68 -34.02 -8.47
CA PRO A 392 5.93 -35.17 -9.00
C PRO A 392 4.88 -34.78 -10.03
N GLY A 393 4.43 -33.52 -10.04
CA GLY A 393 3.40 -33.11 -10.98
C GLY A 393 3.83 -33.22 -12.43
N LEU A 394 5.14 -33.20 -12.69
CA LEU A 394 5.64 -33.28 -14.06
C LEU A 394 5.66 -34.70 -14.59
N PHE A 395 5.54 -35.70 -13.72
CA PHE A 395 5.52 -37.10 -14.14
C PHE A 395 4.13 -37.72 -14.10
N ASP A 396 3.21 -37.15 -13.30
CA ASP A 396 1.85 -37.64 -13.21
C ASP A 396 0.93 -37.05 -14.27
N GLY A 397 1.43 -36.12 -15.09
CA GLY A 397 0.63 -35.50 -16.11
C GLY A 397 -0.18 -34.30 -15.65
N ARG A 398 -0.10 -33.93 -14.37
CA ARG A 398 -0.82 -32.77 -13.89
C ARG A 398 -0.18 -31.47 -14.37
N LEU A 399 1.15 -31.43 -14.40
CA LEU A 399 1.89 -30.24 -14.81
C LEU A 399 2.62 -30.51 -16.12
N LYS A 400 2.81 -29.46 -16.89
CA LYS A 400 3.49 -29.56 -18.19
C LYS A 400 4.11 -28.21 -18.51
N VAL A 401 5.43 -28.12 -18.40
CA VAL A 401 6.12 -26.87 -18.72
C VAL A 401 6.00 -26.61 -20.21
N VAL A 402 5.66 -25.37 -20.56
CA VAL A 402 5.51 -24.99 -21.96
C VAL A 402 6.89 -24.70 -22.54
N THR A 403 7.51 -25.72 -23.14
CA THR A 403 8.84 -25.58 -23.71
C THR A 403 8.82 -25.03 -25.13
N GLU A 404 7.65 -24.92 -25.75
CA GLU A 404 7.55 -24.38 -27.10
C GLU A 404 6.25 -23.59 -27.22
N THR A 405 6.19 -22.74 -28.24
CA THR A 405 5.02 -21.90 -28.46
C THR A 405 3.75 -22.74 -28.48
N THR A 406 2.82 -22.43 -27.57
CA THR A 406 1.57 -23.15 -27.45
C THR A 406 0.41 -22.21 -27.76
N PRO A 407 -0.56 -22.63 -28.57
CA PRO A 407 -1.67 -21.71 -28.94
C PRO A 407 -2.72 -21.52 -27.85
N PHE A 408 -2.45 -20.59 -26.94
CA PHE A 408 -3.42 -20.20 -25.93
C PHE A 408 -4.62 -19.56 -26.60
N ASP A 409 -5.79 -20.21 -26.54
CA ASP A 409 -6.96 -19.71 -27.23
C ASP A 409 -7.69 -18.66 -26.39
N GLY A 410 -7.95 -18.96 -25.13
CA GLY A 410 -8.63 -18.03 -24.26
C GLY A 410 -8.98 -18.62 -22.91
N GLY A 411 -9.27 -17.77 -21.93
CA GLY A 411 -9.60 -18.23 -20.60
C GLY A 411 -8.95 -17.40 -19.52
N LEU A 412 -8.53 -18.05 -18.44
CA LEU A 412 -7.93 -17.38 -17.29
C LEU A 412 -6.44 -17.71 -17.21
N ILE A 413 -5.65 -16.72 -16.79
CA ILE A 413 -4.22 -16.89 -16.59
C ILE A 413 -3.90 -16.41 -15.18
N ALA A 414 -3.18 -17.23 -14.42
CA ALA A 414 -2.84 -16.93 -13.04
C ALA A 414 -1.35 -16.60 -12.92
N ILE A 415 -1.04 -15.63 -12.07
CA ILE A 415 0.34 -15.21 -11.84
C ILE A 415 0.60 -15.22 -10.34
N ASN A 416 1.75 -15.76 -9.95
CA ASN A 416 2.21 -15.75 -8.57
C ASN A 416 3.41 -14.84 -8.42
N SER A 417 3.63 -14.39 -7.19
CA SER A 417 4.80 -13.58 -6.87
C SER A 417 5.09 -13.80 -5.40
N PHE A 418 6.07 -14.64 -5.11
CA PHE A 418 6.45 -14.99 -3.74
C PHE A 418 7.67 -14.17 -3.36
N GLY A 419 7.45 -13.07 -2.64
CA GLY A 419 8.57 -12.25 -2.22
C GLY A 419 9.33 -12.89 -1.08
N MET A 420 10.63 -12.57 -1.02
CA MET A 420 11.46 -13.08 0.07
C MET A 420 10.96 -12.54 1.40
N GLY A 421 10.90 -13.42 2.39
CA GLY A 421 10.32 -13.09 3.67
C GLY A 421 8.96 -13.71 3.92
N GLY A 422 8.33 -14.27 2.90
CA GLY A 422 7.07 -14.97 3.06
C GLY A 422 5.85 -14.23 2.62
N THR A 423 5.99 -13.06 2.00
CA THR A 423 4.84 -12.26 1.58
C THR A 423 4.47 -12.65 0.15
N ASN A 424 3.53 -13.58 0.03
CA ASN A 424 3.08 -14.09 -1.26
C ASN A 424 1.97 -13.23 -1.85
N ALA A 425 1.77 -13.40 -3.15
CA ALA A 425 0.79 -12.65 -3.91
C ALA A 425 0.31 -13.50 -5.08
N HIS A 426 -0.99 -13.43 -5.36
CA HIS A 426 -1.60 -14.13 -6.48
C HIS A 426 -2.51 -13.17 -7.23
N ALA A 427 -2.63 -13.39 -8.53
CA ALA A 427 -3.55 -12.59 -9.33
C ALA A 427 -4.07 -13.43 -10.49
N ILE A 428 -5.28 -13.10 -10.95
CA ILE A 428 -5.93 -13.81 -12.04
C ILE A 428 -6.36 -12.79 -13.08
N PHE A 429 -6.11 -13.10 -14.36
CA PHE A 429 -6.49 -12.24 -15.47
C PHE A 429 -7.35 -13.03 -16.44
N ARG A 430 -8.45 -12.42 -16.88
CA ARG A 430 -9.35 -13.03 -17.85
C ARG A 430 -9.12 -12.40 -19.21
N SER A 431 -8.85 -13.24 -20.21
CA SER A 431 -8.52 -12.75 -21.54
C SER A 431 -9.70 -12.02 -22.15
N PHE A 432 -9.39 -11.03 -22.99
CA PHE A 432 -10.39 -10.22 -23.68
C PHE A 432 -10.54 -10.74 -25.10
N ASP A 433 -11.71 -11.27 -25.41
CA ASP A 433 -11.98 -11.92 -26.69
C ASP A 433 -12.90 -11.02 -27.52
N LYS A 434 -12.31 -10.12 -28.29
CA LYS A 434 -13.04 -9.22 -29.16
C LYS A 434 -12.36 -9.17 -30.53
N ARG A 435 -12.09 -10.35 -31.11
CA ARG A 435 -11.37 -10.44 -32.36
C ARG A 435 -11.89 -9.43 -33.38
N ALA A 436 -10.97 -8.89 -34.17
CA ALA A 436 -11.29 -7.76 -35.04
C ALA A 436 -12.26 -8.18 -36.14
N GLU A 437 -13.12 -7.24 -36.52
CA GLU A 437 -13.99 -7.37 -37.67
C GLU A 437 -13.65 -6.28 -38.69
N PRO A 438 -13.78 -6.57 -39.99
CA PRO A 438 -13.37 -5.58 -40.99
C PRO A 438 -14.14 -4.28 -40.85
N HIS A 439 -13.44 -3.17 -41.09
CA HIS A 439 -14.00 -1.83 -41.14
C HIS A 439 -14.24 -1.42 -42.57
N PRO A 440 -15.20 -0.54 -42.85
CA PRO A 440 -15.35 -0.06 -44.24
C PRO A 440 -14.08 0.56 -44.79
N ALA A 441 -13.30 1.19 -43.94
CA ALA A 441 -11.98 1.71 -44.31
C ALA A 441 -10.98 0.55 -44.30
N SER A 442 -9.69 0.88 -44.32
CA SER A 442 -8.56 -0.05 -44.38
C SER A 442 -8.31 -0.51 -45.80
N ASP A 443 -9.10 -0.08 -46.78
CA ASP A 443 -8.81 -0.32 -48.18
C ASP A 443 -8.84 0.96 -48.99
N LYS A 444 -9.15 2.10 -48.38
CA LYS A 444 -9.19 3.40 -49.02
C LYS A 444 -8.11 4.29 -48.42
N PRO A 445 -7.69 5.33 -49.14
CA PRO A 445 -6.67 6.22 -48.58
C PRO A 445 -7.14 6.84 -47.27
N ARG A 446 -6.21 6.96 -46.33
CA ARG A 446 -6.50 7.58 -45.03
C ARG A 446 -5.34 8.48 -44.66
N LEU A 447 -5.63 9.52 -43.87
CA LEU A 447 -4.62 10.48 -43.44
C LEU A 447 -4.25 10.19 -42.00
N PHE A 448 -3.07 9.61 -41.80
CA PHE A 448 -2.55 9.31 -40.47
C PHE A 448 -1.71 10.49 -40.02
N THR A 449 -2.16 11.18 -38.98
CA THR A 449 -1.47 12.33 -38.41
C THR A 449 -0.98 11.97 -37.01
N TYR A 450 0.24 12.39 -36.68
CA TYR A 450 0.80 12.08 -35.38
C TYR A 450 1.86 13.12 -35.02
N CYS A 451 2.42 12.98 -33.83
CA CYS A 451 3.45 13.88 -33.35
C CYS A 451 4.44 13.10 -32.50
N ALA A 452 5.65 13.63 -32.39
CA ALA A 452 6.72 12.97 -31.67
C ALA A 452 7.78 14.00 -31.31
N ARG A 453 8.84 13.54 -30.65
CA ARG A 453 9.90 14.41 -30.18
C ARG A 453 11.05 14.56 -31.18
N THR A 454 11.24 13.58 -32.07
CA THR A 454 12.33 13.60 -33.01
C THR A 454 11.82 13.21 -34.40
N GLU A 455 12.53 13.71 -35.43
CA GLU A 455 12.14 13.40 -36.80
C GLU A 455 12.28 11.90 -37.07
N GLU A 456 13.36 11.29 -36.59
CA GLU A 456 13.53 9.85 -36.81
C GLU A 456 12.43 9.06 -36.12
N GLY A 457 12.03 9.48 -34.93
CA GLY A 457 10.94 8.80 -34.24
C GLY A 457 9.65 8.87 -35.03
N LEU A 458 9.33 10.04 -35.58
CA LEU A 458 8.11 10.17 -36.37
C LEU A 458 8.20 9.38 -37.66
N GLN A 459 9.40 9.30 -38.26
CA GLN A 459 9.56 8.47 -39.45
C GLN A 459 9.31 7.01 -39.12
N LYS A 460 9.83 6.53 -37.98
CA LYS A 460 9.56 5.15 -37.57
C LYS A 460 8.09 4.95 -37.29
N ILE A 461 7.43 5.93 -36.69
CA ILE A 461 5.99 5.83 -36.42
C ILE A 461 5.23 5.69 -37.73
N PHE A 462 5.59 6.49 -38.74
CA PHE A 462 4.92 6.39 -40.04
C PHE A 462 5.21 5.06 -40.71
N GLU A 463 6.43 4.54 -40.57
CA GLU A 463 6.72 3.22 -41.12
C GLU A 463 5.85 2.15 -40.47
N GLU A 464 5.69 2.21 -39.14
CA GLU A 464 4.82 1.25 -38.46
C GLU A 464 3.37 1.42 -38.90
N ALA A 465 2.91 2.66 -39.06
CA ALA A 465 1.55 2.89 -39.51
C ALA A 465 1.33 2.30 -40.91
N HIS A 466 2.30 2.47 -41.80
CA HIS A 466 2.22 1.84 -43.11
C HIS A 466 2.18 0.33 -42.98
N LYS A 467 2.95 -0.22 -42.06
CA LYS A 467 2.92 -1.66 -41.82
C LYS A 467 1.51 -2.12 -41.45
N HIS A 468 0.76 -1.29 -40.73
CA HIS A 468 -0.60 -1.59 -40.30
C HIS A 468 -1.61 -0.73 -41.04
N ALA A 469 -1.39 -0.51 -42.33
CA ALA A 469 -2.31 0.30 -43.12
C ALA A 469 -3.69 -0.31 -43.21
N SER A 470 -3.82 -1.62 -42.97
CA SER A 470 -5.09 -2.31 -43.07
C SER A 470 -5.85 -2.36 -41.75
N ASN A 471 -5.34 -1.70 -40.71
CA ASN A 471 -5.98 -1.69 -39.40
C ASN A 471 -6.51 -0.30 -39.10
N VAL A 472 -7.80 -0.21 -38.79
CA VAL A 472 -8.39 1.08 -38.44
C VAL A 472 -8.41 1.29 -36.94
N GLU A 473 -8.48 0.22 -36.15
CA GLU A 473 -8.42 0.36 -34.71
C GLU A 473 -7.07 0.90 -34.27
N PHE A 474 -6.00 0.44 -34.91
CA PHE A 474 -4.68 1.00 -34.63
C PHE A 474 -4.63 2.48 -34.96
N HIS A 475 -5.23 2.88 -36.08
CA HIS A 475 -5.28 4.28 -36.44
C HIS A 475 -6.03 5.08 -35.39
N ALA A 476 -7.14 4.54 -34.89
CA ALA A 476 -7.90 5.23 -33.85
C ALA A 476 -7.09 5.37 -32.56
N LEU A 477 -6.38 4.31 -32.17
CA LEU A 477 -5.56 4.39 -30.98
C LEU A 477 -4.46 5.43 -31.14
N CYS A 478 -3.83 5.49 -32.31
CA CYS A 478 -2.83 6.51 -32.56
C CYS A 478 -3.45 7.91 -32.53
N GLN A 479 -4.64 8.06 -33.11
CA GLN A 479 -5.26 9.37 -33.17
C GLN A 479 -5.69 9.87 -31.80
N GLU A 480 -6.03 8.97 -30.89
CA GLU A 480 -6.45 9.40 -29.56
C GLU A 480 -5.37 10.23 -28.88
N SER A 481 -4.11 10.05 -29.26
CA SER A 481 -2.99 10.80 -28.70
C SER A 481 -2.21 11.55 -29.77
N ALA A 482 -2.82 11.81 -30.92
CA ALA A 482 -2.17 12.51 -32.02
C ALA A 482 -2.42 14.02 -32.00
N ASN A 483 -3.19 14.51 -31.03
CA ASN A 483 -3.54 15.92 -30.95
C ASN A 483 -2.85 16.63 -29.78
N THR A 484 -1.78 16.05 -29.25
CA THR A 484 -1.06 16.67 -28.17
C THR A 484 -0.46 18.00 -28.61
N LYS A 485 -0.36 18.94 -27.68
CA LYS A 485 0.09 20.28 -28.01
C LYS A 485 1.54 20.23 -28.51
N PRO A 486 1.94 21.19 -29.34
CA PRO A 486 3.32 21.18 -29.86
C PRO A 486 4.38 21.28 -28.78
N LYS A 487 4.03 21.80 -27.60
CA LYS A 487 5.02 21.93 -26.54
C LYS A 487 5.57 20.56 -26.14
N SER A 488 4.68 19.59 -25.95
CA SER A 488 5.12 18.27 -25.53
C SER A 488 5.80 17.52 -26.66
N LEU A 489 5.22 17.56 -27.86
CA LEU A 489 5.73 16.82 -29.02
C LEU A 489 5.89 17.79 -30.18
N PRO A 490 7.03 18.47 -30.28
CA PRO A 490 7.16 19.52 -31.29
C PRO A 490 7.16 19.04 -32.73
N TYR A 491 7.50 17.78 -33.00
CA TYR A 491 7.61 17.28 -34.37
C TYR A 491 6.26 16.74 -34.81
N ARG A 492 5.53 17.51 -35.63
CA ARG A 492 4.22 17.12 -36.12
C ARG A 492 4.34 16.60 -37.53
N GLY A 493 3.65 15.50 -37.83
CA GLY A 493 3.77 14.89 -39.13
C GLY A 493 2.49 14.21 -39.57
N ALA A 494 2.44 13.92 -40.87
CA ALA A 494 1.27 13.33 -41.49
C ALA A 494 1.69 12.52 -42.71
N THR A 495 1.04 11.38 -42.91
CA THR A 495 1.29 10.53 -44.06
C THR A 495 -0.02 9.88 -44.49
N ILE A 496 -0.11 9.53 -45.77
CA ILE A 496 -1.32 8.93 -46.32
C ILE A 496 -1.10 7.43 -46.44
N LEU A 497 -1.90 6.66 -45.70
CA LEU A 497 -1.90 5.21 -45.80
C LEU A 497 -2.85 4.78 -46.92
N ASN A 498 -2.46 3.71 -47.61
CA ASN A 498 -3.22 3.20 -48.74
C ASN A 498 -3.34 4.25 -49.84
N ALA A 499 -2.20 4.86 -50.18
CA ALA A 499 -2.15 5.93 -51.17
C ALA A 499 -1.50 5.44 -52.44
N GLU A 500 -2.00 5.92 -53.58
CA GLU A 500 -1.39 5.59 -54.86
C GLU A 500 0.00 6.20 -54.96
N GLY A 501 0.16 7.43 -54.48
CA GLY A 501 1.45 8.09 -54.44
C GLY A 501 1.89 8.34 -53.02
N GLU A 502 3.16 8.02 -52.73
CA GLU A 502 3.67 8.17 -51.38
C GLU A 502 3.67 9.64 -50.96
N TYR A 503 3.20 9.90 -49.74
CA TYR A 503 3.22 11.23 -49.15
C TYR A 503 3.67 11.13 -47.71
N THR A 504 4.47 12.10 -47.26
CA THR A 504 4.94 12.12 -45.89
C THR A 504 5.51 13.50 -45.58
N GLU A 505 5.04 14.12 -44.51
CA GLU A 505 5.49 15.44 -44.09
C GLU A 505 5.79 15.42 -42.60
N ILE A 506 6.90 16.05 -42.22
CA ILE A 506 7.32 16.17 -40.82
C ILE A 506 7.92 17.55 -40.63
N GLN A 507 7.38 18.32 -39.69
CA GLN A 507 7.86 19.67 -39.43
C GLN A 507 7.89 19.93 -37.93
N LYS A 508 8.83 20.77 -37.50
CA LYS A 508 8.91 21.19 -36.11
C LYS A 508 8.03 22.42 -35.92
N CYS A 509 7.00 22.30 -35.09
CA CYS A 509 6.04 23.38 -34.87
C CYS A 509 6.34 24.06 -33.53
N PRO A 510 6.51 25.38 -33.51
CA PRO A 510 6.79 26.05 -32.23
C PRO A 510 5.67 25.83 -31.22
N SER A 511 5.97 26.20 -29.97
CA SER A 511 4.98 26.03 -28.91
C SER A 511 3.74 26.87 -29.16
N LYS A 512 3.92 28.11 -29.62
CA LYS A 512 2.78 28.98 -29.89
C LYS A 512 1.89 28.36 -30.95
N ALA A 513 0.57 28.51 -30.76
CA ALA A 513 -0.42 27.94 -31.66
C ALA A 513 -0.87 29.01 -32.65
N ARG A 514 -0.83 28.67 -33.93
CA ARG A 514 -1.25 29.59 -34.98
C ARG A 514 -2.76 29.50 -35.20
N GLU A 515 -3.31 30.54 -35.80
CA GLU A 515 -4.75 30.65 -36.01
C GLU A 515 -5.15 30.06 -37.35
N VAL A 516 -6.30 29.38 -37.38
CA VAL A 516 -6.82 28.75 -38.58
C VAL A 516 -7.82 29.69 -39.22
N TRP A 517 -7.63 29.98 -40.50
CA TRP A 517 -8.51 30.86 -41.26
C TRP A 517 -9.00 30.12 -42.50
N PHE A 518 -10.31 30.11 -42.69
CA PHE A 518 -10.92 29.53 -43.88
C PHE A 518 -11.11 30.61 -44.92
N VAL A 519 -10.41 30.49 -46.05
CA VAL A 519 -10.51 31.43 -47.15
C VAL A 519 -11.33 30.76 -48.26
N TYR A 520 -12.45 31.39 -48.62
CA TYR A 520 -13.35 30.85 -49.63
C TYR A 520 -13.19 31.63 -50.92
N SER A 521 -13.00 30.90 -52.02
CA SER A 521 -12.81 31.49 -53.34
C SER A 521 -14.15 31.74 -54.01
N GLY A 522 -14.15 32.67 -54.97
CA GLY A 522 -15.35 33.02 -55.69
C GLY A 522 -15.49 32.30 -57.02
N MET A 523 -15.71 33.08 -58.08
CA MET A 523 -15.91 32.53 -59.42
C MET A 523 -14.57 32.23 -60.08
N GLY A 524 -14.61 31.37 -61.08
CA GLY A 524 -13.43 31.01 -61.85
C GLY A 524 -12.81 29.68 -61.45
N SER A 525 -13.18 29.12 -60.31
CA SER A 525 -12.69 27.82 -59.90
C SER A 525 -13.39 26.66 -60.61
N GLN A 526 -14.23 26.96 -61.60
CA GLN A 526 -14.93 25.92 -62.32
C GLN A 526 -13.99 25.14 -63.24
N TRP A 527 -14.28 23.86 -63.41
CA TRP A 527 -13.56 23.03 -64.36
C TRP A 527 -14.30 21.70 -64.44
N VAL A 528 -13.94 20.90 -65.45
CA VAL A 528 -14.61 19.63 -65.69
C VAL A 528 -14.05 18.60 -64.72
N GLY A 529 -14.94 17.93 -63.99
CA GLY A 529 -14.55 16.97 -62.98
C GLY A 529 -14.35 17.56 -61.59
N MET A 530 -14.75 18.81 -61.37
CA MET A 530 -14.60 19.43 -60.06
C MET A 530 -15.31 18.61 -59.00
N GLY A 531 -14.55 18.14 -58.01
CA GLY A 531 -15.10 17.35 -56.93
C GLY A 531 -15.40 15.91 -57.29
N ARG A 532 -15.07 15.47 -58.51
CA ARG A 532 -15.41 14.12 -58.92
C ARG A 532 -14.65 13.08 -58.09
N SER A 533 -13.36 13.32 -57.86
CA SER A 533 -12.59 12.36 -57.08
C SER A 533 -13.03 12.34 -55.62
N LEU A 534 -13.29 13.52 -55.04
CA LEU A 534 -13.70 13.60 -53.64
C LEU A 534 -14.98 12.84 -53.37
N MET A 535 -15.67 12.34 -54.39
CA MET A 535 -16.82 11.48 -54.16
C MET A 535 -16.45 10.20 -53.45
N ALA A 536 -15.17 9.84 -53.43
CA ALA A 536 -14.75 8.65 -52.70
C ALA A 536 -15.12 8.78 -51.22
N LEU A 537 -14.92 9.96 -50.65
CA LEU A 537 -15.30 10.19 -49.26
C LEU A 537 -16.81 10.12 -49.11
N ASP A 538 -17.27 9.42 -48.07
CA ASP A 538 -18.71 9.29 -47.84
C ASP A 538 -19.35 10.63 -47.53
N VAL A 539 -18.69 11.45 -46.69
CA VAL A 539 -19.30 12.70 -46.25
C VAL A 539 -19.46 13.67 -47.42
N PHE A 540 -18.47 13.74 -48.30
CA PHE A 540 -18.58 14.63 -49.46
C PHE A 540 -19.75 14.24 -50.35
N ARG A 541 -19.86 12.95 -50.64
CA ARG A 541 -20.97 12.49 -51.48
C ARG A 541 -22.31 12.75 -50.79
N GLN A 542 -22.37 12.51 -49.48
CA GLN A 542 -23.62 12.75 -48.76
C GLN A 542 -24.00 14.23 -48.83
N SER A 543 -23.04 15.13 -48.64
CA SER A 543 -23.33 16.55 -48.71
C SER A 543 -23.80 16.95 -50.11
N ILE A 544 -23.15 16.42 -51.14
CA ILE A 544 -23.57 16.76 -52.50
C ILE A 544 -24.97 16.24 -52.78
N GLU A 545 -25.28 15.04 -52.28
CA GLU A 545 -26.62 14.49 -52.46
C GLU A 545 -27.67 15.32 -51.73
N GLU A 546 -27.37 15.74 -50.50
CA GLU A 546 -28.32 16.54 -49.73
C GLU A 546 -28.45 17.95 -50.27
N THR A 547 -27.50 18.41 -51.08
CA THR A 547 -27.68 19.68 -51.79
C THR A 547 -28.45 19.49 -53.09
N ALA A 548 -28.18 18.40 -53.80
CA ALA A 548 -28.91 18.12 -55.03
C ALA A 548 -30.38 17.89 -54.76
N ALA A 549 -30.71 17.23 -53.66
CA ALA A 549 -32.11 17.04 -53.30
C ALA A 549 -32.79 18.38 -53.06
N ILE A 550 -32.08 19.31 -52.44
CA ILE A 550 -32.62 20.64 -52.20
C ILE A 550 -32.86 21.36 -53.52
N LEU A 551 -31.88 21.30 -54.43
CA LEU A 551 -31.94 22.10 -55.64
C LEU A 551 -32.74 21.45 -56.76
N SER A 552 -33.13 20.18 -56.61
CA SER A 552 -33.89 19.52 -57.67
C SER A 552 -35.23 20.18 -57.96
N PRO A 553 -36.06 20.52 -56.96
CA PRO A 553 -37.37 21.12 -57.28
C PRO A 553 -37.29 22.41 -58.08
N PHE A 554 -36.12 23.04 -58.15
CA PHE A 554 -35.96 24.30 -58.88
C PHE A 554 -35.42 24.07 -60.29
N GLY A 555 -35.40 22.84 -60.77
CA GLY A 555 -34.97 22.56 -62.13
C GLY A 555 -33.48 22.41 -62.32
N VAL A 556 -32.73 22.11 -61.27
CA VAL A 556 -31.29 21.93 -61.35
C VAL A 556 -30.96 20.53 -60.84
N ASP A 557 -30.29 19.74 -61.67
CA ASP A 557 -29.85 18.40 -61.31
C ASP A 557 -28.36 18.49 -61.01
N LEU A 558 -28.04 18.85 -59.76
CA LEU A 558 -26.65 19.09 -59.39
C LEU A 558 -25.77 17.90 -59.69
N MET A 559 -26.27 16.68 -59.43
CA MET A 559 -25.46 15.50 -59.64
C MET A 559 -25.03 15.38 -61.11
N SER A 560 -25.96 15.64 -62.03
CA SER A 560 -25.63 15.52 -63.44
C SER A 560 -24.59 16.55 -63.86
N LEU A 561 -24.76 17.80 -63.43
CA LEU A 561 -23.80 18.84 -63.79
C LEU A 561 -22.43 18.55 -63.19
N LEU A 562 -22.39 17.93 -62.03
CA LEU A 562 -21.12 17.68 -61.36
C LEU A 562 -20.40 16.46 -61.91
N MET A 563 -21.13 15.41 -62.29
CA MET A 563 -20.49 14.17 -62.73
C MET A 563 -20.31 14.11 -64.23
N ASP A 564 -21.40 14.25 -64.99
CA ASP A 564 -21.35 14.19 -66.45
C ASP A 564 -21.42 15.56 -67.09
N GLY A 565 -21.27 16.63 -66.31
CA GLY A 565 -21.26 17.96 -66.90
C GLY A 565 -20.07 18.15 -67.83
N THR A 566 -20.27 18.98 -68.84
CA THR A 566 -19.26 19.25 -69.85
C THR A 566 -18.93 20.74 -69.85
N GLU A 567 -17.86 21.07 -70.59
CA GLU A 567 -17.39 22.46 -70.66
C GLU A 567 -18.49 23.38 -71.16
N ASP A 568 -19.25 22.95 -72.16
CA ASP A 568 -20.35 23.77 -72.65
C ASP A 568 -21.39 24.02 -71.57
N LYS A 569 -21.67 22.99 -70.75
CA LYS A 569 -22.62 23.18 -69.65
C LYS A 569 -22.08 24.18 -68.64
N LEU A 570 -20.79 24.08 -68.30
CA LEU A 570 -20.20 25.02 -67.36
C LEU A 570 -20.00 26.41 -67.95
N LYS A 571 -20.15 26.57 -69.27
CA LYS A 571 -20.08 27.91 -69.84
C LYS A 571 -21.29 28.75 -69.45
N GLU A 572 -22.41 28.10 -69.15
CA GLU A 572 -23.61 28.82 -68.74
C GLU A 572 -23.38 29.48 -67.38
N ILE A 573 -24.38 30.23 -66.93
CA ILE A 573 -24.25 30.99 -65.68
C ILE A 573 -24.61 30.12 -64.48
N MET A 574 -25.71 29.37 -64.57
CA MET A 574 -26.19 28.64 -63.40
C MET A 574 -25.21 27.56 -62.96
N PRO A 575 -24.84 26.60 -63.81
CA PRO A 575 -24.11 25.42 -63.33
C PRO A 575 -22.83 25.78 -62.61
N PRO A 576 -22.08 26.79 -63.09
CA PRO A 576 -20.87 27.18 -62.34
C PRO A 576 -21.16 27.62 -60.92
N PHE A 577 -22.08 28.56 -60.74
CA PHE A 577 -22.42 29.00 -59.39
C PHE A 577 -22.85 27.82 -58.53
N ILE A 578 -23.74 26.99 -59.07
CA ILE A 578 -24.28 25.88 -58.29
C ILE A 578 -23.16 24.95 -57.87
N CYS A 579 -22.29 24.58 -58.82
CA CYS A 579 -21.26 23.59 -58.53
C CYS A 579 -20.21 24.15 -57.57
N ILE A 580 -19.81 25.41 -57.74
CA ILE A 580 -18.82 25.99 -56.83
C ILE A 580 -19.39 26.05 -55.43
N ASN A 581 -20.64 26.48 -55.27
CA ASN A 581 -21.22 26.51 -53.94
C ASN A 581 -21.32 25.11 -53.35
N ALA A 582 -21.71 24.14 -54.17
CA ALA A 582 -21.82 22.77 -53.66
C ALA A 582 -20.46 22.25 -53.19
N ILE A 583 -19.41 22.51 -53.96
CA ILE A 583 -18.08 22.06 -53.58
C ILE A 583 -17.64 22.73 -52.29
N GLN A 584 -17.86 24.04 -52.18
CA GLN A 584 -17.45 24.74 -50.96
C GLN A 584 -18.21 24.21 -49.74
N LEU A 585 -19.52 24.01 -49.87
CA LEU A 585 -20.30 23.50 -48.75
C LEU A 585 -19.88 22.08 -48.37
N ALA A 586 -19.60 21.23 -49.37
CA ALA A 586 -19.17 19.88 -49.08
C ALA A 586 -17.80 19.86 -48.40
N LEU A 587 -16.88 20.72 -48.85
CA LEU A 587 -15.58 20.81 -48.19
C LEU A 587 -15.72 21.34 -46.78
N THR A 588 -16.63 22.29 -46.56
CA THR A 588 -16.90 22.76 -45.20
C THR A 588 -17.42 21.62 -44.32
N ASP A 589 -18.33 20.81 -44.85
CA ASP A 589 -18.83 19.67 -44.09
C ASP A 589 -17.70 18.68 -43.79
N LEU A 590 -16.82 18.44 -44.77
CA LEU A 590 -15.68 17.56 -44.53
C LEU A 590 -14.82 18.09 -43.40
N LEU A 591 -14.50 19.38 -43.43
CA LEU A 591 -13.66 19.96 -42.39
C LEU A 591 -14.34 19.90 -41.03
N ASN A 592 -15.64 20.19 -40.98
CA ASN A 592 -16.36 20.15 -39.71
C ASN A 592 -16.37 18.73 -39.15
N SER A 593 -16.60 17.73 -40.01
CA SER A 593 -16.56 16.35 -39.54
C SER A 593 -15.16 15.98 -39.05
N MET A 594 -14.13 16.43 -39.75
CA MET A 594 -12.76 16.14 -39.34
C MET A 594 -12.36 16.87 -38.07
N GLY A 595 -13.16 17.84 -37.62
CA GLY A 595 -12.91 18.48 -36.34
C GLY A 595 -11.99 19.67 -36.39
N ILE A 596 -12.10 20.49 -37.43
CA ILE A 596 -11.30 21.70 -37.59
C ILE A 596 -12.21 22.88 -37.36
N VAL A 597 -11.94 23.64 -36.29
CA VAL A 597 -12.69 24.85 -35.98
C VAL A 597 -11.91 26.04 -36.53
N PRO A 598 -12.52 26.88 -37.39
CA PRO A 598 -11.78 28.00 -37.98
C PRO A 598 -11.77 29.20 -37.04
N ASP A 599 -10.56 29.65 -36.69
CA ASP A 599 -10.44 30.85 -35.89
C ASP A 599 -10.88 32.09 -36.65
N GLY A 600 -10.95 32.02 -37.97
CA GLY A 600 -11.44 33.13 -38.77
C GLY A 600 -11.98 32.63 -40.09
N LEU A 601 -12.83 33.44 -40.70
CA LEU A 601 -13.43 33.10 -41.99
C LEU A 601 -13.46 34.33 -42.88
N VAL A 602 -12.89 34.21 -44.07
CA VAL A 602 -12.95 35.26 -45.08
C VAL A 602 -13.29 34.62 -46.42
N GLY A 603 -13.95 35.38 -47.28
CA GLY A 603 -14.35 34.87 -48.58
C GLY A 603 -14.33 35.96 -49.63
N HIS A 604 -14.32 35.54 -50.89
CA HIS A 604 -14.38 36.44 -52.03
C HIS A 604 -15.76 36.31 -52.65
N SER A 605 -16.37 37.45 -53.00
CA SER A 605 -17.76 37.48 -53.43
C SER A 605 -18.14 36.20 -54.17
N LEU A 606 -19.27 35.60 -53.77
CA LEU A 606 -19.72 34.26 -54.09
C LEU A 606 -19.17 33.21 -53.13
N GLY A 607 -18.14 33.58 -52.37
CA GLY A 607 -17.67 32.75 -51.28
C GLY A 607 -18.08 33.34 -49.98
N GLU A 608 -18.92 34.36 -49.98
CA GLU A 608 -19.46 34.93 -48.76
C GLU A 608 -20.68 34.16 -48.29
N VAL A 609 -21.36 33.45 -49.20
CA VAL A 609 -22.40 32.51 -48.78
C VAL A 609 -21.77 31.30 -48.10
N GLY A 610 -20.67 30.79 -48.66
CA GLY A 610 -19.97 29.70 -48.00
C GLY A 610 -19.44 30.12 -46.65
N CYS A 611 -18.94 31.35 -46.54
CA CYS A 611 -18.50 31.86 -45.25
C CYS A 611 -19.66 31.93 -44.27
N ALA A 612 -20.83 32.38 -44.73
CA ALA A 612 -21.99 32.40 -43.86
C ALA A 612 -22.35 31.01 -43.39
N TYR A 613 -22.33 30.03 -44.29
CA TYR A 613 -22.67 28.66 -43.92
C TYR A 613 -21.69 28.12 -42.89
N ALA A 614 -20.39 28.30 -43.13
CA ALA A 614 -19.38 27.78 -42.23
C ALA A 614 -19.38 28.52 -40.89
N ASP A 615 -19.88 29.75 -40.86
CA ASP A 615 -19.92 30.54 -39.64
C ASP A 615 -21.16 30.29 -38.80
N GLY A 616 -22.10 29.49 -39.28
CA GLY A 616 -23.33 29.25 -38.57
C GLY A 616 -24.40 30.30 -38.78
N CYS A 617 -24.12 31.35 -39.55
CA CYS A 617 -25.10 32.39 -39.81
C CYS A 617 -26.11 31.98 -40.87
N LEU A 618 -25.82 30.95 -41.65
CA LEU A 618 -26.71 30.46 -42.71
C LEU A 618 -26.80 28.95 -42.62
N THR A 619 -27.66 28.37 -43.45
CA THR A 619 -27.86 26.93 -43.53
C THR A 619 -27.60 26.45 -44.95
N ARG A 620 -27.52 25.14 -45.10
CA ARG A 620 -27.28 24.55 -46.41
C ARG A 620 -28.33 25.01 -47.41
N ARG A 621 -29.61 24.89 -47.05
CA ARG A 621 -30.68 25.35 -47.91
C ARG A 621 -30.50 26.83 -48.23
N GLU A 622 -30.26 27.65 -47.21
CA GLU A 622 -30.17 29.09 -47.40
C GLU A 622 -29.02 29.45 -48.33
N ALA A 623 -27.85 28.85 -48.11
CA ALA A 623 -26.69 29.19 -48.93
C ALA A 623 -26.87 28.73 -50.37
N ILE A 624 -27.30 27.49 -50.57
CA ILE A 624 -27.45 26.99 -51.93
C ILE A 624 -28.51 27.79 -52.66
N LEU A 625 -29.61 28.13 -51.99
CA LEU A 625 -30.65 28.91 -52.64
C LEU A 625 -30.20 30.36 -52.87
N SER A 626 -29.33 30.88 -52.01
CA SER A 626 -28.79 32.22 -52.25
C SER A 626 -27.96 32.24 -53.53
N ALA A 627 -27.10 31.24 -53.71
CA ALA A 627 -26.33 31.17 -54.95
C ALA A 627 -27.25 30.97 -56.15
N PHE A 628 -28.24 30.11 -56.01
CA PHE A 628 -29.18 29.88 -57.10
C PHE A 628 -29.90 31.18 -57.47
N TRP A 629 -30.33 31.95 -56.47
CA TRP A 629 -31.03 33.20 -56.72
C TRP A 629 -30.10 34.22 -57.35
N ARG A 630 -28.85 34.28 -56.91
CA ARG A 630 -27.88 35.17 -57.53
C ARG A 630 -27.75 34.87 -59.01
N ALA A 631 -27.52 33.60 -59.34
CA ALA A 631 -27.35 33.23 -60.75
C ALA A 631 -28.62 33.47 -61.54
N LYS A 632 -29.78 33.17 -60.97
CA LYS A 632 -31.05 33.39 -61.66
C LYS A 632 -31.27 34.86 -61.95
N ALA A 633 -30.99 35.72 -60.97
CA ALA A 633 -31.15 37.16 -61.17
C ALA A 633 -30.19 37.67 -62.23
N VAL A 634 -28.95 37.16 -62.24
CA VAL A 634 -28.00 37.60 -63.24
C VAL A 634 -28.45 37.18 -64.63
N ILE A 635 -28.91 35.95 -64.79
CA ILE A 635 -29.22 35.43 -66.12
C ILE A 635 -30.54 36.01 -66.64
N ASP A 636 -31.59 35.96 -65.84
CA ASP A 636 -32.92 36.29 -66.35
C ASP A 636 -32.99 37.75 -66.82
N CYS A 637 -32.43 38.67 -66.05
CA CYS A 637 -32.41 40.07 -66.45
C CYS A 637 -31.51 40.24 -67.67
N GLU A 638 -31.93 41.10 -68.60
CA GLU A 638 -31.17 41.35 -69.82
C GLU A 638 -30.04 42.36 -69.54
N VAL A 639 -29.15 41.99 -68.62
CA VAL A 639 -28.00 42.84 -68.32
C VAL A 639 -27.15 42.98 -69.58
N LYS A 640 -26.77 44.21 -69.88
CA LYS A 640 -25.97 44.44 -71.08
C LYS A 640 -24.65 43.69 -70.98
N PRO A 641 -24.13 43.15 -72.08
CA PRO A 641 -22.89 42.38 -71.99
C PRO A 641 -21.76 43.20 -71.39
N GLY A 642 -20.98 42.56 -70.52
CA GLY A 642 -19.87 43.22 -69.86
C GLY A 642 -18.69 42.28 -69.70
N LYS A 643 -17.59 42.84 -69.19
CA LYS A 643 -16.36 42.09 -69.04
C LYS A 643 -15.61 42.57 -67.81
N MET A 644 -14.74 41.69 -67.29
CA MET A 644 -13.89 41.98 -66.15
C MET A 644 -12.47 41.49 -66.43
N ALA A 645 -11.54 41.97 -65.61
CA ALA A 645 -10.15 41.50 -65.70
C ALA A 645 -9.36 42.02 -64.52
N ALA A 646 -8.41 41.21 -64.06
CA ALA A 646 -7.52 41.59 -62.97
C ALA A 646 -6.31 42.31 -63.56
N VAL A 647 -6.22 43.61 -63.34
CA VAL A 647 -5.08 44.40 -63.77
C VAL A 647 -4.13 44.55 -62.59
N GLU A 648 -2.88 44.88 -62.90
CA GLU A 648 -1.83 45.00 -61.89
C GLU A 648 -1.79 46.39 -61.26
N LEU A 649 -2.68 47.29 -61.65
CA LEU A 649 -2.70 48.62 -61.07
C LEU A 649 -3.07 48.55 -59.59
N THR A 650 -2.57 49.51 -58.82
CA THR A 650 -2.89 49.60 -57.41
C THR A 650 -4.32 50.12 -57.24
N TRP A 651 -4.85 49.98 -56.02
CA TRP A 651 -6.22 50.38 -55.75
C TRP A 651 -6.44 51.87 -56.05
N GLU A 652 -5.58 52.73 -55.50
CA GLU A 652 -5.74 54.16 -55.73
C GLU A 652 -5.52 54.50 -57.20
N GLU A 653 -4.55 53.85 -57.84
CA GLU A 653 -4.30 54.11 -59.25
C GLU A 653 -5.51 53.72 -60.10
N ALA A 654 -6.11 52.56 -59.81
CA ALA A 654 -7.30 52.13 -60.54
C ALA A 654 -8.46 53.09 -60.29
N LYS A 655 -8.63 53.53 -59.04
CA LYS A 655 -9.72 54.46 -58.73
C LYS A 655 -9.55 55.77 -59.46
N ARG A 656 -8.31 56.26 -59.57
CA ARG A 656 -8.07 57.53 -60.24
C ARG A 656 -8.19 57.41 -61.75
N LEU A 657 -7.72 56.30 -62.32
CA LEU A 657 -7.58 56.18 -63.76
C LEU A 657 -8.80 55.61 -64.47
N CYS A 658 -9.82 55.16 -63.74
CA CYS A 658 -10.97 54.54 -64.38
C CYS A 658 -11.94 55.59 -64.88
N PRO A 659 -12.24 55.65 -66.18
CA PRO A 659 -13.27 56.60 -66.66
C PRO A 659 -14.66 56.10 -66.33
N PRO A 660 -15.68 56.93 -66.54
CA PRO A 660 -17.05 56.47 -66.29
C PRO A 660 -17.40 55.26 -67.14
N GLY A 661 -18.20 54.36 -66.58
CA GLY A 661 -18.66 53.16 -67.25
C GLY A 661 -17.85 51.92 -66.92
N VAL A 662 -16.63 52.09 -66.41
CA VAL A 662 -15.79 50.98 -65.97
C VAL A 662 -15.28 51.30 -64.57
N VAL A 663 -15.45 50.37 -63.64
CA VAL A 663 -15.10 50.58 -62.25
C VAL A 663 -14.23 49.42 -61.78
N ALA A 664 -13.82 49.49 -60.51
CA ALA A 664 -13.02 48.44 -59.89
C ALA A 664 -13.94 47.55 -59.06
N ALA A 665 -13.95 46.26 -59.38
CA ALA A 665 -14.87 45.34 -58.72
C ALA A 665 -14.31 44.85 -57.38
N CYS A 666 -13.17 44.18 -57.42
CA CYS A 666 -12.59 43.55 -56.24
C CYS A 666 -11.14 44.00 -56.06
N HIS A 667 -10.76 44.27 -54.81
CA HIS A 667 -9.39 44.62 -54.46
C HIS A 667 -8.67 43.34 -54.06
N ASN A 668 -8.09 42.66 -55.05
CA ASN A 668 -7.52 41.34 -54.80
C ASN A 668 -6.36 41.40 -53.82
N SER A 669 -5.30 42.14 -54.18
CA SER A 669 -4.10 42.20 -53.36
C SER A 669 -3.50 43.61 -53.46
N GLN A 670 -2.26 43.75 -53.01
CA GLN A 670 -1.61 45.06 -53.00
C GLN A 670 -1.46 45.63 -54.40
N ASP A 671 -1.31 44.76 -55.42
CA ASP A 671 -1.05 45.25 -56.77
C ASP A 671 -1.91 44.51 -57.80
N SER A 672 -3.11 44.09 -57.41
CA SER A 672 -4.03 43.42 -58.32
C SER A 672 -5.44 43.88 -58.00
N VAL A 673 -6.10 44.49 -58.98
CA VAL A 673 -7.46 45.01 -58.82
C VAL A 673 -8.28 44.59 -60.03
N THR A 674 -9.52 44.18 -59.79
CA THR A 674 -10.40 43.73 -60.86
C THR A 674 -11.20 44.92 -61.40
N ILE A 675 -11.02 45.21 -62.69
CA ILE A 675 -11.80 46.23 -63.38
C ILE A 675 -12.92 45.51 -64.13
N SER A 676 -14.14 46.01 -63.98
CA SER A 676 -15.31 45.48 -64.63
C SER A 676 -16.11 46.61 -65.27
N GLY A 677 -16.74 46.32 -66.40
CA GLY A 677 -17.51 47.34 -67.08
C GLY A 677 -18.13 46.81 -68.35
N GLY A 678 -18.64 47.74 -69.15
CA GLY A 678 -19.27 47.39 -70.41
C GLY A 678 -18.26 46.92 -71.44
N ALA A 679 -18.76 46.18 -72.43
CA ALA A 679 -17.88 45.51 -73.38
C ALA A 679 -17.01 46.52 -74.14
N GLN A 680 -17.62 47.56 -74.70
CA GLN A 680 -16.87 48.51 -75.51
C GLN A 680 -15.91 49.32 -74.65
N GLU A 681 -16.40 49.88 -73.55
CA GLU A 681 -15.52 50.65 -72.66
C GLU A 681 -14.45 49.77 -72.06
N MET A 682 -14.81 48.53 -71.73
CA MET A 682 -13.81 47.60 -71.20
C MET A 682 -12.73 47.32 -72.24
N THR A 683 -13.11 47.12 -73.49
CA THR A 683 -12.11 46.87 -74.53
C THR A 683 -11.22 48.09 -74.74
N LYS A 684 -11.80 49.29 -74.69
CA LYS A 684 -11.00 50.50 -74.80
C LYS A 684 -10.01 50.59 -73.65
N PHE A 685 -10.46 50.25 -72.43
CA PHE A 685 -9.55 50.23 -71.30
C PHE A 685 -8.44 49.20 -71.50
N MET A 686 -8.77 48.04 -72.05
CA MET A 686 -7.75 47.03 -72.30
C MET A 686 -6.70 47.55 -73.27
N ALA A 687 -7.14 48.18 -74.36
CA ALA A 687 -6.19 48.74 -75.32
C ALA A 687 -5.32 49.79 -74.66
N GLU A 688 -5.92 50.70 -73.89
CA GLU A 688 -5.16 51.78 -73.27
C GLU A 688 -4.13 51.22 -72.29
N LEU A 689 -4.54 50.28 -71.46
CA LEU A 689 -3.61 49.73 -70.47
C LEU A 689 -2.50 48.93 -71.14
N SER A 690 -2.84 48.13 -72.15
CA SER A 690 -1.82 47.37 -72.85
C SER A 690 -0.86 48.28 -73.62
N ALA A 691 -1.31 49.48 -74.00
CA ALA A 691 -0.42 50.41 -74.66
C ALA A 691 0.75 50.78 -73.77
N GLN A 692 0.48 51.04 -72.49
CA GLN A 692 1.53 51.31 -71.52
C GLN A 692 2.01 50.00 -70.92
N GLY A 693 2.93 50.09 -69.95
CA GLY A 693 3.45 48.91 -69.31
C GLY A 693 2.61 48.48 -68.12
N VAL A 694 1.70 47.54 -68.35
CA VAL A 694 0.82 47.04 -67.29
C VAL A 694 0.38 45.64 -67.68
N THR A 695 0.27 44.76 -66.68
CA THR A 695 -0.16 43.39 -66.89
C THR A 695 -1.66 43.30 -66.60
N VAL A 696 -2.44 42.97 -67.63
CA VAL A 696 -3.88 42.85 -67.53
C VAL A 696 -4.27 41.43 -67.90
N LYS A 697 -5.02 40.78 -67.02
CA LYS A 697 -5.45 39.40 -67.22
C LYS A 697 -6.98 39.34 -67.14
N GLU A 698 -7.60 38.78 -68.17
CA GLU A 698 -9.05 38.70 -68.25
C GLU A 698 -9.55 37.46 -67.51
N VAL A 699 -10.64 37.64 -66.77
CA VAL A 699 -11.23 36.60 -65.94
C VAL A 699 -12.56 36.18 -66.57
N ASN A 700 -12.81 34.88 -66.58
CA ASN A 700 -14.02 34.32 -67.18
C ASN A 700 -15.19 34.60 -66.24
N SER A 701 -15.94 35.67 -66.54
CA SER A 701 -17.12 36.05 -65.77
C SER A 701 -18.41 35.82 -66.53
N ASN A 702 -18.37 34.99 -67.58
CA ASN A 702 -19.54 34.74 -68.41
C ASN A 702 -20.08 36.03 -69.01
N ASN A 703 -19.18 36.94 -69.37
CA ASN A 703 -19.55 38.21 -69.99
C ASN A 703 -20.48 39.02 -69.10
N ILE A 704 -20.20 39.04 -67.80
CA ILE A 704 -20.97 39.80 -66.82
C ILE A 704 -20.00 40.65 -66.01
N SER A 705 -20.35 41.93 -65.81
CA SER A 705 -19.52 42.86 -65.04
C SER A 705 -20.10 42.95 -63.63
N TYR A 706 -19.59 42.10 -62.74
CA TYR A 706 -20.10 42.05 -61.38
C TYR A 706 -19.58 43.25 -60.58
N HIS A 707 -20.31 43.57 -59.50
CA HIS A 707 -19.92 44.63 -58.57
C HIS A 707 -19.73 45.96 -59.29
N SER A 708 -20.75 46.35 -60.07
CA SER A 708 -20.75 47.63 -60.77
C SER A 708 -22.17 48.19 -60.74
N SER A 709 -22.34 49.35 -61.35
CA SER A 709 -23.67 49.97 -61.42
C SER A 709 -24.65 49.08 -62.17
N PHE A 710 -24.16 48.30 -63.13
CA PHE A 710 -25.04 47.41 -63.89
C PHE A 710 -25.78 46.44 -62.99
N MET A 711 -25.26 46.18 -61.79
CA MET A 711 -25.85 45.24 -60.85
C MET A 711 -26.92 45.89 -59.98
N THR A 712 -27.29 47.14 -60.24
CA THR A 712 -28.33 47.79 -59.45
C THR A 712 -29.64 47.03 -59.56
N GLU A 713 -30.10 46.78 -60.78
CA GLU A 713 -31.37 46.08 -60.96
C GLU A 713 -31.31 44.66 -60.43
N PRO A 714 -30.31 43.83 -60.76
CA PRO A 714 -30.27 42.48 -60.18
C PRO A 714 -30.30 42.47 -58.67
N ALA A 715 -29.47 43.29 -58.02
CA ALA A 715 -29.36 43.25 -56.57
C ALA A 715 -30.73 43.41 -55.92
N ALA A 716 -31.45 44.46 -56.31
CA ALA A 716 -32.81 44.66 -55.77
C ALA A 716 -33.64 43.40 -55.97
N TYR A 717 -33.64 42.85 -57.19
CA TYR A 717 -34.35 41.61 -57.43
C TYR A 717 -33.92 40.55 -56.41
N LEU A 718 -32.61 40.35 -56.28
CA LEU A 718 -32.12 39.38 -55.31
C LEU A 718 -32.74 39.64 -53.94
N LYS A 719 -32.76 40.90 -53.52
CA LYS A 719 -33.36 41.23 -52.24
C LYS A 719 -34.80 40.71 -52.19
N LYS A 720 -35.61 41.11 -53.18
CA LYS A 720 -36.98 40.63 -53.23
C LYS A 720 -37.02 39.12 -53.33
N GLY A 721 -36.03 38.52 -53.98
CA GLY A 721 -35.97 37.07 -54.05
C GLY A 721 -35.71 36.42 -52.72
N LEU A 722 -34.85 37.04 -51.90
CA LEU A 722 -34.36 36.40 -50.69
C LEU A 722 -34.99 36.92 -49.41
N GLU A 723 -35.88 37.92 -49.50
CA GLU A 723 -36.52 38.42 -48.28
C GLU A 723 -37.38 37.35 -47.62
N LYS A 724 -37.98 36.47 -48.41
CA LYS A 724 -38.90 35.46 -47.90
C LYS A 724 -38.21 34.13 -47.59
N GLU A 725 -36.90 34.04 -47.78
CA GLU A 725 -36.18 32.78 -47.60
C GLU A 725 -35.08 32.86 -46.55
N ILE A 726 -34.30 33.93 -46.52
CA ILE A 726 -33.14 34.03 -45.64
C ILE A 726 -33.59 34.62 -44.31
N VAL A 727 -33.60 33.79 -43.27
CA VAL A 727 -33.92 34.27 -41.93
C VAL A 727 -32.74 35.07 -41.39
N PRO A 728 -32.95 36.20 -40.71
CA PRO A 728 -31.80 36.96 -40.20
C PRO A 728 -31.22 36.31 -38.96
N LYS A 729 -29.89 36.14 -38.97
CA LYS A 729 -29.17 35.58 -37.83
C LYS A 729 -27.91 36.42 -37.58
N PRO A 730 -27.40 36.40 -36.36
CA PRO A 730 -26.22 37.22 -36.06
C PRO A 730 -24.98 36.72 -36.77
N ARG A 731 -24.05 37.63 -37.02
CA ARG A 731 -22.78 37.33 -37.66
C ARG A 731 -21.68 37.38 -36.60
N SER A 732 -20.94 36.28 -36.45
CA SER A 732 -19.87 36.24 -35.47
C SER A 732 -18.68 37.05 -35.95
N LYS A 733 -17.85 37.48 -34.99
CA LYS A 733 -16.68 38.29 -35.31
C LYS A 733 -15.61 37.49 -36.04
N LYS A 734 -15.67 36.16 -36.00
CA LYS A 734 -14.70 35.36 -36.75
C LYS A 734 -14.83 35.63 -38.25
N TRP A 735 -16.05 35.72 -38.74
CA TRP A 735 -16.29 35.94 -40.17
C TRP A 735 -16.00 37.39 -40.51
N ILE A 736 -15.02 37.61 -41.39
CA ILE A 736 -14.62 38.95 -41.79
C ILE A 736 -15.37 39.31 -43.05
N SER A 737 -16.17 40.38 -42.98
CA SER A 737 -16.91 40.83 -44.14
C SER A 737 -15.97 41.40 -45.19
N THR A 738 -16.28 41.14 -46.47
CA THR A 738 -15.49 41.65 -47.59
C THR A 738 -16.37 42.41 -48.57
N SER A 739 -17.47 42.95 -48.08
CA SER A 739 -18.39 43.76 -48.88
C SER A 739 -18.72 45.09 -48.23
N ILE A 740 -18.51 45.23 -46.93
CA ILE A 740 -18.82 46.44 -46.18
C ILE A 740 -17.50 47.03 -45.69
N PRO A 741 -17.28 48.34 -45.83
CA PRO A 741 -16.01 48.91 -45.36
C PRO A 741 -15.83 48.71 -43.86
N GLU A 742 -14.55 48.66 -43.45
CA GLU A 742 -14.23 48.44 -42.04
C GLU A 742 -14.97 49.42 -41.15
N GLU A 743 -15.00 50.69 -41.53
CA GLU A 743 -15.61 51.71 -40.67
C GLU A 743 -17.12 51.55 -40.53
N ARG A 744 -17.75 50.77 -41.40
CA ARG A 744 -19.19 50.56 -41.34
C ARG A 744 -19.57 49.20 -40.78
N TRP A 745 -18.62 48.46 -40.20
CA TRP A 745 -18.95 47.16 -39.63
C TRP A 745 -19.92 47.28 -38.46
N GLY A 746 -19.84 48.38 -37.72
CA GLY A 746 -20.70 48.58 -36.57
C GLY A 746 -22.13 48.97 -36.89
N ASN A 747 -22.42 49.28 -38.15
CA ASN A 747 -23.76 49.68 -38.53
C ASN A 747 -24.72 48.49 -38.48
N PRO A 748 -26.02 48.73 -38.32
CA PRO A 748 -26.96 47.60 -38.21
C PRO A 748 -26.95 46.68 -39.42
N GLU A 749 -26.72 47.19 -40.62
CA GLU A 749 -26.74 46.35 -41.81
C GLU A 749 -25.68 45.25 -41.73
N ALA A 750 -24.57 45.51 -41.06
CA ALA A 750 -23.51 44.52 -40.89
C ALA A 750 -23.68 43.72 -39.61
N GLN A 751 -24.87 43.14 -39.44
CA GLN A 751 -25.17 42.35 -38.24
C GLN A 751 -25.75 41.00 -38.62
N THR A 752 -26.48 40.93 -39.72
CA THR A 752 -27.11 39.70 -40.18
C THR A 752 -26.86 39.50 -41.66
N ALA A 753 -26.77 38.23 -42.06
CA ALA A 753 -26.58 37.88 -43.47
C ALA A 753 -27.93 37.61 -44.13
N ASP A 754 -28.80 38.62 -44.07
CA ASP A 754 -30.13 38.53 -44.66
C ASP A 754 -30.04 38.84 -46.14
N ALA A 755 -31.20 38.99 -46.79
CA ALA A 755 -31.21 39.32 -48.21
C ALA A 755 -30.48 40.63 -48.49
N SER A 756 -30.54 41.57 -47.55
CA SER A 756 -29.85 42.84 -47.73
C SER A 756 -28.34 42.64 -47.84
N TYR A 757 -27.78 41.78 -47.00
CA TYR A 757 -26.34 41.53 -47.06
C TYR A 757 -25.95 40.89 -48.39
N GLN A 758 -26.75 39.94 -48.86
CA GLN A 758 -26.44 39.29 -50.14
C GLN A 758 -26.52 40.29 -51.28
N ALA A 759 -27.56 41.15 -51.27
CA ALA A 759 -27.69 42.15 -52.32
C ALA A 759 -26.52 43.14 -52.29
N ASN A 760 -26.12 43.58 -51.10
CA ASN A 760 -25.00 44.50 -50.99
C ASN A 760 -23.71 43.85 -51.50
N ASN A 761 -23.47 42.59 -51.12
CA ASN A 761 -22.28 41.90 -51.60
C ASN A 761 -22.31 41.77 -53.12
N LEU A 762 -23.46 41.42 -53.68
CA LEU A 762 -23.59 41.29 -55.12
C LEU A 762 -23.48 42.62 -55.84
N LEU A 763 -23.73 43.73 -55.14
CA LEU A 763 -23.72 45.06 -55.74
C LEU A 763 -22.42 45.82 -55.46
N SER A 764 -22.09 45.99 -54.18
CA SER A 764 -20.95 46.81 -53.82
C SER A 764 -19.64 46.11 -54.21
N SER A 765 -18.54 46.82 -54.02
CA SER A 765 -17.23 46.29 -54.36
C SER A 765 -16.82 45.21 -53.35
N VAL A 766 -15.70 44.57 -53.63
CA VAL A 766 -15.14 43.52 -52.78
C VAL A 766 -13.84 44.05 -52.21
N LEU A 767 -13.82 44.31 -50.91
CA LEU A 767 -12.63 44.78 -50.22
C LEU A 767 -11.94 43.56 -49.61
N PHE A 768 -11.15 42.87 -50.44
CA PHE A 768 -10.45 41.67 -50.03
C PHE A 768 -9.12 41.97 -49.37
N TYR A 769 -8.43 43.04 -49.81
CA TYR A 769 -7.14 43.36 -49.21
C TYR A 769 -7.28 43.72 -47.74
N GLU A 770 -8.34 44.44 -47.38
CA GLU A 770 -8.55 44.77 -45.96
C GLU A 770 -8.77 43.52 -45.13
N GLY A 771 -9.61 42.60 -45.62
CA GLY A 771 -9.86 41.37 -44.89
C GLY A 771 -8.60 40.53 -44.76
N LEU A 772 -7.77 40.50 -45.81
CA LEU A 772 -6.50 39.79 -45.73
C LEU A 772 -5.51 40.51 -44.83
N GLN A 773 -5.68 41.82 -44.65
CA GLN A 773 -4.88 42.56 -43.69
C GLN A 773 -5.25 42.20 -42.26
N LYS A 774 -6.55 42.07 -41.98
CA LYS A 774 -6.98 41.75 -40.62
C LYS A 774 -6.45 40.40 -40.15
N ILE A 775 -6.02 39.55 -41.07
CA ILE A 775 -5.48 38.24 -40.73
C ILE A 775 -4.15 38.43 -40.00
N PRO A 776 -3.81 37.58 -39.02
CA PRO A 776 -2.50 37.71 -38.36
C PRO A 776 -1.33 37.49 -39.30
N SER A 777 -0.11 37.66 -38.78
CA SER A 777 1.10 37.53 -39.58
C SER A 777 1.58 36.09 -39.74
N ASN A 778 1.00 35.14 -39.00
CA ASN A 778 1.42 33.74 -39.11
C ASN A 778 0.21 32.80 -39.12
N ALA A 779 -0.91 33.26 -39.65
CA ALA A 779 -2.11 32.44 -39.69
C ALA A 779 -2.00 31.35 -40.76
N ILE A 780 -2.63 30.22 -40.49
CA ILE A 780 -2.68 29.10 -41.44
C ILE A 780 -4.01 29.22 -42.18
N ALA A 781 -3.97 29.88 -43.32
CA ALA A 781 -5.19 30.11 -44.11
C ALA A 781 -5.38 28.96 -45.10
N ILE A 782 -6.53 28.30 -45.01
CA ILE A 782 -6.87 27.18 -45.89
C ILE A 782 -7.82 27.70 -46.97
N GLU A 783 -7.47 27.49 -48.23
CA GLU A 783 -8.28 27.94 -49.35
C GLU A 783 -9.27 26.85 -49.70
N ILE A 784 -10.53 27.05 -49.31
CA ILE A 784 -11.59 26.08 -49.57
C ILE A 784 -12.25 26.46 -50.88
N ALA A 785 -12.02 25.66 -51.92
CA ALA A 785 -12.60 25.92 -53.23
C ALA A 785 -12.34 24.73 -54.14
N PRO A 786 -13.03 24.66 -55.29
CA PRO A 786 -12.73 23.56 -56.23
C PRO A 786 -11.29 23.56 -56.71
N ALA A 787 -10.63 24.72 -56.72
CA ALA A 787 -9.23 24.80 -57.12
C ALA A 787 -8.57 25.94 -56.35
N GLY A 788 -7.25 25.87 -56.25
CA GLY A 788 -6.50 26.92 -55.59
C GLY A 788 -6.40 28.17 -56.43
N LEU A 789 -7.53 28.84 -56.63
CA LEU A 789 -7.56 29.98 -57.54
C LEU A 789 -6.72 31.14 -57.02
N LEU A 790 -6.92 31.53 -55.78
CA LEU A 790 -6.30 32.73 -55.21
C LEU A 790 -5.04 32.39 -54.43
N GLN A 791 -4.32 31.34 -54.81
CA GLN A 791 -3.10 30.99 -54.12
C GLN A 791 -2.08 32.12 -54.21
N SER A 792 -1.81 32.61 -55.42
CA SER A 792 -0.84 33.68 -55.59
C SER A 792 -1.32 34.96 -54.92
N VAL A 793 -2.59 35.31 -55.11
CA VAL A 793 -3.13 36.53 -54.54
C VAL A 793 -3.06 36.48 -53.02
N ILE A 794 -3.50 35.36 -52.44
CA ILE A 794 -3.49 35.22 -50.99
C ILE A 794 -2.07 35.27 -50.45
N LYS A 795 -1.14 34.56 -51.11
CA LYS A 795 0.23 34.51 -50.64
C LYS A 795 0.86 35.90 -50.67
N LYS A 796 0.64 36.66 -51.76
CA LYS A 796 1.18 38.00 -51.85
C LYS A 796 0.58 38.91 -50.79
N SER A 797 -0.74 38.81 -50.56
CA SER A 797 -1.39 39.71 -49.64
C SER A 797 -0.98 39.44 -48.20
N LEU A 798 -0.89 38.17 -47.81
CA LEU A 798 -0.65 37.84 -46.41
C LEU A 798 0.76 38.23 -45.97
N GLY A 799 1.76 37.62 -46.58
CA GLY A 799 3.13 37.88 -46.20
C GLY A 799 3.97 36.62 -46.39
N GLN A 800 5.04 36.54 -45.58
CA GLN A 800 6.01 35.46 -45.69
C GLN A 800 5.87 34.42 -44.58
N ASP A 801 5.33 34.79 -43.43
CA ASP A 801 5.24 33.90 -42.29
C ASP A 801 3.92 33.14 -42.22
N CYS A 802 3.04 33.30 -43.20
CA CYS A 802 1.72 32.66 -43.19
C CYS A 802 1.75 31.41 -44.05
N THR A 803 1.38 30.29 -43.47
CA THR A 803 1.26 29.04 -44.22
C THR A 803 0.01 29.07 -45.09
N ILE A 804 0.14 28.59 -46.32
CA ILE A 804 -0.97 28.60 -47.27
C ILE A 804 -1.09 27.22 -47.89
N VAL A 805 -2.31 26.71 -47.96
CA VAL A 805 -2.59 25.37 -48.48
C VAL A 805 -3.87 25.44 -49.29
N ALA A 806 -3.93 24.64 -50.35
CA ALA A 806 -5.11 24.53 -51.19
C ALA A 806 -5.66 23.12 -51.10
N LEU A 807 -6.96 22.99 -50.87
CA LEU A 807 -7.58 21.69 -50.70
C LEU A 807 -7.84 20.97 -52.02
N GLN A 808 -7.70 21.66 -53.16
CA GLN A 808 -7.95 21.04 -54.45
C GLN A 808 -6.98 21.62 -55.47
N LYS A 809 -6.75 20.87 -56.54
CA LYS A 809 -5.89 21.29 -57.63
C LYS A 809 -6.61 21.06 -58.96
N ARG A 810 -6.48 22.03 -59.86
CA ARG A 810 -7.20 21.97 -61.13
C ARG A 810 -6.65 20.85 -62.01
N LYS A 811 -7.56 20.13 -62.66
CA LYS A 811 -7.21 19.04 -63.57
C LYS A 811 -6.26 18.04 -62.94
N SER A 812 -6.31 17.91 -61.62
CA SER A 812 -5.43 16.95 -60.95
C SER A 812 -5.86 15.52 -61.27
N PRO A 813 -4.91 14.61 -61.50
CA PRO A 813 -5.31 13.21 -61.71
C PRO A 813 -6.02 12.61 -60.52
N ASN A 814 -5.74 13.10 -59.32
CA ASN A 814 -6.41 12.61 -58.10
C ASN A 814 -6.50 13.76 -57.11
N ASN A 815 -7.73 14.15 -56.78
CA ASN A 815 -7.94 15.25 -55.85
C ASN A 815 -8.03 14.80 -54.40
N LEU A 816 -8.46 13.55 -54.17
CA LEU A 816 -8.51 13.05 -52.80
C LEU A 816 -7.12 13.07 -52.16
N GLU A 817 -6.11 12.63 -52.90
CA GLU A 817 -4.75 12.67 -52.39
C GLU A 817 -4.30 14.12 -52.18
N VAL A 818 -4.70 15.03 -53.07
CA VAL A 818 -4.36 16.43 -52.91
C VAL A 818 -4.99 16.99 -51.64
N PHE A 819 -6.25 16.64 -51.39
CA PHE A 819 -6.94 17.10 -50.19
C PHE A 819 -6.26 16.56 -48.93
N PHE A 820 -5.92 15.26 -48.93
CA PHE A 820 -5.26 14.67 -47.79
C PHE A 820 -3.89 15.28 -47.55
N SER A 821 -3.13 15.53 -48.62
CA SER A 821 -1.83 16.17 -48.46
C SER A 821 -1.97 17.58 -47.94
N ALA A 822 -2.97 18.32 -48.41
CA ALA A 822 -3.20 19.67 -47.92
C ALA A 822 -3.49 19.67 -46.43
N LEU A 823 -4.36 18.76 -45.98
CA LEU A 823 -4.67 18.74 -44.55
C LEU A 823 -3.51 18.18 -43.73
N GLY A 824 -2.70 17.30 -44.30
CA GLY A 824 -1.49 16.87 -43.61
C GLY A 824 -0.51 18.00 -43.42
N LYS A 825 -0.35 18.85 -44.45
CA LYS A 825 0.48 20.04 -44.30
C LYS A 825 -0.10 20.96 -43.24
N CYS A 826 -1.42 21.12 -43.23
CA CYS A 826 -2.04 21.98 -42.22
C CYS A 826 -1.79 21.45 -40.81
N TYR A 827 -1.91 20.14 -40.62
CA TYR A 827 -1.65 19.56 -39.31
C TYR A 827 -0.18 19.70 -38.93
N SER A 828 0.72 19.51 -39.88
CA SER A 828 2.14 19.58 -39.57
C SER A 828 2.53 20.94 -39.00
N HIS A 829 1.77 21.98 -39.32
CA HIS A 829 2.04 23.31 -38.84
C HIS A 829 1.26 23.67 -37.58
N GLY A 830 0.53 22.71 -37.00
CA GLY A 830 -0.05 22.90 -35.69
C GLY A 830 -1.51 23.28 -35.66
N VAL A 831 -2.35 22.56 -36.40
CA VAL A 831 -3.79 22.72 -36.34
C VAL A 831 -4.40 21.38 -35.95
N PRO A 832 -5.12 21.28 -34.83
CA PRO A 832 -5.71 20.00 -34.45
C PRO A 832 -6.80 19.58 -35.42
N MET A 833 -6.95 18.26 -35.58
CA MET A 833 -7.97 17.71 -36.46
C MET A 833 -8.10 16.23 -36.18
N ASN A 834 -9.19 15.65 -36.70
CA ASN A 834 -9.49 14.22 -36.54
C ASN A 834 -9.73 13.61 -37.92
N PRO A 835 -8.71 13.05 -38.54
CA PRO A 835 -8.90 12.44 -39.87
C PRO A 835 -9.92 11.31 -39.89
N LEU A 836 -10.19 10.69 -38.75
CA LEU A 836 -11.12 9.56 -38.70
C LEU A 836 -12.57 10.01 -38.62
N GLY A 837 -12.85 11.32 -38.62
CA GLY A 837 -14.21 11.79 -38.61
C GLY A 837 -14.94 11.63 -39.93
N LEU A 838 -14.23 11.29 -40.99
CA LEU A 838 -14.84 11.03 -42.29
C LEU A 838 -15.31 9.60 -42.46
N TYR A 839 -15.08 8.75 -41.48
CA TYR A 839 -15.45 7.34 -41.52
C TYR A 839 -16.23 6.98 -40.27
N PRO A 840 -16.99 5.89 -40.29
CA PRO A 840 -17.74 5.50 -39.10
C PRO A 840 -16.83 5.33 -37.89
N ALA A 841 -17.31 5.79 -36.74
CA ALA A 841 -16.50 5.75 -35.53
C ALA A 841 -16.21 4.32 -35.12
N VAL A 842 -14.99 4.08 -34.66
CA VAL A 842 -14.59 2.76 -34.18
C VAL A 842 -15.17 2.54 -32.80
N GLN A 843 -15.73 1.35 -32.58
CA GLN A 843 -16.34 1.01 -31.30
C GLN A 843 -15.25 0.60 -30.31
N PHE A 844 -15.18 1.29 -29.17
CA PHE A 844 -14.20 0.97 -28.15
C PHE A 844 -14.81 0.08 -27.07
N PRO A 845 -14.01 -0.77 -26.42
CA PRO A 845 -12.57 -0.99 -26.60
C PRO A 845 -12.25 -1.69 -27.91
N VAL A 846 -11.05 -1.49 -28.43
CA VAL A 846 -10.69 -2.03 -29.74
C VAL A 846 -10.45 -3.52 -29.64
N SER A 847 -10.39 -4.20 -30.79
CA SER A 847 -10.14 -5.63 -30.81
C SER A 847 -8.75 -5.94 -30.27
N ILE A 848 -8.61 -7.13 -29.70
CA ILE A 848 -7.33 -7.54 -29.12
C ILE A 848 -6.24 -7.73 -30.17
N ASP A 849 -6.59 -7.69 -31.46
CA ASP A 849 -5.62 -7.83 -32.52
C ASP A 849 -4.90 -6.52 -32.86
N THR A 850 -5.27 -5.42 -32.23
CA THR A 850 -4.63 -4.14 -32.51
C THR A 850 -3.18 -4.18 -32.04
N PRO A 851 -2.22 -3.85 -32.90
CA PRO A 851 -0.82 -3.85 -32.47
C PRO A 851 -0.58 -2.89 -31.31
N MET A 852 0.62 -2.98 -30.74
CA MET A 852 1.01 -2.16 -29.60
C MET A 852 1.63 -0.85 -30.08
N LEU A 853 1.22 0.24 -29.43
CA LEU A 853 1.76 1.57 -29.72
C LEU A 853 2.91 1.96 -28.81
N SER A 854 3.23 1.14 -27.80
CA SER A 854 4.30 1.49 -26.87
C SER A 854 5.66 1.44 -27.55
N SER A 855 5.88 0.48 -28.43
CA SER A 855 7.18 0.35 -29.08
C SER A 855 7.51 1.58 -29.91
N MET A 856 6.53 2.11 -30.62
CA MET A 856 6.79 3.29 -31.45
C MET A 856 7.24 4.48 -30.61
N VAL A 857 6.54 4.72 -29.50
CA VAL A 857 6.92 5.85 -28.64
C VAL A 857 8.27 5.60 -27.99
N SER A 858 8.55 4.35 -27.64
CA SER A 858 9.81 4.03 -26.97
C SER A 858 11.00 4.37 -27.87
N GLU A 859 10.90 4.08 -29.16
CA GLU A 859 11.96 4.34 -30.11
C GLU A 859 11.87 5.72 -30.74
N ALA A 860 10.91 6.54 -30.32
CA ALA A 860 10.69 7.87 -30.87
C ALA A 860 10.94 8.95 -29.83
N TRP A 861 11.97 8.77 -29.02
CA TRP A 861 12.34 9.72 -27.98
C TRP A 861 13.52 10.56 -28.44
N ASP A 862 13.75 11.66 -27.70
CA ASP A 862 14.90 12.53 -27.92
C ASP A 862 15.93 12.20 -26.84
N HIS A 863 16.96 11.46 -27.22
CA HIS A 863 17.95 10.95 -26.28
C HIS A 863 19.36 11.41 -26.66
N SER A 864 19.47 12.64 -27.15
CA SER A 864 20.79 13.15 -27.53
C SER A 864 21.70 13.29 -26.32
N ALA A 865 21.16 13.78 -25.20
CA ALA A 865 21.98 14.03 -24.03
C ALA A 865 22.17 12.76 -23.20
N LYS A 866 23.35 12.61 -22.62
CA LYS A 866 23.67 11.50 -21.74
C LYS A 866 23.84 12.04 -20.32
N TRP A 867 23.14 11.43 -19.37
CA TRP A 867 23.12 11.89 -17.99
C TRP A 867 23.97 10.99 -17.12
N ARG A 868 24.19 11.44 -15.89
CA ARG A 868 25.05 10.70 -14.96
C ARG A 868 24.42 9.36 -14.61
N VAL A 869 25.27 8.36 -14.46
CA VAL A 869 24.85 7.02 -14.03
C VAL A 869 25.83 6.56 -12.95
N PRO A 870 25.39 5.80 -11.95
CA PRO A 870 26.34 5.33 -10.93
C PRO A 870 27.47 4.52 -11.55
N LEU A 871 28.67 4.71 -11.01
CA LEU A 871 29.88 4.05 -11.48
C LEU A 871 30.41 3.15 -10.38
N VAL A 872 31.07 2.06 -10.81
CA VAL A 872 31.57 1.08 -9.84
C VAL A 872 32.57 1.72 -8.90
N GLU A 873 33.38 2.64 -9.41
CA GLU A 873 34.40 3.28 -8.59
C GLU A 873 33.80 4.08 -7.44
N GLU A 874 32.53 4.47 -7.52
CA GLU A 874 31.89 5.20 -6.44
C GLU A 874 31.36 4.30 -5.34
N PHE A 875 31.29 2.99 -5.57
CA PHE A 875 30.79 2.07 -4.57
C PHE A 875 31.89 1.50 -3.68
N GLU A 876 33.16 1.79 -3.98
CA GLU A 876 34.29 1.28 -3.22
C GLU A 876 34.91 2.42 -2.42
N TYR A 877 35.14 2.18 -1.14
CA TYR A 877 35.73 3.19 -0.26
C TYR A 877 35.96 2.61 1.13
N GLU A 2206 28.36 45.45 -24.05
CA GLU A 2206 27.36 44.38 -24.14
C GLU A 2206 26.00 44.90 -23.70
N SER A 2207 24.96 44.54 -24.46
CA SER A 2207 23.61 44.99 -24.14
C SER A 2207 23.15 44.40 -22.82
N MET A 2208 22.42 45.19 -22.05
CA MET A 2208 21.90 44.72 -20.77
C MET A 2208 20.93 43.57 -20.97
N VAL A 2209 20.11 43.62 -22.03
CA VAL A 2209 19.09 42.60 -22.24
C VAL A 2209 19.73 41.23 -22.38
N ASP A 2210 20.79 41.14 -23.20
CA ASP A 2210 21.45 39.85 -23.38
C ASP A 2210 22.17 39.41 -22.11
N GLN A 2211 22.74 40.35 -21.36
CA GLN A 2211 23.38 40.01 -20.11
C GLN A 2211 22.39 39.35 -19.14
N VAL A 2212 21.24 39.99 -18.95
CA VAL A 2212 20.24 39.44 -18.04
C VAL A 2212 19.69 38.13 -18.60
N LEU A 2213 19.53 38.04 -19.92
CA LEU A 2213 19.08 36.79 -20.53
C LEU A 2213 20.03 35.65 -20.18
N ARG A 2214 21.33 35.86 -20.37
CA ARG A 2214 22.30 34.82 -20.08
C ARG A 2214 22.32 34.48 -18.59
N ALA A 2215 22.22 35.50 -17.73
CA ALA A 2215 22.21 35.23 -16.30
C ALA A 2215 21.01 34.36 -15.90
N VAL A 2216 19.82 34.70 -16.40
CA VAL A 2216 18.62 33.94 -16.07
C VAL A 2216 18.74 32.51 -16.61
N GLY A 2217 19.20 32.39 -17.86
CA GLY A 2217 19.36 31.06 -18.44
C GLY A 2217 20.34 30.20 -17.66
N LYS A 2218 21.45 30.81 -17.21
CA LYS A 2218 22.39 30.08 -16.37
C LYS A 2218 21.77 29.67 -15.05
N VAL A 2219 20.94 30.54 -14.47
CA VAL A 2219 20.28 30.20 -13.22
C VAL A 2219 19.45 28.93 -13.41
N LEU A 2220 18.71 28.85 -14.51
CA LEU A 2220 17.94 27.64 -14.75
C LEU A 2220 18.85 26.44 -15.03
N GLY A 2221 19.95 26.67 -15.75
CA GLY A 2221 20.85 25.59 -16.10
C GLY A 2221 20.87 25.30 -17.59
N ILE A 2222 20.65 26.34 -18.39
CA ILE A 2222 20.67 26.24 -19.84
C ILE A 2222 21.95 26.88 -20.35
N LYS A 2223 22.82 26.07 -20.96
CA LYS A 2223 24.09 26.60 -21.45
C LYS A 2223 23.88 27.63 -22.56
N ASP A 2224 22.95 27.37 -23.47
CA ASP A 2224 22.65 28.27 -24.58
C ASP A 2224 21.23 28.79 -24.40
N VAL A 2225 21.11 30.05 -24.00
CA VAL A 2225 19.79 30.63 -23.75
C VAL A 2225 19.00 30.71 -25.05
N SER A 2226 19.65 31.09 -26.16
CA SER A 2226 18.95 31.23 -27.42
C SER A 2226 18.47 29.88 -27.97
N SER A 2227 19.06 28.78 -27.53
CA SER A 2227 18.68 27.47 -28.07
C SER A 2227 17.24 27.13 -27.73
N VAL A 2228 16.82 27.39 -26.49
CA VAL A 2228 15.48 26.99 -26.06
C VAL A 2228 14.44 27.92 -26.68
N ASP A 2229 13.20 27.44 -26.70
CA ASP A 2229 12.11 28.20 -27.29
C ASP A 2229 11.82 29.45 -26.46
N GLY A 2230 11.46 30.54 -27.15
CA GLY A 2230 11.13 31.79 -26.52
C GLY A 2230 9.71 31.93 -26.04
N ASP A 2231 8.85 30.95 -26.30
CA ASP A 2231 7.46 30.99 -25.88
C ASP A 2231 7.14 29.93 -24.84
N LYS A 2232 8.14 29.23 -24.32
CA LYS A 2232 7.94 28.22 -23.30
C LYS A 2232 8.08 28.85 -21.92
N GLU A 2233 7.08 28.67 -21.07
CA GLU A 2233 7.09 29.26 -19.75
C GLU A 2233 8.17 28.62 -18.89
N PHE A 2234 8.61 29.36 -17.87
CA PHE A 2234 9.66 28.85 -16.99
C PHE A 2234 9.20 27.59 -16.26
N ILE A 2235 7.94 27.56 -15.81
CA ILE A 2235 7.45 26.39 -15.09
C ILE A 2235 7.56 25.14 -15.96
N ASP A 2236 7.45 25.30 -17.27
CA ASP A 2236 7.56 24.14 -18.16
C ASP A 2236 8.95 23.53 -18.17
N MET A 2237 9.96 24.26 -17.67
CA MET A 2237 11.31 23.73 -17.61
C MET A 2237 11.62 23.05 -16.29
N GLY A 2238 11.04 23.52 -15.18
CA GLY A 2238 11.26 22.90 -13.89
C GLY A 2238 11.62 23.88 -12.80
N VAL A 2239 11.40 25.18 -13.03
CA VAL A 2239 11.69 26.17 -12.02
C VAL A 2239 10.96 25.81 -10.73
N ASP A 2240 11.66 25.86 -9.61
CA ASP A 2240 11.11 25.39 -8.34
C ASP A 2240 11.51 26.28 -7.17
O 4HH A 2241 12.23 29.85 -5.58
C 4HH A 2241 12.13 28.60 -5.40
CA 4HH A 2241 10.73 27.91 -5.53
N 4HH A 2241 10.57 27.11 -6.73
CB 4HH A 2241 10.49 27.09 -4.24
OG 4HH A 2241 10.76 27.85 -3.09
CJ 4HH A 2241 9.51 25.47 -0.36
CK 4HH A 2241 10.31 24.39 0.40
CL1 4HH A 2241 10.60 23.22 -0.51
CL2 4HH A 2241 11.63 25.00 0.84
CL3 4HH A 2241 8.17 23.34 1.35
CM 4HH A 2241 9.56 23.90 1.67
OM 4HH A 2241 9.42 24.90 2.67
NN 4HH A 2241 7.91 22.04 1.67
ON 4HH A 2241 7.32 24.09 0.81
P 4HH A 2241 9.91 27.67 -1.71
O1P 4HH A 2241 8.48 27.72 -2.07
O2P 4HH A 2241 10.47 28.47 -0.60
O3P 4HH A 2241 10.26 26.08 -1.36
CO 4HH A 2241 6.64 21.40 1.40
CP 4HH A 2241 5.57 21.61 2.49
CQ 4HH A 2241 5.79 20.68 3.66
CS 4HH A 2241 6.07 18.35 4.43
CT 4HH A 2241 7.22 18.65 5.41
NR 4HH A 2241 5.87 19.34 3.41
OR 4HH A 2241 5.88 21.15 4.82
SU 4HH A 2241 8.76 18.86 4.55
HA 4HH A 2241 10.06 28.61 -5.56
HB3 4HH A 2241 11.02 26.27 -4.22
HB2 4HH A 2241 9.54 26.85 -4.23
HJ3 4HH A 2241 9.16 26.13 0.28
HJ2 4HH A 2241 8.75 25.01 -0.78
HL13 4HH A 2241 11.14 22.54 -0.05
HL12 4HH A 2241 11.06 23.49 -1.32
HL11 4HH A 2241 9.77 22.81 -0.79
HL21 4HH A 2241 12.16 24.35 1.33
HL23 4HH A 2241 11.47 25.77 1.42
HL22 4HH A 2241 12.12 25.29 0.05
HL3 4HH A 2241 10.09 23.22 2.11
HM 4HH A 2241 8.96 25.53 2.34
HN 4HH A 2241 8.55 21.55 2.06
HO2 4HH A 2241 6.80 20.46 1.27
HO3 4HH A 2241 6.30 21.76 0.57
HP3 4HH A 2241 4.69 21.46 2.11
HP2 4HH A 2241 5.60 22.51 2.81
HS2 4HH A 2241 5.25 18.31 4.95
HS3 4HH A 2241 6.23 17.49 4.02
HT3 4HH A 2241 7.36 17.90 6.00
HT2 4HH A 2241 7.02 19.44 5.95
HR 4HH A 2241 5.81 19.06 2.60
HU 4HH A 2241 9.45 19.10 5.50
N LEU A 2242 13.17 27.82 -5.10
CA LEU A 2242 14.50 28.37 -4.88
C LEU A 2242 15.01 29.11 -6.11
N MET A 2243 14.71 28.59 -7.29
CA MET A 2243 15.18 29.23 -8.51
C MET A 2243 14.43 30.53 -8.79
N SER A 2244 13.17 30.62 -8.39
CA SER A 2244 12.41 31.85 -8.59
C SER A 2244 13.00 33.00 -7.78
N VAL A 2245 13.33 32.75 -6.51
CA VAL A 2245 13.92 33.80 -5.69
C VAL A 2245 15.28 34.20 -6.24
N GLU A 2246 16.07 33.22 -6.70
CA GLU A 2246 17.35 33.53 -7.30
C GLU A 2246 17.17 34.39 -8.55
N ILE A 2247 16.18 34.06 -9.38
CA ILE A 2247 15.93 34.85 -10.58
C ILE A 2247 15.55 36.28 -10.21
N LYS A 2248 14.66 36.43 -9.22
CA LYS A 2248 14.23 37.76 -8.80
C LYS A 2248 15.42 38.58 -8.29
N GLN A 2249 16.26 37.96 -7.46
CA GLN A 2249 17.42 38.67 -6.93
C GLN A 2249 18.41 39.03 -8.04
N ALA A 2250 18.61 38.12 -9.00
CA ALA A 2250 19.50 38.41 -10.12
C ALA A 2250 18.97 39.57 -10.95
N LEU A 2251 17.67 39.59 -11.21
CA LEU A 2251 17.08 40.70 -11.94
C LEU A 2251 17.25 42.01 -11.20
N GLU A 2252 17.03 42.00 -9.88
CA GLU A 2252 17.19 43.21 -9.10
C GLU A 2252 18.65 43.69 -9.12
N ARG A 2253 19.59 42.76 -9.02
CA ARG A 2253 21.00 43.13 -9.01
C ARG A 2253 21.51 43.51 -10.40
N ASP A 2254 20.82 43.10 -11.46
CA ASP A 2254 21.25 43.36 -12.82
C ASP A 2254 20.48 44.49 -13.48
N ALA A 2255 19.18 44.56 -13.28
CA ALA A 2255 18.34 45.61 -13.87
C ALA A 2255 17.40 46.14 -12.81
N GLY A 2256 16.53 47.07 -13.21
CA GLY A 2256 15.61 47.70 -12.29
C GLY A 2256 14.32 46.94 -12.05
N LEU A 2257 14.15 45.78 -12.67
CA LEU A 2257 12.92 45.02 -12.50
C LEU A 2257 12.81 44.46 -11.09
N VAL A 2258 11.60 44.42 -10.57
CA VAL A 2258 11.29 43.82 -9.28
C VAL A 2258 10.05 42.96 -9.51
N ILE A 2259 10.25 41.65 -9.70
CA ILE A 2259 9.18 40.73 -10.08
C ILE A 2259 8.89 39.79 -8.92
N SER A 2260 7.60 39.54 -8.67
CA SER A 2260 7.21 38.61 -7.63
C SER A 2260 7.54 37.18 -8.05
N THR A 2261 7.63 36.30 -7.04
CA THR A 2261 7.98 34.91 -7.31
C THR A 2261 6.94 34.23 -8.17
N LYS A 2262 5.65 34.48 -7.91
CA LYS A 2262 4.60 33.78 -8.63
C LYS A 2262 4.64 34.08 -10.12
N ASP A 2263 4.88 35.34 -10.49
CA ASP A 2263 4.92 35.71 -11.90
C ASP A 2263 6.14 35.16 -12.61
N THR A 2264 7.21 34.83 -11.87
CA THR A 2264 8.44 34.37 -12.51
C THR A 2264 8.22 33.03 -13.21
N GLN A 2265 7.48 32.11 -12.61
CA GLN A 2265 7.30 30.78 -13.16
C GLN A 2265 6.34 30.75 -14.34
N LEU A 2266 5.66 31.86 -14.64
CA LEU A 2266 4.70 31.92 -15.74
C LEU A 2266 5.09 32.99 -16.76
N MET A 2267 6.36 33.37 -16.82
CA MET A 2267 6.86 34.38 -17.74
C MET A 2267 7.91 33.76 -18.64
N THR A 2268 7.85 34.09 -19.93
CA THR A 2268 8.75 33.52 -20.92
C THR A 2268 9.97 34.41 -21.15
N PHE A 2269 10.95 33.86 -21.87
CA PHE A 2269 12.16 34.62 -22.17
C PHE A 2269 11.84 35.86 -23.01
N ASN A 2270 10.98 35.71 -24.02
CA ASN A 2270 10.60 36.86 -24.82
C ASN A 2270 9.89 37.91 -23.96
N THR A 2271 9.09 37.47 -22.99
CA THR A 2271 8.42 38.42 -22.11
C THR A 2271 9.40 39.14 -21.20
N LEU A 2272 10.39 38.42 -20.66
CA LEU A 2272 11.36 39.08 -19.80
C LEU A 2272 12.18 40.08 -20.61
N ARG A 2273 12.53 39.74 -21.85
CA ARG A 2273 13.23 40.70 -22.70
C ARG A 2273 12.37 41.93 -22.94
N SER A 2274 11.08 41.72 -23.19
CA SER A 2274 10.19 42.87 -23.41
C SER A 2274 10.15 43.78 -22.18
N MET A 2275 10.03 43.20 -20.98
CA MET A 2275 9.94 44.04 -19.79
C MET A 2275 11.26 44.75 -19.51
N VAL A 2276 12.40 44.08 -19.68
CA VAL A 2276 13.68 44.77 -19.48
C VAL A 2276 13.82 45.91 -20.48
N LYS A 2277 13.37 45.71 -21.71
CA LYS A 2277 13.38 46.80 -22.68
C LYS A 2277 12.50 47.95 -22.20
N GLY A 2278 11.33 47.64 -21.67
CA GLY A 2278 10.41 48.65 -21.18
C GLY A 2278 10.96 49.43 -20.00
N PRO B 16 -6.09 -33.12 3.51
CA PRO B 16 -5.26 -32.38 2.56
C PRO B 16 -5.95 -31.16 1.97
N PRO B 17 -7.22 -31.26 1.59
CA PRO B 17 -7.92 -30.07 1.08
C PRO B 17 -7.92 -28.95 2.11
N LYS B 18 -7.80 -27.72 1.61
CA LYS B 18 -7.74 -26.53 2.45
C LYS B 18 -9.06 -25.79 2.39
N THR B 19 -9.60 -25.43 3.55
CA THR B 19 -10.87 -24.74 3.62
C THR B 19 -10.68 -23.27 3.25
N PRO B 20 -11.38 -22.75 2.24
CA PRO B 20 -11.22 -21.34 1.89
C PRO B 20 -11.63 -20.42 3.03
N ASN B 21 -10.93 -19.29 3.13
CA ASN B 21 -11.29 -18.26 4.10
C ASN B 21 -12.50 -17.48 3.60
N VAL B 22 -13.29 -16.99 4.55
CA VAL B 22 -14.52 -16.25 4.22
C VAL B 22 -14.11 -14.78 4.11
N VAL B 23 -13.68 -14.39 2.91
CA VAL B 23 -13.32 -13.02 2.62
C VAL B 23 -14.61 -12.27 2.30
N GLU B 24 -15.18 -11.59 3.30
CA GLU B 24 -16.42 -10.87 3.15
C GLU B 24 -16.23 -9.43 3.62
N PRO B 25 -16.83 -8.45 2.93
CA PRO B 25 -16.65 -7.06 3.37
C PRO B 25 -17.11 -6.86 4.80
N TYR B 26 -16.36 -6.02 5.53
CA TYR B 26 -16.65 -5.71 6.92
C TYR B 26 -17.27 -4.33 7.02
N LYS B 27 -18.34 -4.21 7.81
CA LYS B 27 -19.07 -2.97 7.95
C LYS B 27 -19.08 -2.40 9.37
N GLY B 28 -18.43 -3.08 10.32
CA GLY B 28 -18.40 -2.61 11.69
C GLY B 28 -17.35 -1.53 11.90
N GLU B 29 -17.08 -1.25 13.17
CA GLU B 29 -16.15 -0.21 13.56
C GLU B 29 -14.74 -0.78 13.72
N VAL B 30 -13.74 0.09 13.51
CA VAL B 30 -12.34 -0.25 13.67
C VAL B 30 -11.77 0.61 14.79
N ALA B 31 -11.14 -0.04 15.78
CA ALA B 31 -10.68 0.64 16.97
C ALA B 31 -9.17 0.46 17.11
N ILE B 32 -8.49 1.54 17.46
CA ILE B 32 -7.06 1.51 17.75
C ILE B 32 -6.91 1.06 19.20
N CYS B 33 -6.36 -0.13 19.41
CA CYS B 33 -6.33 -0.76 20.71
C CYS B 33 -5.01 -0.56 21.45
N GLY B 34 -3.88 -0.55 20.76
CA GLY B 34 -2.59 -0.44 21.40
C GLY B 34 -1.77 0.70 20.84
N LEU B 35 -0.78 1.11 21.62
CA LEU B 35 0.13 2.17 21.21
C LEU B 35 1.45 2.02 21.96
N SER B 36 2.55 2.17 21.25
CA SER B 36 3.88 2.14 21.86
C SER B 36 4.85 2.81 20.90
N GLY B 37 6.00 3.21 21.42
CA GLY B 37 7.00 3.82 20.59
C GLY B 37 8.05 4.58 21.37
N ARG B 38 9.20 4.77 20.74
CA ARG B 38 10.28 5.59 21.27
C ARG B 38 10.20 6.97 20.64
N TYR B 39 10.22 8.01 21.47
CA TYR B 39 10.17 9.38 21.03
C TYR B 39 11.37 10.15 21.58
N PRO B 40 11.71 11.29 20.99
CA PRO B 40 12.89 12.02 21.46
C PRO B 40 12.77 12.36 22.93
N GLU B 41 13.81 12.04 23.69
CA GLU B 41 13.83 12.27 25.14
C GLU B 41 12.63 11.63 25.81
N SER B 42 12.27 10.43 25.35
CA SER B 42 11.15 9.69 25.92
C SER B 42 11.34 8.22 25.60
N ALA B 43 11.60 7.42 26.64
CA ALA B 43 11.82 6.00 26.45
C ALA B 43 10.53 5.23 26.18
N ASN B 44 9.36 5.84 26.39
CA ASN B 44 8.09 5.15 26.22
C ASN B 44 6.99 6.19 26.09
N VAL B 45 5.76 5.71 25.96
CA VAL B 45 4.62 6.61 25.77
C VAL B 45 4.37 7.44 27.02
N GLY B 46 4.59 6.86 28.20
CA GLY B 46 4.36 7.61 29.42
C GLY B 46 5.27 8.82 29.55
N GLU B 47 6.55 8.64 29.22
CA GLU B 47 7.48 9.77 29.24
C GLU B 47 7.09 10.81 28.22
N LEU B 48 6.65 10.39 27.04
CA LEU B 48 6.18 11.34 26.03
C LEU B 48 5.00 12.15 26.55
N GLU B 49 4.04 11.47 27.17
CA GLU B 49 2.88 12.18 27.71
C GLU B 49 3.29 13.16 28.79
N TYR B 50 4.17 12.74 29.70
CA TYR B 50 4.61 13.63 30.76
C TYR B 50 5.32 14.86 30.19
N ASN B 51 6.20 14.65 29.22
CA ASN B 51 6.92 15.77 28.64
C ASN B 51 5.99 16.71 27.90
N LEU B 52 5.02 16.17 27.15
CA LEU B 52 4.08 17.02 26.44
C LEU B 52 3.24 17.85 27.40
N PHE B 53 2.75 17.23 28.47
CA PHE B 53 1.85 17.94 29.37
C PHE B 53 2.57 18.86 30.33
N ASN B 54 3.91 18.85 30.36
CA ASN B 54 4.70 19.75 31.19
C ASN B 54 5.50 20.75 30.36
N LYS B 55 5.15 20.93 29.09
CA LYS B 55 5.81 21.90 28.23
C LYS B 55 7.32 21.67 28.19
N ILE B 56 7.72 20.42 28.06
CA ILE B 56 9.12 20.03 28.01
C ILE B 56 9.52 19.87 26.55
N ASP B 57 10.56 20.58 26.13
CA ASP B 57 11.04 20.49 24.76
C ASP B 57 11.92 19.26 24.61
N MET B 58 11.58 18.41 23.64
CA MET B 58 12.27 17.14 23.44
C MET B 58 13.43 17.25 22.45
N VAL B 59 13.65 18.42 21.86
CA VAL B 59 14.74 18.63 20.92
C VAL B 59 15.91 19.22 21.70
N THR B 60 16.97 18.43 21.87
CA THR B 60 18.11 18.80 22.69
C THR B 60 19.37 18.91 21.83
N ILE B 61 20.46 19.33 22.44
CA ILE B 61 21.74 19.51 21.77
C ILE B 61 22.78 18.69 22.53
N ASP B 62 23.36 17.71 21.86
CA ASP B 62 24.42 16.88 22.43
C ASP B 62 25.07 16.11 21.29
N ASN B 63 25.93 15.14 21.63
CA ASN B 63 26.69 14.39 20.65
C ASN B 63 26.23 12.93 20.57
N ARG B 64 24.93 12.70 20.72
CA ARG B 64 24.42 11.33 20.62
C ARG B 64 24.65 10.76 19.22
N ARG B 65 24.40 11.57 18.19
CA ARG B 65 24.62 11.15 16.80
C ARG B 65 25.88 11.75 16.22
N TRP B 66 26.07 13.06 16.34
CA TRP B 66 27.28 13.72 15.89
C TRP B 66 27.42 15.02 16.65
N GLU B 67 28.57 15.67 16.48
CA GLU B 67 28.86 16.87 17.25
C GLU B 67 27.85 17.97 16.91
N PRO B 68 27.51 18.83 17.88
CA PRO B 68 26.54 19.90 17.58
C PRO B 68 27.09 20.95 16.65
N GLY B 69 27.09 20.65 15.35
CA GLY B 69 27.63 21.55 14.35
C GLY B 69 28.49 20.83 13.34
N TYR B 70 28.58 19.50 13.44
CA TYR B 70 29.37 18.73 12.51
C TYR B 70 28.87 18.95 11.09
N LEU B 71 29.80 19.28 10.19
CA LEU B 71 29.48 19.60 8.80
C LEU B 71 28.53 20.78 8.69
N GLY B 72 28.40 21.59 9.74
CA GLY B 72 27.53 22.75 9.71
C GLY B 72 26.07 22.45 9.87
N THR B 73 25.69 21.22 10.22
CA THR B 73 24.29 20.89 10.37
C THR B 73 23.71 21.57 11.60
N PRO B 74 22.40 21.74 11.66
CA PRO B 74 21.79 22.37 12.84
C PRO B 74 22.14 21.62 14.12
N GLU B 75 22.42 22.40 15.17
CA GLU B 75 22.87 21.79 16.43
C GLU B 75 21.75 20.97 17.07
N ARG B 76 20.52 21.50 17.08
CA ARG B 76 19.43 20.87 17.80
C ARG B 76 18.76 19.81 16.94
N MET B 77 18.38 18.70 17.57
CA MET B 77 17.73 17.60 16.88
C MET B 77 16.89 16.83 17.88
N GLY B 78 15.96 16.04 17.37
CA GLY B 78 15.16 15.15 18.20
C GLY B 78 15.65 13.73 18.11
N LYS B 79 16.28 13.24 19.18
CA LYS B 79 16.93 11.94 19.19
C LYS B 79 16.38 11.08 20.31
N VAL B 80 16.14 9.80 20.00
CA VAL B 80 15.66 8.86 21.01
C VAL B 80 16.76 8.63 22.03
N LYS B 81 16.41 8.04 23.18
CA LYS B 81 17.37 7.86 24.25
C LYS B 81 18.54 6.98 23.82
N THR B 82 18.25 5.81 23.26
CA THR B 82 19.28 4.88 22.85
C THR B 82 18.78 4.03 21.70
N ILE B 83 19.72 3.60 20.85
CA ILE B 83 19.39 2.73 19.72
C ILE B 83 20.36 1.56 19.68
N THR B 84 21.13 1.38 20.75
CA THR B 84 22.11 0.30 20.83
C THR B 84 21.59 -0.89 21.63
N ASP B 85 20.33 -0.88 22.03
CA ASP B 85 19.76 -1.90 22.90
C ASP B 85 18.75 -2.74 22.14
N PHE B 86 18.76 -4.05 22.40
CA PHE B 86 17.80 -4.95 21.76
C PHE B 86 17.85 -6.31 22.44
N ASP B 87 16.66 -6.90 22.64
CA ASP B 87 16.54 -8.24 23.22
C ASP B 87 16.51 -9.26 22.11
N ALA B 88 17.71 -9.60 21.61
CA ALA B 88 17.81 -10.51 20.48
C ALA B 88 17.26 -11.89 20.81
N GLU B 89 17.57 -12.41 22.00
CA GLU B 89 17.15 -13.76 22.35
C GLU B 89 15.63 -13.88 22.38
N PHE B 90 14.92 -12.83 22.79
CA PHE B 90 13.47 -12.91 22.87
C PHE B 90 12.85 -13.15 21.51
N PHE B 91 13.33 -12.45 20.48
CA PHE B 91 12.74 -12.52 19.15
C PHE B 91 13.32 -13.66 18.31
N GLY B 92 14.17 -14.50 18.89
CA GLY B 92 14.72 -15.61 18.15
C GLY B 92 15.64 -15.19 17.01
N VAL B 93 16.51 -14.21 17.24
CA VAL B 93 17.47 -13.75 16.26
C VAL B 93 18.86 -13.94 16.83
N HIS B 94 19.74 -14.58 16.07
CA HIS B 94 21.07 -14.91 16.55
C HIS B 94 21.95 -13.66 16.57
N THR B 95 23.12 -13.79 17.19
CA THR B 95 24.00 -12.64 17.36
C THR B 95 24.43 -12.07 16.02
N LYS B 96 24.77 -12.93 15.06
CA LYS B 96 25.19 -12.45 13.75
C LYS B 96 24.07 -11.66 13.08
N GLY B 97 22.84 -12.17 13.14
CA GLY B 97 21.73 -11.46 12.52
C GLY B 97 21.42 -10.15 13.22
N ALA B 98 21.43 -10.15 14.55
CA ALA B 98 21.14 -8.92 15.29
C ALA B 98 22.19 -7.86 15.02
N GLN B 99 23.47 -8.26 14.94
CA GLN B 99 24.51 -7.29 14.64
C GLN B 99 24.31 -6.69 13.25
N THR B 100 23.98 -7.53 12.27
CA THR B 100 23.71 -7.07 10.92
C THR B 100 22.22 -6.80 10.71
N MET B 101 21.64 -6.00 11.59
CA MET B 101 20.23 -5.63 11.52
C MET B 101 20.09 -4.15 11.81
N ASP B 102 19.16 -3.51 11.11
CA ASP B 102 18.96 -2.08 11.29
C ASP B 102 18.47 -1.80 12.70
N PRO B 103 19.07 -0.86 13.43
CA PRO B 103 18.53 -0.53 14.75
C PRO B 103 17.08 -0.09 14.71
N MET B 104 16.66 0.55 13.61
CA MET B 104 15.25 0.90 13.46
C MET B 104 14.38 -0.35 13.52
N LEU B 105 14.77 -1.42 12.83
CA LEU B 105 13.98 -2.63 12.84
C LEU B 105 13.91 -3.23 14.24
N ARG B 106 15.02 -3.22 14.97
CA ARG B 106 15.03 -3.77 16.32
C ARG B 106 14.09 -2.99 17.24
N ASN B 107 14.24 -1.66 17.26
CA ASN B 107 13.37 -0.84 18.08
C ASN B 107 11.91 -1.00 17.67
N LEU B 108 11.66 -1.16 16.36
CA LEU B 108 10.29 -1.32 15.90
C LEU B 108 9.70 -2.65 16.32
N LEU B 109 10.51 -3.72 16.32
CA LEU B 109 10.01 -5.00 16.83
C LEU B 109 9.67 -4.90 18.30
N GLU B 110 10.54 -4.26 19.09
CA GLU B 110 10.25 -4.09 20.50
C GLU B 110 8.97 -3.26 20.70
N VAL B 111 8.83 -2.19 19.92
CA VAL B 111 7.66 -1.32 20.06
C VAL B 111 6.39 -2.05 19.65
N VAL B 112 6.47 -2.90 18.62
CA VAL B 112 5.31 -3.66 18.19
C VAL B 112 4.89 -4.64 19.27
N TYR B 113 5.85 -5.32 19.89
CA TYR B 113 5.49 -6.22 20.98
C TYR B 113 4.86 -5.45 22.14
N GLU B 114 5.41 -4.29 22.47
CA GLU B 114 4.86 -3.49 23.57
C GLU B 114 3.45 -3.04 23.25
N ALA B 115 3.19 -2.63 22.01
CA ALA B 115 1.84 -2.22 21.61
C ALA B 115 0.88 -3.39 21.65
N ILE B 116 1.33 -4.57 21.21
CA ILE B 116 0.47 -5.74 21.25
C ILE B 116 0.09 -6.06 22.70
N VAL B 117 1.06 -5.99 23.61
CA VAL B 117 0.75 -6.24 25.01
C VAL B 117 -0.17 -5.16 25.57
N ASP B 118 0.00 -3.93 25.11
CA ASP B 118 -0.80 -2.83 25.63
C ASP B 118 -2.28 -3.01 25.35
N ALA B 119 -2.61 -3.52 24.17
CA ALA B 119 -3.99 -3.70 23.76
C ALA B 119 -4.65 -4.92 24.40
N GLY B 120 -4.04 -5.50 25.43
CA GLY B 120 -4.60 -6.68 26.06
C GLY B 120 -4.35 -7.97 25.33
N GLU B 121 -3.54 -7.96 24.27
CA GLU B 121 -3.22 -9.16 23.51
C GLU B 121 -1.91 -9.75 24.01
N SER B 122 -1.60 -10.95 23.52
CA SER B 122 -0.40 -11.67 23.94
C SER B 122 0.19 -12.38 22.73
N LEU B 123 1.27 -13.13 22.97
CA LEU B 123 1.91 -13.86 21.89
C LEU B 123 1.05 -15.03 21.43
N GLU B 124 0.43 -15.74 22.37
CA GLU B 124 -0.38 -16.90 22.00
C GLU B 124 -1.70 -16.48 21.36
N SER B 125 -2.27 -15.37 21.81
CA SER B 125 -3.57 -14.94 21.29
C SER B 125 -3.45 -14.40 19.87
N MET B 126 -2.38 -13.67 19.58
CA MET B 126 -2.19 -13.09 18.26
C MET B 126 -1.51 -14.02 17.27
N LYS B 127 -1.06 -15.19 17.72
CA LYS B 127 -0.39 -16.13 16.84
C LYS B 127 -1.40 -16.80 15.93
N GLY B 128 -1.12 -16.80 14.63
CA GLY B 128 -1.97 -17.44 13.65
C GLY B 128 -3.15 -16.61 13.19
N THR B 129 -3.32 -15.40 13.72
CA THR B 129 -4.44 -14.56 13.33
C THR B 129 -4.20 -13.95 11.95
N ARG B 130 -5.28 -13.46 11.34
CA ARG B 130 -5.21 -12.83 10.03
C ARG B 130 -4.90 -11.34 10.21
N THR B 131 -3.66 -11.08 10.62
CA THR B 131 -3.18 -9.73 10.87
C THR B 131 -2.23 -9.29 9.78
N GLY B 132 -2.39 -8.05 9.33
CA GLY B 132 -1.52 -7.46 8.33
C GLY B 132 -0.60 -6.44 8.98
N VAL B 133 0.63 -6.35 8.45
CA VAL B 133 1.64 -5.44 8.95
C VAL B 133 1.94 -4.42 7.88
N TYR B 134 1.89 -3.14 8.26
CA TYR B 134 1.99 -2.02 7.31
C TYR B 134 3.03 -1.02 7.78
N ILE B 135 4.23 -1.50 8.10
CA ILE B 135 5.31 -0.61 8.51
C ILE B 135 5.63 0.38 7.40
N GLY B 136 5.90 1.62 7.80
CA GLY B 136 6.35 2.63 6.86
C GLY B 136 7.74 3.13 7.18
N VAL B 137 8.72 2.79 6.35
CA VAL B 137 10.11 3.16 6.57
C VAL B 137 10.71 3.58 5.23
N SER B 138 11.51 4.64 5.26
CA SER B 138 12.17 5.19 4.06
C SER B 138 13.68 5.25 4.25
N ASN B 139 14.14 5.45 5.46
CA ASN B 139 15.57 5.63 5.71
C ASN B 139 16.31 4.32 5.46
N ASN B 140 17.37 4.37 4.64
CA ASN B 140 18.25 3.20 4.32
C ASN B 140 19.69 3.63 4.46
N GLU B 141 20.02 4.45 5.46
CA GLU B 141 21.37 4.98 5.59
C GLU B 141 22.34 3.99 6.23
N VAL B 142 21.83 2.94 6.87
CA VAL B 142 22.73 1.97 7.50
C VAL B 142 23.32 1.02 6.47
N ASP B 143 22.87 1.09 5.23
CA ASP B 143 23.42 0.26 4.16
C ASP B 143 24.76 0.77 3.67
N THR B 144 24.93 2.10 3.61
CA THR B 144 26.21 2.65 3.16
C THR B 144 27.29 2.46 4.22
N ALA B 145 26.96 2.72 5.48
CA ALA B 145 27.95 2.56 6.55
C ALA B 145 28.40 1.12 6.66
N TYR B 146 27.45 0.18 6.60
CA TYR B 146 27.80 -1.23 6.71
C TYR B 146 28.50 -1.75 5.45
N MET B 147 28.42 -1.02 4.34
CA MET B 147 29.04 -1.45 3.10
C MET B 147 30.38 -0.78 2.84
N LYS B 148 30.71 0.30 3.57
CA LYS B 148 32.00 0.96 3.36
C LYS B 148 33.15 -0.01 3.59
N ASN B 149 33.03 -0.88 4.59
CA ASN B 149 34.06 -1.85 4.94
C ASN B 149 33.48 -3.26 4.95
N TRP B 150 32.76 -3.59 3.88
CA TRP B 150 32.07 -4.87 3.83
C TRP B 150 33.04 -6.03 3.95
N THR B 151 32.65 -7.03 4.73
CA THR B 151 33.41 -8.26 4.90
C THR B 151 32.44 -9.43 4.94
N ASP B 152 32.98 -10.64 4.77
CA ASP B 152 32.15 -11.83 4.86
C ASP B 152 31.44 -11.87 6.21
N ASP B 153 30.34 -12.63 6.26
CA ASP B 153 29.40 -12.76 7.37
C ASP B 153 28.41 -11.60 7.42
N ASP B 154 28.52 -10.63 6.52
CA ASP B 154 27.57 -9.53 6.43
C ASP B 154 26.46 -9.80 5.44
N ALA B 155 26.43 -11.00 4.86
CA ALA B 155 25.35 -11.30 3.93
C ALA B 155 23.99 -11.24 4.60
N TYR B 156 23.92 -11.38 5.92
CA TYR B 156 22.66 -11.44 6.66
C TYR B 156 21.94 -10.10 6.70
N MET B 157 22.58 -9.03 6.21
CA MET B 157 21.88 -7.77 6.08
C MET B 157 20.70 -7.88 5.13
N VAL B 158 20.75 -8.83 4.19
CA VAL B 158 19.65 -8.98 3.25
C VAL B 158 18.36 -9.33 3.99
N GLN B 159 18.45 -10.14 5.04
CA GLN B 159 17.30 -10.56 5.81
C GLN B 159 17.06 -9.69 7.04
N GLY B 160 17.93 -8.72 7.32
CA GLY B 160 17.77 -7.88 8.48
C GLY B 160 17.87 -6.40 8.19
N CYS B 161 18.31 -6.06 6.99
CA CYS B 161 18.50 -4.66 6.59
C CYS B 161 17.56 -4.19 5.50
N HIS B 162 17.04 -5.09 4.67
CA HIS B 162 16.14 -4.69 3.60
C HIS B 162 14.86 -4.12 4.19
N HIS B 163 14.27 -3.12 3.55
CA HIS B 163 13.08 -2.44 4.10
C HIS B 163 11.87 -3.32 3.97
N SER B 164 11.89 -4.27 3.04
CA SER B 164 10.79 -5.23 2.96
C SER B 164 10.80 -6.21 4.11
N MET B 165 11.89 -6.27 4.87
CA MET B 165 11.97 -7.17 6.01
C MET B 165 11.45 -6.56 7.29
N TYR B 166 11.07 -5.27 7.29
CA TYR B 166 10.52 -4.70 8.52
C TYR B 166 9.19 -5.34 8.87
N PRO B 167 8.14 -5.20 8.05
CA PRO B 167 6.89 -5.91 8.37
C PRO B 167 7.04 -7.42 8.35
N ASN B 168 7.81 -7.97 7.41
CA ASN B 168 7.91 -9.41 7.27
C ASN B 168 8.39 -10.06 8.55
N TRP B 169 9.44 -9.50 9.17
CA TRP B 169 9.90 -10.02 10.45
C TRP B 169 8.78 -10.01 11.47
N ILE B 170 8.03 -8.91 11.53
CA ILE B 170 6.89 -8.85 12.45
C ILE B 170 5.91 -9.98 12.12
N SER B 171 5.68 -10.22 10.84
CA SER B 171 4.84 -11.35 10.46
C SER B 171 5.48 -12.68 10.83
N PHE B 172 6.81 -12.78 10.67
CA PHE B 172 7.48 -14.05 10.94
C PHE B 172 7.53 -14.34 12.44
N PHE B 173 7.84 -13.34 13.26
CA PHE B 173 7.94 -13.58 14.69
C PHE B 173 6.58 -13.86 15.30
N PHE B 174 5.61 -12.97 15.09
CA PHE B 174 4.30 -13.12 15.68
C PHE B 174 3.42 -14.12 14.93
N ASP B 175 3.88 -14.64 13.80
CA ASP B 175 3.18 -15.66 13.05
C ASP B 175 1.90 -15.12 12.40
N PHE B 176 1.93 -13.88 11.97
CA PHE B 176 0.80 -13.31 11.23
C PHE B 176 0.74 -13.90 9.83
N SER B 177 -0.45 -13.93 9.27
CA SER B 177 -0.71 -14.50 7.95
C SER B 177 -1.55 -13.55 7.12
N GLY B 178 -1.17 -12.28 7.11
CA GLY B 178 -1.87 -11.27 6.35
C GLY B 178 -0.92 -10.42 5.55
N PRO B 179 -1.46 -9.56 4.69
CA PRO B 179 -0.60 -8.70 3.86
C PRO B 179 0.44 -7.94 4.66
N SER B 180 1.71 -8.22 4.43
CA SER B 180 2.82 -7.53 5.07
C SER B 180 3.56 -6.73 4.00
N THR B 181 3.45 -5.41 4.06
CA THR B 181 4.01 -4.53 3.05
C THR B 181 4.70 -3.36 3.71
N ALA B 182 5.69 -2.81 3.01
CA ALA B 182 6.42 -1.62 3.46
C ALA B 182 6.07 -0.46 2.54
N TYR B 183 5.83 0.70 3.14
CA TYR B 183 5.39 1.88 2.42
C TYR B 183 6.42 3.00 2.57
N ASN B 184 6.53 3.82 1.52
CA ASN B 184 7.44 4.97 1.54
C ASN B 184 6.74 6.11 0.80
N THR B 185 6.09 6.99 1.55
CA THR B 185 5.40 8.15 1.00
C THR B 185 6.03 9.46 1.50
N ALA B 186 7.16 9.37 2.18
CA ALA B 186 7.84 10.53 2.76
C ALA B 186 7.16 10.96 4.03
O MCS B 187 4.55 12.68 6.94
C MCS B 187 5.04 12.35 5.83
CA MCS B 187 6.48 12.74 5.50
N MCS B 187 6.94 12.25 4.20
CB MCS B 187 6.59 14.26 5.59
SAI MCS B 187 7.82 14.92 4.40
CAK MCS B 187 9.54 14.58 4.84
OAC MCS B 187 10.20 15.48 5.25
CAG MCS B 187 10.25 13.54 3.97
CAJ MCS B 187 11.59 13.07 4.51
OAE MCS B 187 11.91 11.87 4.36
OAB MCS B 187 12.50 13.92 4.72
HA MCS B 187 7.05 12.36 6.19
H MCS B 187 7.68 12.69 4.01
HBC1 MCS B 187 5.72 14.63 5.37
HBC2 MCS B 187 6.84 14.52 6.51
HAG1 MCS B 187 10.39 13.92 3.10
HAG2 MCS B 187 9.67 12.77 3.90
N SER B 188 4.36 11.67 4.92
CA SER B 188 2.98 11.26 5.15
C SER B 188 2.82 9.78 4.85
N THR B 189 3.74 8.97 5.38
CA THR B 189 3.69 7.54 5.16
C THR B 189 2.89 6.81 6.23
N SER B 190 2.88 7.32 7.46
CA SER B 190 2.17 6.62 8.54
C SER B 190 0.67 6.60 8.29
N LEU B 191 0.10 7.70 7.81
CA LEU B 191 -1.32 7.73 7.49
C LEU B 191 -1.64 7.02 6.19
N VAL B 192 -0.64 6.79 5.33
CA VAL B 192 -0.85 5.95 4.15
C VAL B 192 -0.96 4.49 4.54
N CYS B 193 -0.18 4.06 5.53
CA CYS B 193 -0.31 2.70 6.04
C CYS B 193 -1.63 2.51 6.78
N LEU B 194 -2.08 3.54 7.50
CA LEU B 194 -3.39 3.47 8.14
C LEU B 194 -4.50 3.34 7.09
N ASP B 195 -4.38 4.06 5.99
CA ASP B 195 -5.35 3.93 4.91
C ASP B 195 -5.36 2.51 4.34
N ALA B 196 -4.18 1.92 4.13
CA ALA B 196 -4.12 0.56 3.63
C ALA B 196 -4.71 -0.42 4.64
N ALA B 197 -4.47 -0.21 5.93
CA ALA B 197 -5.05 -1.09 6.94
C ALA B 197 -6.57 -0.98 6.94
N GLU B 198 -7.10 0.23 6.81
CA GLU B 198 -8.54 0.39 6.73
C GLU B 198 -9.09 -0.30 5.49
N ARG B 199 -8.40 -0.16 4.35
CA ARG B 199 -8.85 -0.78 3.11
C ARG B 199 -8.87 -2.30 3.23
N HIS B 200 -7.84 -2.89 3.83
CA HIS B 200 -7.76 -4.35 3.93
C HIS B 200 -8.70 -4.89 5.00
N LEU B 201 -8.87 -4.17 6.11
CA LEU B 201 -9.79 -4.62 7.15
C LEU B 201 -11.22 -4.65 6.63
N ARG B 202 -11.61 -3.63 5.86
CA ARG B 202 -12.99 -3.54 5.38
C ARG B 202 -13.31 -4.53 4.27
N MET B 203 -12.30 -5.02 3.56
CA MET B 203 -12.54 -6.03 2.53
C MET B 203 -12.68 -7.43 3.11
N GLY B 204 -12.17 -7.67 4.31
CA GLY B 204 -12.31 -8.94 4.99
C GLY B 204 -11.07 -9.80 5.00
N VAL B 205 -9.96 -9.34 4.44
CA VAL B 205 -8.75 -10.16 4.41
C VAL B 205 -8.18 -10.32 5.81
N ILE B 206 -8.22 -9.27 6.61
CA ILE B 206 -7.56 -9.24 7.91
C ILE B 206 -8.56 -8.84 8.98
N ASP B 207 -8.23 -9.20 10.22
CA ASP B 207 -8.97 -8.79 11.39
C ASP B 207 -8.23 -7.78 12.25
N ASN B 208 -6.91 -7.69 12.10
CA ASN B 208 -6.10 -6.77 12.87
C ASN B 208 -5.10 -6.09 11.93
N ALA B 209 -4.42 -5.06 12.44
CA ALA B 209 -3.40 -4.37 11.67
C ALA B 209 -2.34 -3.84 12.63
N ILE B 210 -1.10 -3.81 12.15
CA ILE B 210 0.04 -3.41 12.98
C ILE B 210 0.66 -2.15 12.39
N VAL B 211 -0.18 -1.28 11.84
CA VAL B 211 0.27 -0.04 11.22
C VAL B 211 1.31 0.64 12.11
N GLY B 212 2.42 1.04 11.51
CA GLY B 212 3.47 1.69 12.27
C GLY B 212 4.52 2.28 11.35
N GLY B 213 5.67 2.60 11.94
CA GLY B 213 6.77 3.17 11.18
C GLY B 213 7.84 3.74 12.07
N SER B 214 9.10 3.67 11.62
CA SER B 214 10.24 4.13 12.38
C SER B 214 11.12 5.03 11.51
N ASN B 215 11.86 5.92 12.17
CA ASN B 215 12.75 6.83 11.46
C ASN B 215 13.85 7.27 12.42
N PHE B 216 15.08 6.88 12.14
CA PHE B 216 16.25 7.28 12.93
C PHE B 216 17.26 7.96 12.03
N ILE B 217 17.92 8.99 12.55
CA ILE B 217 18.88 9.77 11.78
C ILE B 217 20.29 9.24 12.04
N TYR B 218 21.03 8.99 10.97
CA TYR B 218 22.36 8.38 11.08
C TYR B 218 23.44 9.12 10.30
N ARG B 219 23.08 9.80 9.21
CA ARG B 219 24.06 10.41 8.33
C ARG B 219 23.96 11.92 8.36
N PRO B 220 24.96 12.65 8.87
CA PRO B 220 24.87 14.12 8.83
C PRO B 220 24.80 14.69 7.43
N ALA B 221 25.35 13.98 6.44
CA ALA B 221 25.27 14.46 5.06
C ALA B 221 23.82 14.52 4.59
N THR B 222 22.95 13.66 5.12
CA THR B 222 21.52 13.78 4.82
C THR B 222 20.96 15.08 5.37
N THR B 223 21.37 15.47 6.58
CA THR B 223 20.93 16.74 7.11
C THR B 223 21.44 17.90 6.27
N LYS B 224 22.69 17.80 5.79
CA LYS B 224 23.21 18.83 4.89
C LYS B 224 22.40 18.89 3.61
N LEU B 225 22.05 17.73 3.06
CA LEU B 225 21.26 17.68 1.84
C LEU B 225 19.90 18.35 2.05
N PHE B 226 19.24 18.07 3.17
CA PHE B 226 17.97 18.73 3.47
C PHE B 226 18.16 20.23 3.66
N MET B 227 19.25 20.64 4.29
CA MET B 227 19.51 22.07 4.48
C MET B 227 19.69 22.77 3.16
N GLY B 228 20.37 22.13 2.21
CA GLY B 228 20.58 22.73 0.90
C GLY B 228 19.30 23.04 0.16
N MET B 229 18.20 22.39 0.53
CA MET B 229 16.89 22.65 -0.07
C MET B 229 16.07 23.65 0.72
N ASN B 230 16.65 24.26 1.76
CA ASN B 230 15.95 25.22 2.61
C ASN B 230 14.87 24.58 3.46
N PHE B 231 14.91 23.26 3.61
CA PHE B 231 13.89 22.56 4.39
C PHE B 231 13.99 22.93 5.87
N LEU B 232 15.20 22.90 6.41
CA LEU B 232 15.41 23.07 7.85
C LEU B 232 15.48 24.55 8.22
N GLY B 233 15.11 24.84 9.47
CA GLY B 233 15.18 26.17 10.01
C GLY B 233 16.30 26.33 11.02
N SER B 234 16.30 27.48 11.69
CA SER B 234 17.33 27.77 12.67
C SER B 234 17.00 27.15 14.02
N SER B 235 15.87 27.53 14.61
CA SER B 235 15.47 27.06 15.92
C SER B 235 14.46 25.92 15.78
N THR B 236 13.88 25.53 16.91
CA THR B 236 12.88 24.46 16.91
C THR B 236 11.68 24.88 16.08
N CYS B 237 10.90 23.89 15.64
CA CYS B 237 9.72 24.15 14.82
C CYS B 237 8.81 25.16 15.50
N LYS B 238 8.64 26.32 14.86
CA LYS B 238 7.78 27.37 15.38
C LYS B 238 6.41 27.28 14.70
N ALA B 239 5.69 26.22 15.05
CA ALA B 239 4.39 25.97 14.41
C ALA B 239 3.47 27.15 14.63
N PHE B 240 2.83 27.60 13.54
CA PHE B 240 1.88 28.71 13.57
C PHE B 240 2.50 30.00 14.09
N ASP B 241 3.83 30.11 14.06
CA ASP B 241 4.52 31.30 14.53
C ASP B 241 5.00 32.12 13.34
N GLU B 242 4.91 33.44 13.46
CA GLU B 242 5.30 34.31 12.36
C GLU B 242 6.78 34.19 12.03
N SER B 243 7.60 33.73 12.98
CA SER B 243 9.04 33.61 12.77
C SER B 243 9.46 32.23 12.28
N GLY B 244 8.50 31.34 12.03
CA GLY B 244 8.83 30.01 11.54
C GLY B 244 9.60 30.05 10.24
N ASP B 245 10.68 29.27 10.16
CA ASP B 245 11.50 29.25 8.95
C ASP B 245 11.94 27.84 8.57
N GLY B 246 11.38 26.80 9.17
CA GLY B 246 11.76 25.45 8.85
C GLY B 246 11.42 24.52 10.00
N PHE B 247 11.89 23.28 9.87
CA PHE B 247 11.64 22.24 10.85
C PHE B 247 12.97 21.65 11.32
N VAL B 248 12.89 20.86 12.39
CA VAL B 248 14.04 20.18 12.96
C VAL B 248 13.79 18.68 12.91
N ARG B 249 14.80 17.93 12.48
CA ARG B 249 14.63 16.50 12.30
C ARG B 249 14.42 15.80 13.64
N GLY B 250 13.63 14.72 13.60
CA GLY B 250 13.33 13.96 14.81
C GLY B 250 13.41 12.48 14.54
N GLU B 251 13.29 11.70 15.62
CA GLU B 251 13.38 10.25 15.56
C GLU B 251 12.18 9.63 16.25
N VAL B 252 11.59 8.62 15.62
CA VAL B 252 10.43 7.92 16.18
C VAL B 252 10.50 6.46 15.73
N ALA B 253 9.97 5.57 16.56
CA ALA B 253 9.86 4.15 16.24
C ALA B 253 8.52 3.62 16.70
N SER B 254 7.45 4.39 16.50
CA SER B 254 6.15 4.06 17.05
C SER B 254 5.42 3.03 16.18
N ALA B 255 4.41 2.41 16.78
CA ALA B 255 3.55 1.47 16.08
C ALA B 255 2.24 1.36 16.86
N ILE B 256 1.17 1.02 16.13
CA ILE B 256 -0.16 0.90 16.72
C ILE B 256 -0.79 -0.41 16.25
N LEU B 257 -1.80 -0.86 16.99
CA LEU B 257 -2.57 -2.05 16.66
C LEU B 257 -4.02 -1.65 16.47
N LEU B 258 -4.61 -2.11 15.37
CA LEU B 258 -6.01 -1.86 15.05
C LEU B 258 -6.77 -3.18 15.07
N LYS B 259 -7.99 -3.16 15.57
CA LYS B 259 -8.80 -4.37 15.64
C LYS B 259 -10.26 -4.01 15.43
N LYS B 260 -11.04 -5.01 15.02
CA LYS B 260 -12.48 -4.83 14.94
C LYS B 260 -13.03 -4.51 16.32
N ALA B 261 -13.89 -3.48 16.39
CA ALA B 261 -14.34 -2.99 17.68
C ALA B 261 -15.05 -4.06 18.49
N ASP B 262 -15.66 -5.05 17.83
CA ASP B 262 -16.40 -6.07 18.56
C ASP B 262 -15.50 -7.07 19.26
N THR B 263 -14.25 -7.23 18.80
CA THR B 263 -13.32 -8.19 19.39
C THR B 263 -12.16 -7.53 20.12
N ALA B 264 -12.26 -6.24 20.42
CA ALA B 264 -11.17 -5.51 21.06
C ALA B 264 -11.34 -5.52 22.57
N LYS B 265 -10.27 -5.83 23.29
CA LYS B 265 -10.26 -5.80 24.74
C LYS B 265 -9.89 -4.43 25.30
N ARG B 266 -9.45 -3.50 24.46
CA ARG B 266 -9.19 -2.13 24.87
C ARG B 266 -9.33 -1.24 23.65
N VAL B 267 -10.07 -0.14 23.79
CA VAL B 267 -10.38 0.74 22.67
C VAL B 267 -10.00 2.15 23.09
N TYR B 268 -8.85 2.63 22.61
CA TYR B 268 -8.50 4.03 22.81
C TYR B 268 -9.47 4.93 22.06
N CYS B 269 -9.86 4.55 20.85
CA CYS B 269 -10.73 5.37 20.00
C CYS B 269 -11.20 4.50 18.84
N THR B 270 -11.92 5.12 17.91
CA THR B 270 -12.44 4.45 16.73
C THR B 270 -11.99 5.20 15.50
N LEU B 271 -11.61 4.46 14.46
CA LEU B 271 -11.17 5.04 13.20
C LEU B 271 -12.40 5.29 12.33
N VAL B 272 -12.88 6.53 12.32
CA VAL B 272 -14.03 6.87 11.49
C VAL B 272 -13.70 6.66 10.02
N GLY B 273 -12.53 7.10 9.60
CA GLY B 273 -12.11 6.93 8.22
C GLY B 273 -10.87 7.73 7.88
N SER B 274 -10.10 7.22 6.92
CA SER B 274 -8.91 7.91 6.44
C SER B 274 -8.89 7.84 4.92
N MET B 275 -8.30 8.86 4.30
CA MET B 275 -8.23 8.93 2.85
C MET B 275 -6.96 9.67 2.43
N LEU B 276 -6.60 9.50 1.17
CA LEU B 276 -5.38 10.05 0.60
C LEU B 276 -5.69 10.71 -0.73
N ASN B 277 -4.83 11.65 -1.12
CA ASN B 277 -4.97 12.28 -2.42
C ASN B 277 -3.63 12.90 -2.80
N ASN B 278 -3.55 13.45 -4.01
CA ASN B 278 -2.34 14.04 -4.53
C ASN B 278 -2.63 15.45 -5.02
N ASP B 279 -1.57 16.23 -5.20
CA ASP B 279 -1.69 17.63 -5.60
C ASP B 279 -1.76 17.81 -7.11
N GLY B 280 -0.95 17.06 -7.86
CA GLY B 280 -0.92 17.21 -9.30
C GLY B 280 0.15 18.17 -9.76
N ASN B 281 -0.07 18.71 -10.96
CA ASN B 281 0.88 19.60 -11.61
C ASN B 281 0.63 21.02 -11.11
N GLN B 282 1.28 21.38 -10.01
CA GLN B 282 1.20 22.74 -9.49
C GLN B 282 2.33 23.58 -10.05
N THR B 283 2.05 24.87 -10.26
CA THR B 283 3.01 25.77 -10.88
C THR B 283 4.07 26.27 -9.92
N ASN B 284 3.94 25.99 -8.63
CA ASN B 284 4.88 26.46 -7.62
C ASN B 284 5.98 25.45 -7.30
N GLY B 285 6.05 24.37 -8.04
CA GLY B 285 7.08 23.36 -7.83
C GLY B 285 6.52 22.12 -7.17
N ILE B 286 7.25 21.01 -7.32
CA ILE B 286 6.81 19.74 -6.76
C ILE B 286 6.84 19.80 -5.25
N LEU B 287 7.83 20.46 -4.67
CA LEU B 287 7.95 20.59 -3.22
C LEU B 287 7.23 21.85 -2.74
N TYR B 288 5.94 21.93 -3.06
CA TYR B 288 5.12 23.04 -2.64
C TYR B 288 3.75 22.48 -2.25
N PRO B 289 3.24 22.81 -1.06
CA PRO B 289 1.92 22.32 -0.67
C PRO B 289 0.83 22.90 -1.55
N ASN B 290 -0.21 22.09 -1.78
CA ASN B 290 -1.36 22.50 -2.57
C ASN B 290 -2.55 22.65 -1.63
N SER B 291 -2.93 23.90 -1.35
CA SER B 291 -4.06 24.14 -0.46
C SER B 291 -5.34 23.54 -1.03
N GLU B 292 -5.54 23.67 -2.34
CA GLU B 292 -6.75 23.15 -2.96
C GLU B 292 -6.83 21.64 -2.80
N ALA B 293 -5.72 20.93 -2.98
CA ALA B 293 -5.73 19.48 -2.86
C ALA B 293 -6.08 19.05 -1.44
N GLN B 294 -5.48 19.70 -0.44
CA GLN B 294 -5.77 19.35 0.94
C GLN B 294 -7.22 19.68 1.29
N GLU B 295 -7.72 20.82 0.82
CA GLU B 295 -9.12 21.18 1.08
C GLU B 295 -10.07 20.19 0.43
N GLN B 296 -9.79 19.77 -0.80
CA GLN B 296 -10.62 18.78 -1.45
C GLN B 296 -10.57 17.43 -0.73
N LEU B 297 -9.39 17.03 -0.26
CA LEU B 297 -9.29 15.79 0.49
C LEU B 297 -10.13 15.86 1.76
N MET B 298 -10.05 16.99 2.47
CA MET B 298 -10.85 17.16 3.68
C MET B 298 -12.33 17.11 3.36
N THR B 299 -12.76 17.83 2.32
CA THR B 299 -14.17 17.84 1.96
C THR B 299 -14.64 16.44 1.60
N ASP B 300 -13.84 15.70 0.83
CA ASP B 300 -14.22 14.34 0.44
C ASP B 300 -14.32 13.42 1.65
N ILE B 301 -13.37 13.51 2.59
CA ILE B 301 -13.40 12.58 3.72
C ILE B 301 -14.56 12.92 4.65
N TYR B 302 -14.85 14.21 4.85
CA TYR B 302 -15.97 14.58 5.71
C TYR B 302 -17.33 14.41 5.03
N SER B 303 -17.37 14.29 3.71
CA SER B 303 -18.64 14.08 3.02
C SER B 303 -18.93 12.60 2.79
N THR B 304 -17.91 11.79 2.52
CA THR B 304 -18.12 10.37 2.29
C THR B 304 -18.69 9.69 3.52
N HIS B 305 -18.18 10.04 4.70
CA HIS B 305 -18.64 9.46 5.96
C HIS B 305 -19.78 10.25 6.58
N LYS B 306 -20.25 11.31 5.92
CA LYS B 306 -21.35 12.13 6.43
C LYS B 306 -21.01 12.73 7.79
N ILE B 307 -19.74 12.94 8.07
CA ILE B 307 -19.32 13.51 9.35
C ILE B 307 -19.51 15.02 9.30
N ASP B 308 -20.22 15.55 10.29
CA ASP B 308 -20.40 16.99 10.40
C ASP B 308 -19.06 17.62 10.79
N ALA B 309 -18.45 18.34 9.85
CA ALA B 309 -17.14 18.92 10.11
C ALA B 309 -17.14 19.88 11.28
N ASN B 310 -18.30 20.44 11.62
CA ASN B 310 -18.37 21.34 12.77
C ASN B 310 -18.25 20.61 14.09
N GLU B 311 -18.28 19.27 14.09
CA GLU B 311 -18.18 18.48 15.31
C GLU B 311 -16.75 18.24 15.75
N VAL B 312 -15.76 18.59 14.93
CA VAL B 312 -14.37 18.37 15.29
C VAL B 312 -14.01 19.24 16.48
N LYS B 313 -13.43 18.63 17.51
CA LYS B 313 -13.03 19.38 18.71
C LYS B 313 -11.57 19.80 18.64
N TYR B 314 -10.68 18.88 18.30
CA TYR B 314 -9.26 19.16 18.18
C TYR B 314 -8.78 18.77 16.80
N PHE B 315 -7.81 19.53 16.28
CA PHE B 315 -7.27 19.30 14.95
C PHE B 315 -5.75 19.18 15.03
N GLU B 316 -5.25 17.97 14.87
CA GLU B 316 -3.81 17.72 14.86
C GLU B 316 -3.29 18.10 13.49
N CYS B 317 -2.75 19.31 13.36
CA CYS B 317 -2.28 19.79 12.08
C CYS B 317 -0.86 19.31 11.82
N HIS B 318 -0.48 19.33 10.54
CA HIS B 318 0.88 19.00 10.12
C HIS B 318 1.72 20.28 10.16
N GLY B 319 2.03 20.71 11.38
CA GLY B 319 2.71 21.97 11.59
C GLY B 319 4.21 21.90 11.40
N THR B 320 4.65 21.81 10.14
CA THR B 320 6.08 21.76 9.86
C THR B 320 6.78 23.02 10.34
N GLY B 321 6.07 24.15 10.38
CA GLY B 321 6.66 25.41 10.79
C GLY B 321 7.22 26.26 9.68
N THR B 322 7.10 25.83 8.43
CA THR B 322 7.60 26.61 7.31
C THR B 322 6.65 27.76 6.98
N GLN B 323 7.16 28.73 6.22
CA GLN B 323 6.37 29.88 5.81
C GLN B 323 5.43 29.56 4.65
N ALA B 324 5.61 28.43 3.99
CA ALA B 324 4.76 28.02 2.87
C ALA B 324 3.84 26.87 3.20
N GLY B 325 4.05 26.17 4.31
CA GLY B 325 3.23 25.04 4.67
C GLY B 325 2.11 25.39 5.62
N ASP B 326 2.44 26.11 6.70
CA ASP B 326 1.43 26.45 7.69
C ASP B 326 0.31 27.30 7.11
N PRO B 327 0.58 28.36 6.35
CA PRO B 327 -0.54 29.17 5.82
C PRO B 327 -1.50 28.37 4.96
N ASN B 328 -0.98 27.52 4.07
CA ASN B 328 -1.86 26.76 3.18
C ASN B 328 -2.66 25.72 3.94
N GLU B 329 -2.03 25.02 4.87
CA GLU B 329 -2.75 24.05 5.68
C GLU B 329 -3.84 24.72 6.50
N THR B 330 -3.53 25.87 7.11
CA THR B 330 -4.54 26.58 7.89
C THR B 330 -5.67 27.08 7.00
N ARG B 331 -5.35 27.56 5.80
CA ARG B 331 -6.42 27.99 4.89
C ARG B 331 -7.32 26.84 4.51
N ALA B 332 -6.74 25.67 4.21
CA ALA B 332 -7.54 24.52 3.87
C ALA B 332 -8.42 24.09 5.04
N ILE B 333 -7.86 24.09 6.25
CA ILE B 333 -8.64 23.72 7.43
C ILE B 333 -9.78 24.72 7.63
N CYS B 334 -9.50 26.01 7.48
CA CYS B 334 -10.54 27.01 7.65
C CYS B 334 -11.65 26.84 6.62
N ASN B 335 -11.29 26.53 5.38
CA ASN B 335 -12.28 26.41 4.33
C ASN B 335 -13.10 25.13 4.45
N ALA B 336 -12.50 24.05 4.97
CA ALA B 336 -13.16 22.75 4.99
C ALA B 336 -13.86 22.42 6.30
N VAL B 337 -13.25 22.72 7.44
CA VAL B 337 -13.76 22.27 8.72
C VAL B 337 -14.27 23.42 9.58
N CYS B 338 -13.88 24.66 9.32
CA CYS B 338 -14.34 25.79 10.11
C CYS B 338 -15.56 26.48 9.51
N LYS B 339 -16.10 25.96 8.41
CA LYS B 339 -17.28 26.55 7.78
C LYS B 339 -18.51 26.12 8.57
N GLY B 340 -19.11 27.07 9.30
CA GLY B 340 -20.26 26.81 10.12
C GLY B 340 -19.97 26.69 11.59
N LYS B 341 -18.71 26.50 11.98
CA LYS B 341 -18.36 26.42 13.39
C LYS B 341 -18.68 27.75 14.08
N LYS B 342 -19.34 27.66 15.24
CA LYS B 342 -19.68 28.83 16.02
C LYS B 342 -18.67 29.15 17.10
N ASP B 343 -17.63 28.35 17.23
CA ASP B 343 -16.58 28.57 18.23
C ASP B 343 -15.24 28.32 17.59
N PRO B 344 -14.16 28.90 18.13
CA PRO B 344 -12.84 28.65 17.56
C PRO B 344 -12.49 27.16 17.57
N LEU B 345 -11.81 26.72 16.53
CA LEU B 345 -11.39 25.33 16.38
C LEU B 345 -9.97 25.20 16.89
N LEU B 346 -9.77 24.33 17.88
CA LEU B 346 -8.47 24.21 18.53
C LEU B 346 -7.54 23.39 17.64
N ILE B 347 -6.52 24.04 17.09
CA ILE B 347 -5.52 23.38 16.26
C ILE B 347 -4.27 23.14 17.08
N GLY B 348 -3.46 22.20 16.63
CA GLY B 348 -2.21 21.92 17.31
C GLY B 348 -1.35 20.99 16.48
N SER B 349 -0.16 20.73 16.99
CA SER B 349 0.78 19.84 16.33
C SER B 349 1.73 19.27 17.36
N ILE B 350 2.38 18.17 17.00
CA ILE B 350 3.37 17.52 17.84
C ILE B 350 4.77 17.73 17.27
N LYS B 351 4.93 18.73 16.42
CA LYS B 351 6.22 19.05 15.83
C LYS B 351 6.95 20.16 16.55
N SER B 352 6.23 21.04 17.26
CA SER B 352 6.89 22.03 18.09
C SER B 352 7.40 21.45 19.40
N ASN B 353 6.99 20.22 19.74
CA ASN B 353 7.43 19.56 20.95
C ASN B 353 8.64 18.66 20.70
N LEU B 354 8.60 17.87 19.64
CA LEU B 354 9.68 16.92 19.35
C LEU B 354 10.21 17.04 17.93
N GLY B 355 9.86 18.09 17.21
CA GLY B 355 10.38 18.28 15.87
C GLY B 355 9.66 17.44 14.83
N HIS B 356 10.27 17.39 13.65
CA HIS B 356 9.69 16.72 12.49
C HIS B 356 10.29 15.34 12.37
N GLY B 357 9.44 14.31 12.42
CA GLY B 357 9.89 12.94 12.37
C GLY B 357 10.11 12.38 10.99
N GLU B 358 9.92 13.17 9.95
CA GLU B 358 10.12 12.76 8.56
C GLU B 358 9.14 11.63 8.27
N THR B 359 9.59 10.42 7.99
CA THR B 359 8.68 9.32 7.64
C THR B 359 7.86 8.82 8.83
N ALA B 360 7.98 9.44 10.00
CA ALA B 360 7.20 9.04 11.17
C ALA B 360 6.47 10.23 11.78
N SER B 361 6.08 11.20 10.95
CA SER B 361 5.28 12.31 11.46
C SER B 361 3.83 11.91 11.68
N GLY B 362 3.28 11.11 10.78
CA GLY B 362 1.91 10.67 10.98
C GLY B 362 1.74 9.79 12.20
N ILE B 363 2.72 8.93 12.48
CA ILE B 363 2.67 8.13 13.70
C ILE B 363 2.81 9.01 14.92
N ASN B 364 3.59 10.09 14.84
CA ASN B 364 3.66 11.05 15.92
C ASN B 364 2.30 11.69 16.18
N GLY B 365 1.62 12.09 15.10
CA GLY B 365 0.29 12.67 15.26
C GLY B 365 -0.69 11.67 15.86
N ILE B 366 -0.62 10.42 15.41
CA ILE B 366 -1.50 9.39 15.96
C ILE B 366 -1.21 9.19 17.44
N SER B 367 0.07 9.19 17.83
CA SER B 367 0.41 9.05 19.24
C SER B 367 -0.16 10.20 20.06
N LYS B 368 -0.02 11.44 19.57
CA LYS B 368 -0.58 12.57 20.30
C LYS B 368 -2.09 12.52 20.35
N VAL B 369 -2.74 12.00 19.30
CA VAL B 369 -4.20 11.90 19.29
C VAL B 369 -4.66 10.84 20.29
N ILE B 370 -3.94 9.72 20.37
CA ILE B 370 -4.31 8.68 21.31
C ILE B 370 -3.95 9.07 22.74
N ILE B 371 -3.03 10.01 22.91
CA ILE B 371 -2.72 10.52 24.24
C ILE B 371 -3.72 11.59 24.67
N THR B 372 -4.18 12.42 23.72
CA THR B 372 -5.18 13.44 24.05
C THR B 372 -6.51 12.81 24.40
N MET B 373 -6.89 11.73 23.71
CA MET B 373 -8.16 11.07 23.95
C MET B 373 -8.09 10.02 25.03
N HIS B 374 -6.89 9.69 25.52
CA HIS B 374 -6.75 8.82 26.68
C HIS B 374 -6.70 9.63 27.98
N SER B 375 -5.82 10.62 28.04
CA SER B 375 -5.80 11.54 29.16
C SER B 375 -6.95 12.55 29.12
N ARG B 376 -7.65 12.64 28.00
CA ARG B 376 -8.77 13.56 27.82
C ARG B 376 -8.35 15.02 27.98
N GLN B 377 -7.07 15.32 27.76
CA GLN B 377 -6.56 16.68 27.81
C GLN B 377 -5.68 16.92 26.59
N ILE B 378 -5.82 18.09 25.99
CA ILE B 378 -5.05 18.46 24.80
C ILE B 378 -3.66 18.94 25.23
N PRO B 379 -2.58 18.30 24.78
CA PRO B 379 -1.26 18.76 25.19
C PRO B 379 -0.99 20.15 24.70
N PRO B 380 -0.22 20.94 25.44
CA PRO B 380 0.09 22.30 24.99
C PRO B 380 0.97 22.32 23.76
N ASN B 381 0.90 23.43 23.03
CA ASN B 381 1.74 23.68 21.87
C ASN B 381 2.83 24.67 22.25
N LEU B 382 4.07 24.34 21.93
CA LEU B 382 5.23 25.13 22.33
C LEU B 382 5.65 26.10 21.24
N HIS B 383 6.23 27.22 21.66
CA HIS B 383 6.88 28.20 20.79
C HIS B 383 5.90 29.03 19.98
N PHE B 384 4.61 29.00 20.30
CA PHE B 384 3.63 29.85 19.62
C PHE B 384 3.53 31.16 20.37
N LYS B 385 4.37 32.11 20.00
CA LYS B 385 4.42 33.40 20.67
C LYS B 385 3.56 34.43 19.96
N ASN B 386 3.85 34.69 18.68
CA ASN B 386 3.14 35.66 17.89
C ASN B 386 2.43 34.97 16.72
N PRO B 387 1.12 35.16 16.54
CA PRO B 387 0.43 34.47 15.45
C PRO B 387 0.97 34.91 14.10
N ASN B 388 1.00 33.97 13.16
CA ASN B 388 1.50 34.26 11.84
C ASN B 388 0.60 35.27 11.15
N PRO B 389 1.12 36.40 10.66
CA PRO B 389 0.25 37.37 9.98
C PRO B 389 -0.41 36.83 8.73
N LYS B 390 0.14 35.78 8.12
CA LYS B 390 -0.42 35.21 6.91
C LYS B 390 -1.53 34.21 7.21
N ILE B 391 -1.84 33.95 8.47
CA ILE B 391 -2.90 33.02 8.86
C ILE B 391 -4.07 33.84 9.39
N PRO B 392 -4.97 34.33 8.53
CA PRO B 392 -6.07 35.16 9.02
C PRO B 392 -6.98 34.45 10.01
N GLY B 393 -7.00 33.11 10.00
CA GLY B 393 -7.89 32.40 10.90
C GLY B 393 -7.58 32.64 12.37
N LEU B 394 -6.32 32.96 12.69
CA LEU B 394 -5.94 33.21 14.07
C LEU B 394 -6.40 34.56 14.57
N PHE B 395 -6.73 35.49 13.67
CA PHE B 395 -7.24 36.80 14.07
C PHE B 395 -8.75 36.93 13.91
N ASP B 396 -9.36 36.13 13.03
CA ASP B 396 -10.80 36.16 12.85
C ASP B 396 -11.55 35.33 13.89
N GLY B 397 -10.83 34.60 14.75
CA GLY B 397 -11.45 33.78 15.76
C GLY B 397 -11.82 32.39 15.30
N ARG B 398 -11.58 32.04 14.04
CA ARG B 398 -11.90 30.70 13.57
C ARG B 398 -10.90 29.67 14.08
N LEU B 399 -9.62 30.04 14.17
CA LEU B 399 -8.57 29.15 14.63
C LEU B 399 -8.03 29.63 15.97
N LYS B 400 -7.56 28.68 16.77
CA LYS B 400 -7.01 28.99 18.09
C LYS B 400 -6.02 27.90 18.45
N VAL B 401 -4.72 28.23 18.41
CA VAL B 401 -3.69 27.26 18.78
C VAL B 401 -3.80 26.96 20.27
N VAL B 402 -3.74 25.67 20.62
CA VAL B 402 -3.83 25.26 22.01
C VAL B 402 -2.47 25.42 22.67
N THR B 403 -2.23 26.58 23.26
CA THR B 403 -0.95 26.88 23.91
C THR B 403 -0.86 26.32 25.32
N GLU B 404 -1.98 25.89 25.91
CA GLU B 404 -1.98 25.34 27.25
C GLU B 404 -2.96 24.18 27.31
N THR B 405 -2.79 23.34 28.33
CA THR B 405 -3.64 22.16 28.48
C THR B 405 -5.12 22.54 28.44
N THR B 406 -5.84 21.95 27.49
CA THR B 406 -7.25 22.23 27.29
C THR B 406 -8.06 20.98 27.56
N PRO B 407 -9.16 21.06 28.32
CA PRO B 407 -9.93 19.84 28.65
C PRO B 407 -10.82 19.33 27.52
N PHE B 408 -10.22 18.54 26.62
CA PHE B 408 -10.99 17.87 25.58
C PHE B 408 -11.95 16.87 26.20
N ASP B 409 -13.26 17.11 26.05
CA ASP B 409 -14.25 16.25 26.69
C ASP B 409 -14.56 15.03 25.83
N GLY B 410 -14.83 15.24 24.54
CA GLY B 410 -15.14 14.15 23.65
C GLY B 410 -15.56 14.61 22.28
N GLY B 411 -15.52 13.71 21.29
CA GLY B 411 -15.91 14.07 19.94
C GLY B 411 -14.97 13.50 18.89
N LEU B 412 -14.72 14.25 17.84
CA LEU B 412 -13.89 13.82 16.73
C LEU B 412 -12.59 14.60 16.71
N ILE B 413 -11.50 13.92 16.35
CA ILE B 413 -10.18 14.53 16.21
C ILE B 413 -9.65 14.18 14.82
N ALA B 414 -9.20 15.20 14.10
CA ALA B 414 -8.73 15.04 12.74
C ALA B 414 -7.21 15.19 12.70
N ILE B 415 -6.56 14.38 11.87
CA ILE B 415 -5.11 14.41 11.70
C ILE B 415 -4.79 14.51 10.22
N ASN B 416 -3.84 15.38 9.88
CA ASN B 416 -3.36 15.55 8.52
C ASN B 416 -1.91 15.10 8.44
N SER B 417 -1.49 14.71 7.24
CA SER B 417 -0.10 14.37 6.99
C SER B 417 0.17 14.67 5.52
N PHE B 418 0.82 15.80 5.26
CA PHE B 418 1.12 16.23 3.90
C PHE B 418 2.57 15.85 3.59
N GLY B 419 2.74 14.77 2.84
CA GLY B 419 4.08 14.34 2.48
C GLY B 419 4.69 15.22 1.41
N MET B 420 6.02 15.29 1.43
CA MET B 420 6.73 16.03 0.41
C MET B 420 6.50 15.36 -0.95
N GLY B 421 6.24 16.18 -1.97
CA GLY B 421 5.88 15.69 -3.28
C GLY B 421 4.40 15.82 -3.60
N GLY B 422 3.56 16.05 -2.60
CA GLY B 422 2.16 16.34 -2.81
C GLY B 422 1.19 15.26 -2.41
N THR B 423 1.64 14.18 -1.79
CA THR B 423 0.75 13.10 -1.36
C THR B 423 0.20 13.46 0.03
N ASN B 424 -1.02 13.98 0.05
CA ASN B 424 -1.68 14.34 1.30
C ASN B 424 -2.49 13.17 1.83
N ALA B 425 -2.77 13.24 3.13
CA ALA B 425 -3.50 12.20 3.84
C ALA B 425 -4.28 12.84 4.98
N HIS B 426 -5.51 12.38 5.17
CA HIS B 426 -6.37 12.84 6.26
C HIS B 426 -6.96 11.64 6.98
N ALA B 427 -7.20 11.78 8.27
CA ALA B 427 -7.85 10.72 9.03
C ALA B 427 -8.65 11.34 10.16
N ILE B 428 -9.72 10.64 10.55
CA ILE B 428 -10.61 11.10 11.61
C ILE B 428 -10.76 9.99 12.64
N PHE B 429 -10.67 10.36 13.93
CA PHE B 429 -10.80 9.41 15.02
C PHE B 429 -11.93 9.88 15.94
N ARG B 430 -12.80 8.95 16.33
CA ARG B 430 -13.89 9.23 17.25
C ARG B 430 -13.53 8.70 18.64
N SER B 431 -13.60 9.57 19.63
CA SER B 431 -13.19 9.20 20.99
C SER B 431 -14.11 8.12 21.54
N PHE B 432 -13.54 7.28 22.40
CA PHE B 432 -14.26 6.18 23.04
C PHE B 432 -14.62 6.62 24.46
N ASP B 433 -15.92 6.80 24.71
CA ASP B 433 -16.42 7.32 25.98
C ASP B 433 -17.07 6.16 26.74
N LYS B 434 -16.26 5.48 27.55
CA LYS B 434 -16.73 4.38 28.40
C LYS B 434 -16.15 4.53 29.80
N ARG B 435 -16.30 5.72 30.38
CA ARG B 435 -15.71 6.02 31.69
C ARG B 435 -15.93 4.88 32.67
N ALA B 436 -14.92 4.65 33.51
CA ALA B 436 -14.91 3.48 34.37
C ALA B 436 -16.03 3.55 35.42
N GLU B 437 -16.55 2.38 35.77
CA GLU B 437 -17.48 2.23 36.87
C GLU B 437 -16.87 1.30 37.91
N PRO B 438 -17.15 1.51 39.20
CA PRO B 438 -16.49 0.69 40.23
C PRO B 438 -16.79 -0.79 40.06
N HIS B 439 -15.79 -1.62 40.34
CA HIS B 439 -15.89 -3.06 40.37
C HIS B 439 -16.07 -3.55 41.80
N PRO B 440 -16.71 -4.69 42.04
CA PRO B 440 -16.78 -5.20 43.41
C PRO B 440 -15.41 -5.39 44.03
N ALA B 441 -14.42 -5.74 43.22
CA ALA B 441 -13.03 -5.80 43.67
C ALA B 441 -12.45 -4.39 43.69
N SER B 442 -11.12 -4.29 43.79
CA SER B 442 -10.36 -3.05 43.90
C SER B 442 -10.33 -2.54 45.33
N ASP B 443 -11.01 -3.20 46.27
CA ASP B 443 -10.87 -2.89 47.67
C ASP B 443 -10.53 -4.12 48.50
N LYS B 444 -10.43 -5.29 47.88
CA LYS B 444 -10.08 -6.54 48.54
C LYS B 444 -8.75 -7.04 48.00
N PRO B 445 -8.05 -7.90 48.74
CA PRO B 445 -6.78 -8.41 48.24
C PRO B 445 -6.95 -9.15 46.92
N ARG B 446 -5.99 -8.96 46.02
CA ARG B 446 -6.00 -9.62 44.72
C ARG B 446 -4.60 -10.11 44.41
N LEU B 447 -4.50 -11.16 43.61
CA LEU B 447 -3.21 -11.76 43.25
C LEU B 447 -2.88 -11.35 41.81
N PHE B 448 -1.94 -10.42 41.68
CA PHE B 448 -1.48 -9.97 40.38
C PHE B 448 -0.27 -10.81 39.98
N THR B 449 -0.43 -11.59 38.91
CA THR B 449 0.61 -12.46 38.39
C THR B 449 1.03 -11.96 37.02
N TYR B 450 2.33 -11.97 36.75
CA TYR B 450 2.84 -11.48 35.48
C TYR B 450 4.18 -12.14 35.18
N CYS B 451 4.74 -11.82 34.01
CA CYS B 451 6.02 -12.34 33.59
C CYS B 451 6.75 -11.28 32.79
N ALA B 452 8.07 -11.39 32.75
CA ALA B 452 8.91 -10.41 32.07
C ALA B 452 10.25 -11.06 31.77
N ARG B 453 11.15 -10.27 31.16
CA ARG B 453 12.45 -10.75 30.75
C ARG B 453 13.54 -10.54 31.79
N THR B 454 13.36 -9.56 32.68
CA THR B 454 14.36 -9.24 33.69
C THR B 454 13.68 -9.05 35.05
N GLU B 455 14.45 -9.30 36.10
CA GLU B 455 13.93 -9.13 37.46
C GLU B 455 13.56 -7.68 37.73
N GLU B 456 14.40 -6.74 37.30
CA GLU B 456 14.11 -5.33 37.52
C GLU B 456 12.84 -4.92 36.76
N GLY B 457 12.66 -5.43 35.55
CA GLY B 457 11.45 -5.14 34.81
C GLY B 457 10.20 -5.62 35.53
N LEU B 458 10.26 -6.84 36.07
CA LEU B 458 9.10 -7.36 36.79
C LEU B 458 8.86 -6.59 38.09
N GLN B 459 9.94 -6.14 38.74
CA GLN B 459 9.77 -5.31 39.94
C GLN B 459 9.08 -4.00 39.59
N LYS B 460 9.48 -3.37 38.48
CA LYS B 460 8.82 -2.14 38.05
C LYS B 460 7.36 -2.41 37.69
N ILE B 461 7.10 -3.55 37.06
CA ILE B 461 5.72 -3.91 36.72
C ILE B 461 4.88 -4.04 37.98
N PHE B 462 5.43 -4.69 39.01
CA PHE B 462 4.69 -4.82 40.27
C PHE B 462 4.50 -3.48 40.94
N GLU B 463 5.50 -2.60 40.87
CA GLU B 463 5.32 -1.26 41.42
C GLU B 463 4.19 -0.52 40.72
N GLU B 464 4.12 -0.61 39.40
CA GLU B 464 3.04 0.03 38.66
C GLU B 464 1.70 -0.59 39.01
N ALA B 465 1.66 -1.92 39.16
CA ALA B 465 0.41 -2.58 39.54
C ALA B 465 -0.06 -2.10 40.91
N HIS B 466 0.87 -1.97 41.86
CA HIS B 466 0.51 -1.42 43.16
C HIS B 466 0.01 0.01 43.02
N LYS B 467 0.60 0.78 42.12
CA LYS B 467 0.12 2.14 41.89
C LYS B 467 -1.34 2.14 41.46
N HIS B 468 -1.76 1.13 40.72
CA HIS B 468 -3.13 1.00 40.23
C HIS B 468 -3.86 -0.14 40.92
N ALA B 469 -3.64 -0.30 42.23
CA ALA B 469 -4.29 -1.37 42.98
C ALA B 469 -5.80 -1.23 42.99
N SER B 470 -6.33 -0.03 42.73
CA SER B 470 -7.75 0.22 42.75
C SER B 470 -8.42 0.03 41.39
N ASN B 471 -7.67 -0.43 40.39
CA ASN B 471 -8.20 -0.63 39.04
C ASN B 471 -8.23 -2.11 38.73
N VAL B 472 -9.40 -2.62 38.32
CA VAL B 472 -9.55 -4.02 37.99
C VAL B 472 -9.42 -4.22 36.49
N GLU B 473 -9.81 -3.22 35.70
CA GLU B 473 -9.64 -3.33 34.26
C GLU B 473 -8.16 -3.39 33.89
N PHE B 474 -7.32 -2.62 34.58
CA PHE B 474 -5.88 -2.71 34.38
C PHE B 474 -5.38 -4.10 34.72
N HIS B 475 -5.87 -4.69 35.81
CA HIS B 475 -5.48 -6.04 36.17
C HIS B 475 -5.89 -7.03 35.08
N ALA B 476 -7.08 -6.87 34.52
CA ALA B 476 -7.53 -7.76 33.45
C ALA B 476 -6.65 -7.62 32.22
N LEU B 477 -6.30 -6.38 31.86
CA LEU B 477 -5.44 -6.18 30.71
C LEU B 477 -4.07 -6.82 30.93
N CYS B 478 -3.52 -6.67 32.14
CA CYS B 478 -2.25 -7.33 32.45
C CYS B 478 -2.39 -8.84 32.39
N GLN B 479 -3.49 -9.37 32.91
CA GLN B 479 -3.66 -10.83 32.97
C GLN B 479 -3.83 -11.42 31.58
N GLU B 480 -4.40 -10.68 30.64
CA GLU B 480 -4.60 -11.22 29.30
C GLU B 480 -3.27 -11.66 28.68
N SER B 481 -2.17 -11.05 29.11
CA SER B 481 -0.84 -11.41 28.61
C SER B 481 0.09 -11.89 29.72
N ALA B 482 -0.46 -12.35 30.84
CA ALA B 482 0.33 -12.81 31.97
C ALA B 482 0.56 -14.32 31.95
N ASN B 483 0.05 -15.03 30.95
CA ASN B 483 0.17 -16.47 30.86
C ASN B 483 1.10 -16.92 29.74
N THR B 484 1.96 -16.02 29.25
CA THR B 484 2.89 -16.37 28.21
C THR B 484 3.86 -17.45 28.69
N LYS B 485 4.30 -18.29 27.78
CA LYS B 485 5.14 -19.42 28.14
C LYS B 485 6.47 -18.92 28.71
N PRO B 486 7.11 -19.71 29.57
CA PRO B 486 8.38 -19.27 30.16
C PRO B 486 9.48 -19.02 29.13
N LYS B 487 9.38 -19.61 27.95
CA LYS B 487 10.41 -19.41 26.93
C LYS B 487 10.51 -17.94 26.56
N SER B 488 9.37 -17.29 26.31
CA SER B 488 9.38 -15.91 25.90
C SER B 488 9.73 -14.98 27.06
N LEU B 489 9.13 -15.21 28.23
CA LEU B 489 9.32 -14.36 29.40
C LEU B 489 9.72 -15.24 30.58
N PRO B 490 11.01 -15.52 30.75
CA PRO B 490 11.43 -16.50 31.77
C PRO B 490 11.20 -16.04 33.20
N TYR B 491 11.11 -14.74 33.47
CA TYR B 491 10.98 -14.26 34.85
C TYR B 491 9.51 -14.17 35.21
N ARG B 492 9.04 -15.13 36.00
CA ARG B 492 7.64 -15.19 36.41
C ARG B 492 7.52 -14.66 37.84
N GLY B 493 6.49 -13.85 38.09
CA GLY B 493 6.35 -13.23 39.39
C GLY B 493 4.90 -13.01 39.76
N ALA B 494 4.70 -12.76 41.06
CA ALA B 494 3.37 -12.57 41.61
C ALA B 494 3.45 -11.69 42.84
N THR B 495 2.46 -10.80 43.00
CA THR B 495 2.37 -9.93 44.15
C THR B 495 0.91 -9.73 44.51
N ILE B 496 0.65 -9.45 45.78
CA ILE B 496 -0.72 -9.27 46.26
C ILE B 496 -1.01 -7.78 46.38
N LEU B 497 -1.98 -7.31 45.60
CA LEU B 497 -2.44 -5.94 45.69
C LEU B 497 -3.52 -5.83 46.76
N ASN B 498 -3.53 -4.69 47.45
CA ASN B 498 -4.47 -4.46 48.55
C ASN B 498 -4.30 -5.50 49.65
N ALA B 499 -3.05 -5.72 50.05
CA ALA B 499 -2.71 -6.73 51.04
C ALA B 499 -2.30 -6.07 52.34
N GLU B 500 -2.68 -6.69 53.46
CA GLU B 500 -2.27 -6.19 54.76
C GLU B 500 -0.76 -6.32 54.93
N GLY B 501 -0.20 -7.43 54.47
CA GLY B 501 1.24 -7.66 54.51
C GLY B 501 1.80 -7.75 53.09
N GLU B 502 2.89 -7.04 52.88
CA GLU B 502 3.51 -7.01 51.56
C GLU B 502 3.99 -8.39 51.15
N TYR B 503 3.69 -8.78 49.91
CA TYR B 503 4.16 -10.03 49.34
C TYR B 503 4.63 -9.78 47.91
N THR B 504 5.72 -10.43 47.52
CA THR B 504 6.25 -10.29 46.18
C THR B 504 7.24 -11.41 45.91
N GLU B 505 7.03 -12.16 44.82
CA GLU B 505 7.90 -13.25 44.44
C GLU B 505 8.26 -13.12 42.97
N ILE B 506 9.52 -13.37 42.65
CA ILE B 506 10.02 -13.34 41.28
C ILE B 506 11.05 -14.46 41.13
N GLN B 507 10.83 -15.34 40.16
CA GLN B 507 11.73 -16.47 39.93
C GLN B 507 11.92 -16.69 38.44
N LYS B 508 13.09 -17.19 38.07
CA LYS B 508 13.37 -17.55 36.69
C LYS B 508 12.94 -19.00 36.46
N CYS B 509 11.96 -19.20 35.58
CA CYS B 509 11.42 -20.52 35.31
C CYS B 509 11.98 -21.07 34.01
N PRO B 510 12.56 -22.27 33.99
CA PRO B 510 13.09 -22.81 32.74
C PRO B 510 12.02 -22.95 31.67
N SER B 511 12.47 -23.18 30.45
CA SER B 511 11.54 -23.32 29.33
C SER B 511 10.62 -24.53 29.52
N LYS B 512 11.15 -25.64 30.00
CA LYS B 512 10.35 -26.83 30.20
C LYS B 512 9.24 -26.55 31.22
N ALA B 513 8.07 -27.13 30.97
CA ALA B 513 6.91 -26.93 31.83
C ALA B 513 6.82 -28.06 32.85
N ARG B 514 6.65 -27.69 34.11
CA ARG B 514 6.55 -28.66 35.18
C ARG B 514 5.10 -29.10 35.38
N GLU B 515 4.93 -30.21 36.08
CA GLU B 515 3.62 -30.81 36.28
C GLU B 515 2.95 -30.24 37.53
N VAL B 516 1.66 -29.94 37.42
CA VAL B 516 0.88 -29.41 38.53
C VAL B 516 0.08 -30.58 39.09
N TRP B 517 0.52 -31.10 40.23
CA TRP B 517 -0.10 -32.23 40.89
C TRP B 517 -0.87 -31.75 42.11
N PHE B 518 -2.11 -32.19 42.24
CA PHE B 518 -2.91 -31.89 43.43
C PHE B 518 -2.73 -32.98 44.45
N VAL B 519 -2.48 -32.60 45.70
CA VAL B 519 -2.32 -33.53 46.81
C VAL B 519 -3.36 -33.16 47.86
N TYR B 520 -4.22 -34.12 48.20
CA TYR B 520 -5.30 -33.90 49.15
C TYR B 520 -4.98 -34.58 50.47
N SER B 521 -5.07 -33.81 51.56
CA SER B 521 -4.81 -34.33 52.90
C SER B 521 -6.06 -35.00 53.47
N GLY B 522 -5.86 -35.71 54.58
CA GLY B 522 -6.96 -36.43 55.21
C GLY B 522 -7.32 -35.90 56.58
N MET B 523 -7.36 -36.78 57.57
CA MET B 523 -7.73 -36.43 58.93
C MET B 523 -6.61 -35.65 59.61
N GLY B 524 -6.99 -34.86 60.61
CA GLY B 524 -6.05 -34.12 61.42
C GLY B 524 -5.84 -32.67 61.00
N SER B 525 -6.27 -32.29 59.80
CA SER B 525 -6.19 -30.91 59.38
C SER B 525 -7.23 -30.02 60.05
N GLN B 526 -8.00 -30.56 61.00
CA GLN B 526 -9.03 -29.78 61.67
C GLN B 526 -8.43 -28.73 62.59
N TRP B 527 -9.15 -27.65 62.77
CA TRP B 527 -8.81 -26.63 63.74
C TRP B 527 -9.92 -25.59 63.74
N VAL B 528 -10.05 -24.87 64.86
CA VAL B 528 -11.10 -23.86 64.97
C VAL B 528 -10.80 -22.71 64.01
N GLY B 529 -11.80 -22.28 63.27
CA GLY B 529 -11.63 -21.24 62.28
C GLY B 529 -11.14 -21.72 60.93
N MET B 530 -11.09 -23.02 60.69
CA MET B 530 -10.65 -23.55 59.41
C MET B 530 -11.52 -22.98 58.29
N GLY B 531 -10.89 -22.27 57.36
CA GLY B 531 -11.58 -21.69 56.24
C GLY B 531 -12.36 -20.43 56.57
N ARG B 532 -12.27 -19.93 57.81
CA ARG B 532 -13.04 -18.75 58.19
C ARG B 532 -12.60 -17.52 57.40
N SER B 533 -11.29 -17.33 57.23
CA SER B 533 -10.81 -16.18 56.47
C SER B 533 -11.17 -16.30 54.99
N LEU B 534 -10.99 -17.50 54.42
CA LEU B 534 -11.28 -17.70 53.01
C LEU B 534 -12.73 -17.41 52.66
N MET B 535 -13.59 -17.17 53.65
CA MET B 535 -14.96 -16.75 53.36
C MET B 535 -15.00 -15.41 52.66
N ALA B 536 -13.91 -14.63 52.70
CA ALA B 536 -13.90 -13.37 51.98
C ALA B 536 -14.13 -13.59 50.49
N LEU B 537 -13.51 -14.63 49.92
CA LEU B 537 -13.72 -14.95 48.52
C LEU B 537 -15.17 -15.37 48.29
N ASP B 538 -15.76 -14.83 47.22
CA ASP B 538 -17.15 -15.17 46.91
C ASP B 538 -17.32 -16.64 46.57
N VAL B 539 -16.40 -17.20 45.79
CA VAL B 539 -16.55 -18.58 45.33
C VAL B 539 -16.47 -19.55 46.49
N PHE B 540 -15.55 -19.31 47.43
CA PHE B 540 -15.41 -20.20 48.59
C PHE B 540 -16.70 -20.21 49.41
N ARG B 541 -17.23 -19.02 49.70
CA ARG B 541 -18.47 -18.95 50.46
C ARG B 541 -19.62 -19.60 49.72
N GLN B 542 -19.70 -19.37 48.40
CA GLN B 542 -20.76 -19.99 47.62
C GLN B 542 -20.67 -21.51 47.68
N SER B 543 -19.46 -22.07 47.54
CA SER B 543 -19.31 -23.51 47.60
C SER B 543 -19.70 -24.06 48.97
N ILE B 544 -19.28 -23.37 50.03
CA ILE B 544 -19.63 -23.83 51.37
C ILE B 544 -21.15 -23.78 51.56
N GLU B 545 -21.80 -22.73 51.06
CA GLU B 545 -23.25 -22.64 51.17
C GLU B 545 -23.94 -23.75 50.39
N GLU B 546 -23.47 -24.02 49.17
CA GLU B 546 -24.09 -25.05 48.36
C GLU B 546 -23.81 -26.45 48.87
N THR B 547 -22.80 -26.62 49.72
CA THR B 547 -22.60 -27.90 50.38
C THR B 547 -23.40 -28.00 51.69
N ALA B 548 -23.53 -26.89 52.41
CA ALA B 548 -24.33 -26.87 53.62
C ALA B 548 -25.81 -27.09 53.30
N ALA B 549 -26.29 -26.54 52.18
CA ALA B 549 -27.66 -26.81 51.77
C ALA B 549 -27.86 -28.29 51.50
N ILE B 550 -26.85 -28.94 50.95
CA ILE B 550 -26.93 -30.38 50.72
C ILE B 550 -26.99 -31.13 52.03
N LEU B 551 -26.13 -30.77 52.98
CA LEU B 551 -26.00 -31.55 54.20
C LEU B 551 -27.01 -31.18 55.28
N SER B 552 -27.77 -30.10 55.09
CA SER B 552 -28.77 -29.72 56.10
C SER B 552 -29.82 -30.79 56.31
N PRO B 553 -30.44 -31.37 55.28
CA PRO B 553 -31.51 -32.35 55.53
C PRO B 553 -31.07 -33.55 56.35
N PHE B 554 -29.76 -33.80 56.46
CA PHE B 554 -29.25 -34.95 57.20
C PHE B 554 -28.87 -34.58 58.63
N GLY B 555 -29.29 -33.41 59.11
CA GLY B 555 -29.04 -33.03 60.49
C GLY B 555 -27.68 -32.43 60.76
N VAL B 556 -27.03 -31.86 59.75
CA VAL B 556 -25.72 -31.23 59.90
C VAL B 556 -25.83 -29.79 59.41
N ASP B 557 -25.50 -28.84 60.27
CA ASP B 557 -25.50 -27.42 59.93
C ASP B 557 -24.04 -27.04 59.74
N LEU B 558 -23.55 -27.21 58.51
CA LEU B 558 -22.14 -27.01 58.22
C LEU B 558 -21.69 -25.60 58.57
N MET B 559 -22.52 -24.61 58.26
CA MET B 559 -22.15 -23.23 58.53
C MET B 559 -21.86 -23.01 60.01
N SER B 560 -22.71 -23.57 60.88
CA SER B 560 -22.50 -23.41 62.31
C SER B 560 -21.21 -24.06 62.77
N LEU B 561 -20.93 -25.28 62.29
CA LEU B 561 -19.71 -25.96 62.70
C LEU B 561 -18.47 -25.24 62.19
N LEU B 562 -18.56 -24.59 61.04
CA LEU B 562 -17.41 -23.94 60.43
C LEU B 562 -17.15 -22.54 60.96
N MET B 563 -18.20 -21.81 61.33
CA MET B 563 -18.06 -20.41 61.76
C MET B 563 -17.97 -20.30 63.28
N ASP B 564 -18.97 -20.80 63.99
CA ASP B 564 -19.00 -20.73 65.45
C ASP B 564 -18.63 -22.05 66.11
N GLY B 565 -18.13 -23.02 65.35
CA GLY B 565 -17.73 -24.27 65.95
C GLY B 565 -16.60 -24.09 66.93
N THR B 566 -16.57 -24.94 67.96
CA THR B 566 -15.59 -24.89 69.01
C THR B 566 -14.77 -26.18 69.03
N GLU B 567 -13.77 -26.22 69.90
CA GLU B 567 -12.89 -27.39 69.96
C GLU B 567 -13.66 -28.64 70.37
N ASP B 568 -14.57 -28.51 71.33
CA ASP B 568 -15.35 -29.66 71.76
C ASP B 568 -16.19 -30.20 70.60
N LYS B 569 -16.76 -29.30 69.80
CA LYS B 569 -17.52 -29.76 68.63
C LYS B 569 -16.63 -30.54 67.67
N LEU B 570 -15.42 -30.04 67.41
CA LEU B 570 -14.51 -30.72 66.51
C LEU B 570 -13.92 -31.99 67.12
N LYS B 571 -14.07 -32.19 68.44
CA LYS B 571 -13.62 -33.44 69.02
C LYS B 571 -14.47 -34.62 68.56
N GLU B 572 -15.73 -34.38 68.19
CA GLU B 572 -16.60 -35.43 67.72
C GLU B 572 -16.10 -35.97 66.38
N ILE B 573 -16.80 -36.97 65.86
CA ILE B 573 -16.39 -37.63 64.62
C ILE B 573 -16.96 -36.92 63.40
N MET B 574 -18.24 -36.53 63.44
CA MET B 574 -18.88 -35.98 62.25
C MET B 574 -18.26 -34.64 61.86
N PRO B 575 -18.25 -33.61 62.71
CA PRO B 575 -17.91 -32.26 62.27
C PRO B 575 -16.53 -32.21 61.62
N PRO B 576 -15.54 -32.92 62.15
CA PRO B 576 -14.22 -32.90 61.47
C PRO B 576 -14.29 -33.40 60.04
N PHE B 577 -14.85 -34.59 59.81
CA PHE B 577 -14.94 -35.10 58.45
C PHE B 577 -15.70 -34.14 57.56
N ILE B 578 -16.83 -33.63 58.05
CA ILE B 578 -17.67 -32.75 57.24
C ILE B 578 -16.88 -31.49 56.85
N CYS B 579 -16.23 -30.87 57.84
CA CYS B 579 -15.53 -29.62 57.57
C CYS B 579 -14.32 -29.81 56.68
N ILE B 580 -13.57 -30.90 56.88
CA ILE B 580 -12.41 -31.14 56.04
C ILE B 580 -12.84 -31.35 54.59
N ASN B 581 -13.89 -32.14 54.38
CA ASN B 581 -14.37 -32.33 53.01
C ASN B 581 -14.88 -31.02 52.43
N ALA B 582 -15.60 -30.22 53.22
CA ALA B 582 -16.10 -28.96 52.71
C ALA B 582 -14.97 -28.04 52.30
N ILE B 583 -13.92 -27.95 53.12
CA ILE B 583 -12.78 -27.10 52.79
C ILE B 583 -12.08 -27.62 51.53
N GLN B 584 -11.91 -28.94 51.43
CA GLN B 584 -11.25 -29.49 50.24
C GLN B 584 -12.05 -29.20 48.98
N LEU B 585 -13.36 -29.39 49.03
CA LEU B 585 -14.19 -29.13 47.85
C LEU B 585 -14.23 -27.65 47.50
N ALA B 586 -14.26 -26.77 48.51
CA ALA B 586 -14.27 -25.34 48.24
C ALA B 586 -12.94 -24.89 47.64
N LEU B 587 -11.82 -25.41 48.15
CA LEU B 587 -10.53 -25.10 47.56
C LEU B 587 -10.43 -25.63 46.14
N THR B 588 -10.99 -26.80 45.88
CA THR B 588 -11.03 -27.32 44.51
C THR B 588 -11.82 -26.40 43.60
N ASP B 589 -12.97 -25.90 44.08
CA ASP B 589 -13.73 -24.95 43.27
C ASP B 589 -12.94 -23.66 43.04
N LEU B 590 -12.24 -23.19 44.07
CA LEU B 590 -11.41 -21.99 43.90
C LEU B 590 -10.35 -22.21 42.83
N LEU B 591 -9.68 -23.36 42.88
CA LEU B 591 -8.66 -23.65 41.89
C LEU B 591 -9.25 -23.78 40.49
N ASN B 592 -10.38 -24.45 40.36
CA ASN B 592 -11.00 -24.62 39.05
C ASN B 592 -11.43 -23.30 38.46
N SER B 593 -12.04 -22.43 39.27
CA SER B 593 -12.44 -21.12 38.76
C SER B 593 -11.24 -20.32 38.31
N MET B 594 -10.13 -20.41 39.05
CA MET B 594 -8.92 -19.69 38.67
C MET B 594 -8.29 -20.23 37.41
N GLY B 595 -8.67 -21.43 36.97
CA GLY B 595 -8.16 -21.97 35.73
C GLY B 595 -6.92 -22.80 35.86
N ILE B 596 -6.82 -23.61 36.90
CA ILE B 596 -5.70 -24.50 37.13
C ILE B 596 -6.16 -25.92 36.86
N VAL B 597 -5.57 -26.56 35.85
CA VAL B 597 -5.90 -27.93 35.47
C VAL B 597 -4.82 -28.84 36.05
N PRO B 598 -5.16 -29.82 36.89
CA PRO B 598 -4.13 -30.68 37.47
C PRO B 598 -3.77 -31.82 36.53
N ASP B 599 -2.46 -32.00 36.31
CA ASP B 599 -1.99 -33.12 35.51
C ASP B 599 -2.06 -34.43 36.26
N GLY B 600 -2.18 -34.39 37.59
CA GLY B 600 -2.31 -35.59 38.38
C GLY B 600 -2.93 -35.25 39.72
N LEU B 601 -3.62 -36.24 40.30
CA LEU B 601 -4.30 -36.07 41.58
C LEU B 601 -3.96 -37.25 42.48
N VAL B 602 -3.55 -36.94 43.71
CA VAL B 602 -3.30 -37.97 44.72
C VAL B 602 -3.89 -37.49 46.03
N GLY B 603 -4.25 -38.44 46.89
CA GLY B 603 -4.86 -38.09 48.16
C GLY B 603 -4.66 -39.16 49.20
N HIS B 604 -4.60 -38.72 50.46
CA HIS B 604 -4.51 -39.59 51.61
C HIS B 604 -5.94 -39.91 52.04
N SER B 605 -6.19 -41.16 52.47
CA SER B 605 -7.54 -41.59 52.81
C SER B 605 -8.35 -40.45 53.43
N LEU B 606 -9.59 -40.31 52.96
CA LEU B 606 -10.48 -39.17 53.19
C LEU B 606 -10.20 -38.07 52.18
N GLY B 607 -9.03 -38.10 51.55
CA GLY B 607 -8.76 -37.19 50.47
C GLY B 607 -8.98 -37.88 49.15
N GLU B 608 -9.50 -39.10 49.16
CA GLU B 608 -9.84 -39.80 47.93
C GLU B 608 -11.20 -39.35 47.41
N VAL B 609 -12.09 -38.90 48.30
CA VAL B 609 -13.35 -38.30 47.86
C VAL B 609 -13.08 -36.95 47.18
N GLY B 610 -12.22 -36.13 47.78
CA GLY B 610 -11.86 -34.89 47.14
C GLY B 610 -11.15 -35.09 45.81
N CYS B 611 -10.29 -36.12 45.75
CA CYS B 611 -9.64 -36.44 44.49
C CYS B 611 -10.67 -36.84 43.45
N ALA B 612 -11.65 -37.66 43.83
CA ALA B 612 -12.71 -38.03 42.89
C ALA B 612 -13.47 -36.80 42.42
N TYR B 613 -13.82 -35.90 43.33
CA TYR B 613 -14.55 -34.70 42.95
C TYR B 613 -13.76 -33.86 41.97
N ALA B 614 -12.48 -33.63 42.27
CA ALA B 614 -11.64 -32.81 41.39
C ALA B 614 -11.36 -33.50 40.08
N ASP B 615 -11.43 -34.83 40.03
CA ASP B 615 -11.17 -35.59 38.81
C ASP B 615 -12.39 -35.73 37.91
N GLY B 616 -13.55 -35.29 38.36
CA GLY B 616 -14.78 -35.45 37.61
C GLY B 616 -15.45 -36.78 37.78
N CYS B 617 -14.88 -37.71 38.53
CA CYS B 617 -15.49 -39.01 38.77
C CYS B 617 -16.63 -38.95 39.77
N LEU B 618 -16.70 -37.91 40.59
CA LEU B 618 -17.75 -37.74 41.59
C LEU B 618 -18.31 -36.33 41.48
N THR B 619 -19.35 -36.06 42.26
CA THR B 619 -19.99 -34.75 42.32
C THR B 619 -19.95 -34.24 43.75
N ARG B 620 -20.27 -32.95 43.91
CA ARG B 620 -20.27 -32.35 45.23
C ARG B 620 -21.20 -33.12 46.17
N ARG B 621 -22.43 -33.38 45.71
CA ARG B 621 -23.35 -34.18 46.50
C ARG B 621 -22.73 -35.52 46.85
N GLU B 622 -22.21 -36.23 45.85
CA GLU B 622 -21.69 -37.57 46.08
C GLU B 622 -20.52 -37.55 47.05
N ALA B 623 -19.59 -36.61 46.90
CA ALA B 623 -18.42 -36.57 47.77
C ALA B 623 -18.81 -36.22 49.20
N ILE B 624 -19.61 -35.16 49.37
CA ILE B 624 -19.98 -34.76 50.72
C ILE B 624 -20.77 -35.87 51.41
N LEU B 625 -21.68 -36.52 50.68
CA LEU B 625 -22.45 -37.59 51.29
C LEU B 625 -21.60 -38.82 51.54
N SER B 626 -20.56 -39.05 50.74
CA SER B 626 -19.64 -40.15 51.02
C SER B 626 -18.90 -39.92 52.33
N ALA B 627 -18.41 -38.70 52.54
CA ALA B 627 -17.76 -38.40 53.82
C ALA B 627 -18.75 -38.51 54.97
N PHE B 628 -19.97 -38.00 54.78
CA PHE B 628 -20.97 -38.10 55.82
C PHE B 628 -21.26 -39.56 56.16
N TRP B 629 -21.38 -40.40 55.14
CA TRP B 629 -21.66 -41.82 55.37
C TRP B 629 -20.49 -42.50 56.06
N ARG B 630 -19.26 -42.16 55.67
CA ARG B 630 -18.10 -42.70 56.36
C ARG B 630 -18.15 -42.38 57.84
N ALA B 631 -18.34 -41.11 58.17
CA ALA B 631 -18.35 -40.71 59.58
C ALA B 631 -19.52 -41.35 60.31
N LYS B 632 -20.69 -41.42 59.68
CA LYS B 632 -21.85 -42.04 60.32
C LYS B 632 -21.61 -43.51 60.59
N ALA B 633 -21.03 -44.24 59.63
CA ALA B 633 -20.73 -45.65 59.85
C ALA B 633 -19.72 -45.84 60.96
N VAL B 634 -18.71 -44.96 61.01
CA VAL B 634 -17.70 -45.08 62.06
C VAL B 634 -18.33 -44.84 63.43
N ILE B 635 -19.16 -43.82 63.56
CA ILE B 635 -19.69 -43.43 64.86
C ILE B 635 -20.77 -44.39 65.34
N ASP B 636 -21.74 -44.69 64.48
CA ASP B 636 -22.91 -45.43 64.93
C ASP B 636 -22.54 -46.83 65.42
N CYS B 637 -21.68 -47.52 64.67
CA CYS B 637 -21.23 -48.84 65.09
C CYS B 637 -20.36 -48.72 66.33
N GLU B 638 -20.52 -49.67 67.26
CA GLU B 638 -19.75 -49.66 68.51
C GLU B 638 -18.36 -50.26 68.29
N VAL B 639 -17.60 -49.61 67.39
CA VAL B 639 -16.24 -50.05 67.15
C VAL B 639 -15.43 -49.92 68.43
N LYS B 640 -14.69 -50.97 68.77
CA LYS B 640 -13.91 -50.94 70.00
C LYS B 640 -12.88 -49.80 69.93
N PRO B 641 -12.61 -49.12 71.04
CA PRO B 641 -11.67 -48.00 70.99
C PRO B 641 -10.31 -48.44 70.44
N GLY B 642 -9.75 -47.59 69.58
CA GLY B 642 -8.46 -47.85 68.98
C GLY B 642 -7.65 -46.57 68.90
N LYS B 643 -6.40 -46.72 68.46
CA LYS B 643 -5.47 -45.60 68.37
C LYS B 643 -4.57 -45.78 67.16
N MET B 644 -4.05 -44.67 66.67
CA MET B 644 -3.18 -44.62 65.50
C MET B 644 -2.01 -43.69 65.79
N ALA B 645 -0.91 -43.92 65.08
CA ALA B 645 0.26 -43.08 65.27
C ALA B 645 1.28 -43.34 64.17
N ALA B 646 1.95 -42.29 63.73
CA ALA B 646 2.97 -42.38 62.68
C ALA B 646 4.32 -42.65 63.34
N VAL B 647 4.79 -43.89 63.24
CA VAL B 647 6.10 -44.27 63.73
C VAL B 647 7.15 -43.96 62.66
N GLU B 648 8.41 -43.94 63.08
CA GLU B 648 9.54 -43.68 62.20
C GLU B 648 10.08 -44.96 61.57
N LEU B 649 9.47 -46.11 61.87
CA LEU B 649 9.90 -47.35 61.25
C LEU B 649 9.65 -47.32 59.74
N THR B 650 10.29 -48.24 59.03
CA THR B 650 10.11 -48.39 57.60
C THR B 650 8.90 -49.29 57.33
N TRP B 651 8.55 -49.46 56.06
CA TRP B 651 7.38 -50.27 55.73
C TRP B 651 7.63 -51.75 56.02
N GLU B 652 8.75 -52.28 55.54
CA GLU B 652 9.05 -53.69 55.79
C GLU B 652 9.27 -53.95 57.28
N GLU B 653 9.96 -53.04 57.96
CA GLU B 653 10.18 -53.20 59.40
C GLU B 653 8.86 -53.21 60.15
N ALA B 654 7.95 -52.30 59.81
CA ALA B 654 6.66 -52.27 60.47
C ALA B 654 5.87 -53.54 60.18
N LYS B 655 5.90 -54.01 58.94
CA LYS B 655 5.18 -55.23 58.59
C LYS B 655 5.73 -56.43 59.35
N ARG B 656 7.05 -56.50 59.52
CA ARG B 656 7.65 -57.64 60.21
C ARG B 656 7.42 -57.57 61.71
N LEU B 657 7.48 -56.37 62.30
CA LEU B 657 7.52 -56.22 63.75
C LEU B 657 6.14 -56.07 64.38
N CYS B 658 5.07 -55.96 63.60
CA CYS B 658 3.75 -55.72 64.18
C CYS B 658 3.14 -57.04 64.65
N PRO B 659 2.82 -57.20 65.93
CA PRO B 659 2.12 -58.40 66.38
C PRO B 659 0.66 -58.37 65.98
N PRO B 660 -0.06 -59.48 66.14
CA PRO B 660 -1.50 -59.48 65.82
C PRO B 660 -2.25 -58.47 66.66
N GLY B 661 -3.27 -57.86 66.05
CA GLY B 661 -4.10 -56.88 66.70
C GLY B 661 -3.72 -55.43 66.40
N VAL B 662 -2.49 -55.21 65.96
CA VAL B 662 -2.03 -53.88 65.56
C VAL B 662 -1.35 -54.03 64.20
N VAL B 663 -1.77 -53.20 63.24
CA VAL B 663 -1.30 -53.30 61.87
C VAL B 663 -0.79 -51.93 61.42
N ALA B 664 -0.31 -51.88 60.18
CA ALA B 664 0.16 -50.64 59.57
C ALA B 664 -0.95 -50.10 58.66
N ALA B 665 -1.41 -48.89 58.96
CA ALA B 665 -2.53 -48.32 58.23
C ALA B 665 -2.09 -47.71 56.91
N CYS B 666 -1.17 -46.74 56.96
CA CYS B 666 -0.77 -45.99 55.77
C CYS B 666 0.75 -45.91 55.69
N HIS B 667 1.26 -45.97 54.46
CA HIS B 667 2.69 -45.82 54.20
C HIS B 667 2.92 -44.35 53.82
N ASN B 668 3.06 -43.51 54.85
CA ASN B 668 3.16 -42.08 54.62
C ASN B 668 4.37 -41.73 53.75
N SER B 669 5.57 -42.04 54.22
CA SER B 669 6.79 -41.74 53.49
C SER B 669 7.76 -42.90 53.67
N GLN B 670 9.02 -42.68 53.28
CA GLN B 670 10.03 -43.74 53.34
C GLN B 670 10.28 -44.19 54.77
N ASP B 671 10.25 -43.25 55.72
CA ASP B 671 10.54 -43.56 57.12
C ASP B 671 9.40 -43.13 58.03
N SER B 672 8.15 -43.24 57.55
CA SER B 672 7.00 -42.87 58.36
C SER B 672 5.85 -43.79 57.98
N VAL B 673 5.43 -44.64 58.91
CA VAL B 673 4.32 -45.56 58.68
C VAL B 673 3.33 -45.44 59.82
N THR B 674 2.04 -45.47 59.50
CA THR B 674 0.99 -45.31 60.51
C THR B 674 0.59 -46.67 61.05
N ILE B 675 0.83 -46.89 62.34
CA ILE B 675 0.37 -48.09 63.03
C ILE B 675 -0.96 -47.76 63.69
N SER B 676 -1.93 -48.66 63.51
CA SER B 676 -3.25 -48.53 64.09
C SER B 676 -3.65 -49.84 64.75
N GLY B 677 -4.36 -49.75 65.87
CA GLY B 677 -4.82 -50.95 66.53
C GLY B 677 -5.50 -50.65 67.85
N GLY B 678 -5.92 -51.72 68.52
CA GLY B 678 -6.67 -51.59 69.75
C GLY B 678 -5.88 -50.86 70.83
N ALA B 679 -6.63 -50.30 71.78
CA ALA B 679 -6.03 -49.41 72.77
C ALA B 679 -4.95 -50.12 73.58
N GLN B 680 -5.25 -51.30 74.11
CA GLN B 680 -4.29 -51.98 74.97
C GLN B 680 -3.07 -52.45 74.17
N GLU B 681 -3.31 -53.13 73.05
CA GLU B 681 -2.20 -53.59 72.23
C GLU B 681 -1.42 -52.40 71.67
N MET B 682 -2.12 -51.33 71.29
CA MET B 682 -1.44 -50.15 70.79
C MET B 682 -0.57 -49.51 71.87
N THR B 683 -1.05 -49.47 73.11
CA THR B 683 -0.23 -48.93 74.19
C THR B 683 0.97 -49.79 74.47
N LYS B 684 0.81 -51.12 74.41
CA LYS B 684 1.95 -52.01 74.57
C LYS B 684 2.97 -51.76 73.46
N PHE B 685 2.49 -51.55 72.23
CA PHE B 685 3.40 -51.23 71.13
C PHE B 685 4.11 -49.90 71.38
N MET B 686 3.39 -48.92 71.91
CA MET B 686 4.02 -47.64 72.24
C MET B 686 5.16 -47.85 73.24
N ALA B 687 4.89 -48.61 74.30
CA ALA B 687 5.93 -48.85 75.30
C ALA B 687 7.12 -49.56 74.69
N GLU B 688 6.86 -50.60 73.90
CA GLU B 688 7.95 -51.37 73.30
C GLU B 688 8.80 -50.50 72.38
N LEU B 689 8.15 -49.71 71.52
CA LEU B 689 8.89 -48.88 70.58
C LEU B 689 9.66 -47.78 71.30
N SER B 690 9.04 -47.15 72.30
CA SER B 690 9.73 -46.10 73.04
C SER B 690 10.89 -46.66 73.85
N ALA B 691 10.84 -47.95 74.21
CA ALA B 691 11.95 -48.56 74.93
C ALA B 691 13.22 -48.50 74.09
N GLN B 692 13.11 -48.81 72.81
CA GLN B 692 14.25 -48.73 71.89
C GLN B 692 14.30 -47.33 71.28
N GLY B 693 15.21 -47.12 70.33
CA GLY B 693 15.32 -45.83 69.68
C GLY B 693 14.42 -45.72 68.47
N VAL B 694 13.24 -45.12 68.66
CA VAL B 694 12.28 -44.94 67.58
C VAL B 694 11.37 -43.78 67.96
N THR B 695 11.05 -42.95 66.99
CA THR B 695 10.17 -41.80 67.19
C THR B 695 8.75 -42.17 66.79
N VAL B 696 7.84 -42.13 67.76
CA VAL B 696 6.44 -42.43 67.55
C VAL B 696 5.62 -41.20 67.91
N LYS B 697 4.80 -40.74 66.98
CA LYS B 697 3.96 -39.56 67.16
C LYS B 697 2.50 -39.98 67.02
N GLU B 698 1.70 -39.67 68.05
CA GLU B 698 0.30 -40.05 68.06
C GLU B 698 -0.53 -39.04 67.28
N VAL B 699 -1.46 -39.55 66.47
CA VAL B 699 -2.31 -38.73 65.62
C VAL B 699 -3.73 -38.78 66.17
N ASN B 700 -4.40 -37.63 66.16
CA ASN B 700 -5.76 -37.52 66.68
C ASN B 700 -6.72 -38.16 65.68
N SER B 701 -7.09 -39.41 65.95
CA SER B 701 -8.05 -40.15 65.12
C SER B 701 -9.38 -40.36 65.82
N ASN B 702 -9.66 -39.57 66.86
CA ASN B 702 -10.90 -39.71 67.63
C ASN B 702 -11.03 -41.12 68.21
N ASN B 703 -9.90 -41.69 68.62
CA ASN B 703 -9.86 -43.02 69.23
C ASN B 703 -10.44 -44.07 68.29
N ILE B 704 -10.10 -43.98 67.01
CA ILE B 704 -10.54 -44.95 66.00
C ILE B 704 -9.30 -45.44 65.26
N SER B 705 -9.21 -46.76 65.07
CA SER B 705 -8.09 -47.38 64.36
C SER B 705 -8.54 -47.65 62.92
N TYR B 706 -8.28 -46.69 62.05
CA TYR B 706 -8.68 -46.80 60.66
C TYR B 706 -7.76 -47.76 59.91
N HIS B 707 -8.29 -48.29 58.80
CA HIS B 707 -7.52 -49.16 57.90
C HIS B 707 -6.99 -50.39 58.65
N SER B 708 -7.89 -51.06 59.36
CA SER B 708 -7.54 -52.28 60.09
C SER B 708 -8.71 -53.25 60.00
N SER B 709 -8.53 -54.43 60.61
CA SER B 709 -9.61 -55.41 60.61
C SER B 709 -10.86 -54.89 61.30
N PHE B 710 -10.69 -54.00 62.28
CA PHE B 710 -11.85 -53.45 62.97
C PHE B 710 -12.79 -52.74 62.02
N MET B 711 -12.31 -52.33 60.85
CA MET B 711 -13.11 -51.62 59.87
C MET B 711 -13.86 -52.55 58.92
N THR B 712 -13.82 -53.86 59.18
CA THR B 712 -14.56 -54.79 58.33
C THR B 712 -16.06 -54.49 58.37
N GLU B 713 -16.64 -54.42 59.56
CA GLU B 713 -18.06 -54.16 59.67
C GLU B 713 -18.45 -52.78 59.14
N PRO B 714 -17.77 -51.69 59.52
CA PRO B 714 -18.14 -50.39 58.93
C PRO B 714 -18.08 -50.38 57.41
N ALA B 715 -17.00 -50.88 56.82
CA ALA B 715 -16.85 -50.80 55.38
C ALA B 715 -18.05 -51.38 54.66
N ALA B 716 -18.43 -52.61 55.01
CA ALA B 716 -19.62 -53.22 54.42
C ALA B 716 -20.82 -52.30 54.55
N TYR B 717 -21.06 -51.79 55.77
CA TYR B 717 -22.15 -50.84 55.96
C TYR B 717 -22.02 -49.71 54.97
N LEU B 718 -20.84 -49.09 54.89
CA LEU B 718 -20.63 -48.01 53.94
C LEU B 718 -21.06 -48.44 52.54
N LYS B 719 -20.65 -49.63 52.13
CA LYS B 719 -21.07 -50.14 50.83
C LYS B 719 -22.58 -50.10 50.71
N LYS B 720 -23.28 -50.76 51.64
CA LYS B 720 -24.73 -50.75 51.62
C LYS B 720 -25.26 -49.32 51.71
N GLY B 721 -24.55 -48.44 52.41
CA GLY B 721 -24.98 -47.06 52.49
C GLY B 721 -24.85 -46.33 51.16
N LEU B 722 -23.80 -46.62 50.40
CA LEU B 722 -23.46 -45.83 49.22
C LEU B 722 -23.82 -46.53 47.92
N GLU B 723 -24.38 -47.73 47.96
CA GLU B 723 -24.77 -48.41 46.72
C GLU B 723 -25.89 -47.65 46.01
N LYS B 724 -26.80 -47.04 46.77
CA LYS B 724 -27.97 -46.38 46.20
C LYS B 724 -27.75 -44.89 45.93
N GLU B 725 -26.55 -44.37 46.18
CA GLU B 725 -26.29 -42.94 46.04
C GLU B 725 -25.22 -42.63 44.99
N ILE B 726 -24.08 -43.30 45.05
CA ILE B 726 -22.95 -42.98 44.18
C ILE B 726 -23.13 -43.72 42.86
N VAL B 727 -23.25 -42.98 41.78
CA VAL B 727 -23.33 -43.56 40.44
C VAL B 727 -21.93 -43.95 40.01
N PRO B 728 -21.74 -45.10 39.34
CA PRO B 728 -20.38 -45.47 38.91
C PRO B 728 -19.96 -44.66 37.68
N LYS B 729 -18.76 -44.09 37.74
CA LYS B 729 -18.19 -43.32 36.64
C LYS B 729 -16.73 -43.72 36.46
N PRO B 730 -16.18 -43.55 35.27
CA PRO B 730 -14.79 -43.95 35.04
C PRO B 730 -13.81 -43.07 35.82
N ARG B 731 -12.67 -43.65 36.14
CA ARG B 731 -11.59 -42.94 36.82
C ARG B 731 -10.48 -42.64 35.82
N SER B 732 -10.13 -41.37 35.68
CA SER B 732 -9.09 -40.98 34.75
C SER B 732 -7.72 -41.37 35.30
N LYS B 733 -6.75 -41.52 34.39
CA LYS B 733 -5.41 -41.91 34.79
C LYS B 733 -4.69 -40.82 35.58
N LYS B 734 -5.19 -39.58 35.54
CA LYS B 734 -4.56 -38.51 36.32
C LYS B 734 -4.64 -38.82 37.80
N TRP B 735 -5.80 -39.31 38.26
CA TRP B 735 -5.99 -39.61 39.67
C TRP B 735 -5.24 -40.89 40.03
N ILE B 736 -4.31 -40.81 40.96
CA ILE B 736 -3.50 -41.94 41.38
C ILE B 736 -4.16 -42.53 42.62
N SER B 737 -4.68 -43.75 42.49
CA SER B 737 -5.31 -44.41 43.64
C SER B 737 -4.27 -44.74 44.68
N THR B 738 -4.62 -44.53 45.95
CA THR B 738 -3.75 -44.82 47.08
C THR B 738 -4.39 -45.82 48.03
N SER B 739 -5.24 -46.69 47.49
CA SER B 739 -5.88 -47.75 48.25
C SER B 739 -5.77 -49.11 47.60
N ILE B 740 -5.48 -49.16 46.30
CA ILE B 740 -5.34 -50.41 45.55
C ILE B 740 -3.88 -50.54 45.14
N PRO B 741 -3.25 -51.70 45.30
CA PRO B 741 -1.85 -51.85 44.90
C PRO B 741 -1.67 -51.57 43.41
N GLU B 742 -0.47 -51.11 43.06
CA GLU B 742 -0.15 -50.79 41.68
C GLU B 742 -0.49 -51.94 40.75
N GLU B 743 -0.15 -53.17 41.14
CA GLU B 743 -0.35 -54.32 40.26
C GLU B 743 -1.82 -54.64 40.04
N ARG B 744 -2.72 -54.11 40.87
CA ARG B 744 -4.14 -54.37 40.74
C ARG B 744 -4.90 -53.20 40.14
N TRP B 745 -4.21 -52.20 39.61
CA TRP B 745 -4.91 -51.07 39.01
C TRP B 745 -5.72 -51.48 37.80
N GLY B 746 -5.26 -52.50 37.07
CA GLY B 746 -5.96 -52.94 35.87
C GLY B 746 -7.20 -53.77 36.13
N ASN B 747 -7.44 -54.17 37.37
CA ASN B 747 -8.61 -54.98 37.68
C ASN B 747 -9.88 -54.14 37.58
N PRO B 748 -11.03 -54.79 37.37
CA PRO B 748 -12.28 -54.02 37.21
C PRO B 748 -12.62 -53.15 38.40
N GLU B 749 -12.29 -53.58 39.61
CA GLU B 749 -12.63 -52.78 40.79
C GLU B 749 -11.97 -51.40 40.74
N ALA B 750 -10.80 -51.31 40.15
CA ALA B 750 -10.08 -50.03 40.02
C ALA B 750 -10.45 -49.33 38.71
N GLN B 751 -11.75 -49.16 38.46
CA GLN B 751 -12.21 -48.49 37.26
C GLN B 751 -13.18 -47.37 37.60
N THR B 752 -13.98 -47.56 38.65
CA THR B 752 -14.97 -46.58 39.06
C THR B 752 -14.87 -46.35 40.56
N ALA B 753 -15.19 -45.13 40.97
CA ALA B 753 -15.21 -44.77 42.38
C ALA B 753 -16.58 -45.01 42.99
N ASP B 754 -17.08 -46.23 42.83
CA ASP B 754 -18.39 -46.60 43.33
C ASP B 754 -18.31 -46.86 44.84
N ALA B 755 -19.40 -47.32 45.43
CA ALA B 755 -19.40 -47.63 46.86
C ALA B 755 -18.33 -48.65 47.20
N SER B 756 -18.05 -49.59 46.28
CA SER B 756 -17.00 -50.57 46.53
C SER B 756 -15.65 -49.89 46.71
N TYR B 757 -15.34 -48.90 45.87
CA TYR B 757 -14.07 -48.20 45.99
C TYR B 757 -13.98 -47.46 47.33
N GLN B 758 -15.06 -46.80 47.75
CA GLN B 758 -15.04 -46.11 49.03
C GLN B 758 -14.85 -47.08 50.17
N ALA B 759 -15.54 -48.23 50.14
CA ALA B 759 -15.39 -49.22 51.19
C ALA B 759 -13.96 -49.77 51.22
N ASN B 760 -13.39 -50.05 50.05
CA ASN B 760 -12.03 -50.56 50.02
C ASN B 760 -11.04 -49.54 50.57
N ASN B 761 -11.20 -48.27 50.18
CA ASN B 761 -10.32 -47.22 50.69
C ASN B 761 -10.45 -47.09 52.21
N LEU B 762 -11.68 -47.15 52.71
CA LEU B 762 -11.92 -47.05 54.14
C LEU B 762 -11.42 -48.28 54.88
N LEU B 763 -11.27 -49.41 54.20
CA LEU B 763 -10.86 -50.67 54.82
C LEU B 763 -9.37 -50.96 54.60
N SER B 764 -8.93 -50.99 53.35
CA SER B 764 -7.57 -51.39 53.05
C SER B 764 -6.58 -50.31 53.48
N SER B 765 -5.30 -50.63 53.36
CA SER B 765 -4.24 -49.71 53.73
C SER B 765 -4.13 -48.58 52.70
N VAL B 766 -3.35 -47.57 53.06
CA VAL B 766 -3.10 -46.41 52.20
C VAL B 766 -1.66 -46.51 51.71
N LEU B 767 -1.49 -46.62 50.40
CA LEU B 767 -0.17 -46.72 49.79
C LEU B 767 0.29 -45.35 49.30
N PHE B 768 0.46 -44.43 50.25
CA PHE B 768 0.80 -43.05 49.91
C PHE B 768 2.16 -42.97 49.25
N TYR B 769 3.15 -43.68 49.79
CA TYR B 769 4.50 -43.58 49.23
C TYR B 769 4.53 -44.06 47.79
N GLU B 770 3.85 -45.15 47.48
CA GLU B 770 3.80 -45.64 46.11
C GLU B 770 3.13 -44.62 45.19
N GLY B 771 2.05 -44.01 45.65
CA GLY B 771 1.39 -42.99 44.85
C GLY B 771 2.28 -41.79 44.59
N LEU B 772 3.15 -41.45 45.52
CA LEU B 772 4.06 -40.32 45.38
C LEU B 772 5.32 -40.68 44.61
N GLN B 773 5.48 -41.93 44.18
CA GLN B 773 6.61 -42.33 43.36
C GLN B 773 6.34 -42.12 41.87
N LYS B 774 5.09 -42.28 41.44
CA LYS B 774 4.74 -41.98 40.05
C LYS B 774 4.87 -40.51 39.73
N ILE B 775 4.90 -39.65 40.75
CA ILE B 775 5.00 -38.21 40.52
C ILE B 775 6.34 -37.90 39.89
N PRO B 776 6.43 -37.00 38.91
CA PRO B 776 7.72 -36.66 38.32
C PRO B 776 8.70 -36.12 39.36
N SER B 777 9.96 -35.96 38.92
CA SER B 777 11.02 -35.51 39.80
C SER B 777 11.05 -33.99 39.99
N ASN B 778 10.28 -33.23 39.21
CA ASN B 778 10.22 -31.78 39.33
C ASN B 778 8.79 -31.30 39.29
N ALA B 779 7.87 -32.08 39.85
CA ALA B 779 6.46 -31.72 39.86
C ALA B 779 6.19 -30.62 40.89
N ILE B 780 5.11 -29.90 40.66
CA ILE B 780 4.67 -28.85 41.58
C ILE B 780 3.43 -29.33 42.32
N ALA B 781 3.62 -29.90 43.49
CA ALA B 781 2.52 -30.49 44.25
C ALA B 781 1.89 -29.43 45.14
N ILE B 782 0.58 -29.23 44.98
CA ILE B 782 -0.18 -28.27 45.77
C ILE B 782 -0.95 -29.07 46.82
N GLU B 783 -0.72 -28.77 48.10
CA GLU B 783 -1.36 -29.47 49.19
C GLU B 783 -2.68 -28.78 49.50
N ILE B 784 -3.78 -29.31 48.95
CA ILE B 784 -5.10 -28.74 49.12
C ILE B 784 -5.71 -29.33 50.40
N ALA B 785 -5.82 -28.51 51.43
CA ALA B 785 -6.37 -28.95 52.70
C ALA B 785 -6.54 -27.77 53.64
N PRO B 786 -7.26 -27.92 54.75
CA PRO B 786 -7.39 -26.82 55.70
C PRO B 786 -6.05 -26.36 56.26
N ALA B 787 -5.04 -27.23 56.28
CA ALA B 787 -3.72 -26.86 56.75
C ALA B 787 -2.69 -27.73 56.05
N GLY B 788 -1.45 -27.25 56.03
CA GLY B 788 -0.38 -28.00 55.41
C GLY B 788 0.05 -29.18 56.27
N LEU B 789 -0.84 -30.16 56.40
CA LEU B 789 -0.58 -31.28 57.30
C LEU B 789 0.60 -32.13 56.82
N LEU B 790 0.58 -32.51 55.54
CA LEU B 790 1.57 -33.45 55.01
C LEU B 790 2.71 -32.74 54.30
N GLN B 791 3.06 -31.53 54.74
CA GLN B 791 4.15 -30.80 54.11
C GLN B 791 5.47 -31.56 54.25
N SER B 792 5.82 -31.93 55.48
CA SER B 792 7.08 -32.63 55.70
C SER B 792 7.06 -34.01 55.04
N VAL B 793 5.97 -34.75 55.22
CA VAL B 793 5.89 -36.10 54.66
C VAL B 793 6.03 -36.05 53.14
N ILE B 794 5.28 -35.15 52.50
CA ILE B 794 5.32 -35.06 51.04
C ILE B 794 6.70 -34.60 50.58
N LYS B 795 7.28 -33.61 51.27
CA LYS B 795 8.59 -33.12 50.86
C LYS B 795 9.63 -34.22 50.93
N LYS B 796 9.61 -35.02 52.00
CA LYS B 796 10.55 -36.13 52.09
C LYS B 796 10.29 -37.17 51.02
N SER B 797 9.02 -37.47 50.75
CA SER B 797 8.70 -38.51 49.78
C SER B 797 9.10 -38.12 48.37
N LEU B 798 8.88 -36.87 47.99
CA LEU B 798 9.07 -36.46 46.59
C LEU B 798 10.55 -36.39 46.24
N GLY B 799 11.28 -35.51 46.90
CA GLY B 799 12.68 -35.32 46.59
C GLY B 799 13.09 -33.87 46.81
N GLN B 800 14.10 -33.45 46.08
CA GLN B 800 14.68 -32.11 46.22
C GLN B 800 14.28 -31.16 45.10
N ASP B 801 13.96 -31.67 43.92
CA ASP B 801 13.65 -30.84 42.77
C ASP B 801 12.17 -30.54 42.62
N CYS B 802 11.33 -31.00 43.54
CA CYS B 802 9.89 -30.80 43.47
C CYS B 802 9.48 -29.62 44.34
N THR B 803 8.73 -28.69 43.75
CA THR B 803 8.22 -27.54 44.48
C THR B 803 7.01 -27.96 45.31
N ILE B 804 6.93 -27.45 46.53
CA ILE B 804 5.86 -27.80 47.45
C ILE B 804 5.25 -26.53 48.00
N VAL B 805 3.92 -26.46 48.00
CA VAL B 805 3.18 -25.29 48.47
C VAL B 805 1.95 -25.77 49.23
N ALA B 806 1.59 -25.03 50.27
CA ALA B 806 0.39 -25.29 51.05
C ALA B 806 -0.56 -24.12 50.92
N LEU B 807 -1.82 -24.40 50.61
CA LEU B 807 -2.82 -23.36 50.42
C LEU B 807 -3.34 -22.78 51.72
N GLN B 808 -3.06 -23.41 52.86
CA GLN B 808 -3.54 -22.92 54.14
C GLN B 808 -2.49 -23.18 55.21
N LYS B 809 -2.55 -22.39 56.28
CA LYS B 809 -1.66 -22.52 57.42
C LYS B 809 -2.48 -22.52 58.70
N ARG B 810 -2.15 -23.44 59.61
CA ARG B 810 -2.92 -23.58 60.83
C ARG B 810 -2.73 -22.36 61.73
N LYS B 811 -3.81 -21.94 62.38
CA LYS B 811 -3.81 -20.83 63.32
C LYS B 811 -3.25 -19.55 62.70
N SER B 812 -3.25 -19.46 61.38
CA SER B 812 -2.73 -18.27 60.72
C SER B 812 -3.62 -17.07 61.02
N PRO B 813 -3.05 -15.89 61.29
CA PRO B 813 -3.90 -14.71 61.47
C PRO B 813 -4.72 -14.36 60.24
N ASN B 814 -4.24 -14.74 59.05
CA ASN B 814 -4.96 -14.48 57.81
C ASN B 814 -4.64 -15.59 56.83
N ASN B 815 -5.65 -16.34 56.43
CA ASN B 815 -5.47 -17.46 55.50
C ASN B 815 -5.62 -17.03 54.05
N LEU B 816 -6.40 -15.99 53.78
CA LEU B 816 -6.54 -15.52 52.40
C LEU B 816 -5.20 -15.09 51.84
N GLU B 817 -4.42 -14.36 52.63
CA GLU B 817 -3.08 -13.96 52.18
C GLU B 817 -2.20 -15.18 52.00
N VAL B 818 -2.33 -16.18 52.88
CA VAL B 818 -1.54 -17.41 52.75
C VAL B 818 -1.91 -18.12 51.45
N PHE B 819 -3.20 -18.19 51.14
CA PHE B 819 -3.65 -18.83 49.91
C PHE B 819 -3.12 -18.09 48.68
N PHE B 820 -3.20 -16.76 48.70
CA PHE B 820 -2.71 -15.98 47.57
C PHE B 820 -1.20 -16.13 47.41
N SER B 821 -0.46 -16.13 48.52
CA SER B 821 0.99 -16.32 48.45
C SER B 821 1.34 -17.70 47.92
N ALA B 822 0.60 -18.72 48.34
CA ALA B 822 0.83 -20.07 47.84
C ALA B 822 0.62 -20.13 46.33
N LEU B 823 -0.47 -19.53 45.85
CA LEU B 823 -0.71 -19.57 44.41
C LEU B 823 0.28 -18.71 43.65
N GLY B 824 0.76 -17.61 44.26
CA GLY B 824 1.80 -16.82 43.62
C GLY B 824 3.10 -17.60 43.50
N LYS B 825 3.47 -18.35 44.53
CA LYS B 825 4.62 -19.23 44.43
C LYS B 825 4.42 -20.28 43.36
N CYS B 826 3.22 -20.84 43.27
CA CYS B 826 2.95 -21.84 42.23
C CYS B 826 3.09 -21.25 40.84
N TYR B 827 2.57 -20.04 40.63
CA TYR B 827 2.70 -19.40 39.33
C TYR B 827 4.15 -19.06 39.02
N SER B 828 4.90 -18.60 40.02
CA SER B 828 6.29 -18.21 39.78
C SER B 828 7.10 -19.37 39.24
N HIS B 829 6.69 -20.60 39.53
CA HIS B 829 7.40 -21.79 39.08
C HIS B 829 6.84 -22.36 37.78
N GLY B 830 5.87 -21.68 37.16
CA GLY B 830 5.45 -22.03 35.83
C GLY B 830 4.17 -22.85 35.73
N VAL B 831 3.11 -22.43 36.43
CA VAL B 831 1.80 -23.03 36.29
C VAL B 831 0.83 -21.94 35.85
N PRO B 832 0.17 -22.08 34.69
CA PRO B 832 -0.78 -21.04 34.28
C PRO B 832 -1.99 -21.00 35.18
N MET B 833 -2.57 -19.81 35.32
CA MET B 833 -3.75 -19.62 36.15
C MET B 833 -4.34 -18.25 35.84
N ASN B 834 -5.57 -18.05 36.31
CA ASN B 834 -6.31 -16.80 36.13
C ASN B 834 -6.79 -16.32 37.50
N PRO B 835 -6.02 -15.46 38.17
CA PRO B 835 -6.45 -14.97 39.49
C PRO B 835 -7.76 -14.21 39.45
N LEU B 836 -8.17 -13.70 38.30
CA LEU B 836 -9.41 -12.93 38.19
C LEU B 836 -10.64 -13.81 38.04
N GLY B 837 -10.48 -15.13 38.03
CA GLY B 837 -11.63 -16.02 37.94
C GLY B 837 -12.44 -16.10 39.22
N LEU B 838 -11.93 -15.56 40.33
CA LEU B 838 -12.65 -15.54 41.60
C LEU B 838 -13.57 -14.33 41.72
N TYR B 839 -13.58 -13.44 40.75
CA TYR B 839 -14.38 -12.23 40.76
C TYR B 839 -15.16 -12.13 39.46
N PRO B 840 -16.22 -11.32 39.44
CA PRO B 840 -17.00 -11.19 38.20
C PRO B 840 -16.13 -10.73 37.04
N ALA B 841 -16.38 -11.30 35.87
CA ALA B 841 -15.57 -10.99 34.69
C ALA B 841 -15.73 -9.54 34.29
N VAL B 842 -14.63 -8.92 33.89
CA VAL B 842 -14.65 -7.54 33.43
C VAL B 842 -15.20 -7.50 32.00
N GLN B 843 -16.09 -6.55 31.75
CA GLN B 843 -16.71 -6.41 30.44
C GLN B 843 -15.77 -5.66 29.51
N PHE B 844 -15.42 -6.29 28.37
CA PHE B 844 -14.55 -5.67 27.41
C PHE B 844 -15.34 -5.01 26.28
N PRO B 845 -14.84 -3.94 25.67
CA PRO B 845 -13.55 -3.27 25.92
C PRO B 845 -13.54 -2.53 27.23
N VAL B 846 -12.37 -2.33 27.83
CA VAL B 846 -12.26 -1.72 29.15
C VAL B 846 -12.51 -0.22 29.05
N SER B 847 -12.73 0.42 30.19
CA SER B 847 -12.94 1.85 30.22
C SER B 847 -11.70 2.59 29.74
N ILE B 848 -11.91 3.78 29.17
CA ILE B 848 -10.80 4.58 28.66
C ILE B 848 -9.89 5.10 29.77
N ASP B 849 -10.27 4.94 31.03
CA ASP B 849 -9.45 5.37 32.14
C ASP B 849 -8.38 4.36 32.53
N THR B 850 -8.34 3.20 31.88
CA THR B 850 -7.34 2.19 32.21
C THR B 850 -5.95 2.69 31.80
N PRO B 851 -4.98 2.68 32.71
CA PRO B 851 -3.62 3.13 32.33
C PRO B 851 -3.05 2.31 31.20
N MET B 852 -1.92 2.77 30.68
CA MET B 852 -1.24 2.13 29.57
C MET B 852 -0.25 1.09 30.07
N LEU B 853 -0.27 -0.09 29.44
CA LEU B 853 0.65 -1.16 29.77
C LEU B 853 1.92 -1.14 28.91
N SER B 854 1.98 -0.28 27.90
CA SER B 854 3.17 -0.24 27.04
C SER B 854 4.39 0.24 27.80
N SER B 855 4.22 1.23 28.68
CA SER B 855 5.35 1.78 29.40
C SER B 855 6.02 0.72 30.28
N MET B 856 5.21 -0.12 30.94
CA MET B 856 5.77 -1.16 31.79
C MET B 856 6.65 -2.13 30.99
N VAL B 857 6.14 -2.59 29.85
CA VAL B 857 6.91 -3.53 29.03
C VAL B 857 8.14 -2.86 28.46
N SER B 858 8.05 -1.57 28.11
CA SER B 858 9.19 -0.90 27.51
C SER B 858 10.39 -0.90 28.45
N GLU B 859 10.17 -0.64 29.73
CA GLU B 859 11.23 -0.59 30.72
C GLU B 859 11.46 -1.92 31.41
N ALA B 860 11.01 -3.02 30.81
CA ALA B 860 11.16 -4.35 31.37
C ALA B 860 11.81 -5.30 30.38
N TRP B 861 12.75 -4.79 29.59
CA TRP B 861 13.45 -5.57 28.59
C TRP B 861 14.83 -5.98 29.10
N ASP B 862 15.40 -6.99 28.43
CA ASP B 862 16.76 -7.45 28.72
C ASP B 862 17.69 -6.78 27.70
N HIS B 863 18.38 -5.74 28.12
CA HIS B 863 19.20 -4.92 27.25
C HIS B 863 20.65 -4.90 27.70
N SER B 864 21.14 -6.04 28.20
CA SER B 864 22.53 -6.10 28.64
C SER B 864 23.49 -5.92 27.48
N ALA B 865 23.20 -6.56 26.34
CA ALA B 865 24.11 -6.52 25.20
C ALA B 865 23.92 -5.25 24.39
N LYS B 866 25.01 -4.72 23.86
CA LYS B 866 25.01 -3.55 22.98
C LYS B 866 25.41 -4.00 21.58
N TRP B 867 24.59 -3.65 20.59
CA TRP B 867 24.78 -4.08 19.22
C TRP B 867 25.35 -2.95 18.38
N ARG B 868 25.77 -3.30 17.16
CA ARG B 868 26.38 -2.32 16.27
C ARG B 868 25.37 -1.25 15.89
N VAL B 869 25.85 -0.02 15.77
CA VAL B 869 25.05 1.11 15.31
C VAL B 869 25.86 1.86 14.27
N PRO B 870 25.25 2.43 13.23
CA PRO B 870 26.04 3.18 12.25
C PRO B 870 26.83 4.30 12.90
N LEU B 871 28.07 4.48 12.47
CA LEU B 871 28.97 5.48 12.99
C LEU B 871 29.23 6.55 11.95
N VAL B 872 29.49 7.77 12.43
CA VAL B 872 29.68 8.90 11.52
C VAL B 872 30.87 8.65 10.61
N GLU B 873 31.92 8.02 11.14
CA GLU B 873 33.13 7.80 10.36
C GLU B 873 32.91 6.87 9.17
N GLU B 874 31.81 6.11 9.16
CA GLU B 874 31.53 5.19 8.06
C GLU B 874 30.82 5.85 6.89
N PHE B 875 30.36 7.08 7.05
CA PHE B 875 29.66 7.79 5.98
C PHE B 875 30.58 8.68 5.16
N GLU B 876 31.86 8.79 5.52
CA GLU B 876 32.81 9.64 4.82
C GLU B 876 33.82 8.76 4.09
N TYR B 877 34.02 9.06 2.81
CA TYR B 877 34.96 8.30 1.99
C TYR B 877 35.05 8.90 0.58
N GLU B 2206 40.12 -34.25 25.81
CA GLU B 2206 38.83 -33.56 25.84
C GLU B 2206 37.72 -34.47 25.34
N SER B 2207 36.59 -34.48 26.05
CA SER B 2207 35.47 -35.33 25.67
C SER B 2207 34.91 -34.89 24.32
N MET B 2208 34.50 -35.88 23.52
CA MET B 2208 33.93 -35.58 22.21
C MET B 2208 32.62 -34.80 22.35
N VAL B 2209 31.83 -35.12 23.37
CA VAL B 2209 30.53 -34.49 23.52
C VAL B 2209 30.68 -32.99 23.69
N ASP B 2210 31.61 -32.56 24.55
CA ASP B 2210 31.81 -31.14 24.76
C ASP B 2210 32.41 -30.48 23.52
N GLN B 2211 33.30 -31.18 22.82
CA GLN B 2211 33.87 -30.63 21.59
C GLN B 2211 32.77 -30.33 20.57
N VAL B 2212 31.89 -31.31 20.31
CA VAL B 2212 30.82 -31.09 19.35
C VAL B 2212 29.85 -30.03 19.87
N LEU B 2213 29.61 -30.00 21.19
CA LEU B 2213 28.75 -28.96 21.76
C LEU B 2213 29.30 -27.58 21.44
N ARG B 2214 30.59 -27.37 21.70
CA ARG B 2214 31.19 -26.06 21.44
C ARG B 2214 31.18 -25.73 19.96
N ALA B 2215 31.45 -26.71 19.10
CA ALA B 2215 31.43 -26.46 17.66
C ALA B 2215 30.04 -26.01 17.20
N VAL B 2216 29.00 -26.73 17.64
CA VAL B 2216 27.64 -26.38 17.23
C VAL B 2216 27.26 -25.00 17.77
N GLY B 2217 27.58 -24.74 19.03
CA GLY B 2217 27.28 -23.44 19.61
C GLY B 2217 27.97 -22.31 18.88
N LYS B 2218 29.24 -22.53 18.49
CA LYS B 2218 29.95 -21.52 17.72
C LYS B 2218 29.30 -21.31 16.36
N VAL B 2219 28.85 -22.39 15.73
CA VAL B 2219 28.18 -22.26 14.43
C VAL B 2219 26.99 -21.33 14.56
N LEU B 2220 26.18 -21.52 15.60
CA LEU B 2220 25.04 -20.63 15.79
C LEU B 2220 25.48 -19.21 16.15
N GLY B 2221 26.56 -19.08 16.91
CA GLY B 2221 27.06 -17.78 17.31
C GLY B 2221 26.90 -17.52 18.80
N ILE B 2222 27.02 -18.57 19.61
CA ILE B 2222 26.92 -18.48 21.05
C ILE B 2222 28.31 -18.68 21.63
N LYS B 2223 28.84 -17.64 22.28
CA LYS B 2223 30.18 -17.72 22.84
C LYS B 2223 30.26 -18.78 23.94
N ASP B 2224 29.26 -18.83 24.81
CA ASP B 2224 29.20 -19.78 25.91
C ASP B 2224 28.04 -20.73 25.68
N VAL B 2225 28.35 -21.96 25.28
CA VAL B 2225 27.30 -22.92 24.97
C VAL B 2225 26.50 -23.28 26.23
N SER B 2226 27.19 -23.43 27.36
CA SER B 2226 26.51 -23.80 28.59
C SER B 2226 25.59 -22.70 29.10
N SER B 2227 25.82 -21.45 28.70
CA SER B 2227 25.01 -20.35 29.21
C SER B 2227 23.55 -20.47 28.78
N VAL B 2228 23.30 -20.83 27.52
CA VAL B 2228 21.94 -20.89 27.03
C VAL B 2228 21.21 -22.10 27.60
N ASP B 2229 19.88 -22.03 27.56
CA ASP B 2229 19.06 -23.11 28.09
C ASP B 2229 19.23 -24.37 27.27
N GLY B 2230 19.17 -25.52 27.94
CA GLY B 2230 19.30 -26.80 27.29
C GLY B 2230 18.02 -27.39 26.74
N ASP B 2231 16.89 -26.72 26.95
CA ASP B 2231 15.60 -27.20 26.46
C ASP B 2231 15.01 -26.29 25.39
N LYS B 2232 15.76 -25.30 24.91
CA LYS B 2232 15.28 -24.39 23.89
C LYS B 2232 15.72 -24.91 22.52
N GLU B 2233 14.76 -25.04 21.61
CA GLU B 2233 15.04 -25.58 20.29
C GLU B 2233 15.90 -24.61 19.49
N PHE B 2234 16.60 -25.15 18.50
CA PHE B 2234 17.47 -24.33 17.67
C PHE B 2234 16.67 -23.29 16.89
N ILE B 2235 15.48 -23.66 16.42
CA ILE B 2235 14.65 -22.69 15.71
C ILE B 2235 14.32 -21.51 16.62
N ASP B 2236 14.24 -21.75 17.93
CA ASP B 2236 13.91 -20.67 18.85
C ASP B 2236 15.04 -19.68 19.05
N MET B 2237 16.26 -20.02 18.63
CA MET B 2237 17.40 -19.11 18.80
C MET B 2237 17.74 -18.34 17.53
N GLY B 2238 17.27 -18.80 16.36
CA GLY B 2238 17.40 -18.01 15.16
C GLY B 2238 17.91 -18.76 13.94
N VAL B 2239 18.00 -20.09 14.01
CA VAL B 2239 18.47 -20.86 12.87
C VAL B 2239 17.60 -20.57 11.66
N ASP B 2240 18.23 -20.25 10.54
CA ASP B 2240 17.52 -19.90 9.32
C ASP B 2240 18.08 -20.67 8.13
O 4HH B 2241 20.71 -21.52 7.68
C 4HH B 2241 20.19 -22.42 6.95
CA 4HH B 2241 18.71 -22.81 7.21
N 4HH B 2241 18.15 -21.99 8.26
CB 4HH B 2241 17.93 -22.73 5.88
OG 4HH B 2241 18.61 -21.99 4.90
CJ 4HH B 2241 19.25 -20.97 1.29
CK 4HH B 2241 18.23 -20.09 0.53
CL1 4HH B 2241 18.86 -19.55 -0.74
CL2 4HH B 2241 17.86 -18.92 1.42
CL3 4HH B 2241 16.12 -20.21 -0.89
CM 4HH B 2241 16.98 -20.91 0.16
OM 4HH B 2241 16.15 -21.23 1.26
NN 4HH B 2241 15.43 -19.08 -0.51
ON 4HH B 2241 16.08 -20.65 -2.06
P 4HH B 2241 18.04 -22.03 3.39
O1P 4HH B 2241 16.70 -21.37 3.41
O2P 4HH B 2241 18.27 -23.34 2.74
O3P 4HH B 2241 19.08 -20.94 2.68
CO 4HH B 2241 14.58 -18.31 -1.40
CP 4HH B 2241 13.14 -18.25 -0.91
CQ 4HH B 2241 12.39 -17.10 -1.58
CS 4HH B 2241 11.55 -16.18 -3.68
CT 4HH B 2241 12.44 -15.57 -4.75
NR 4HH B 2241 12.22 -17.19 -2.93
OR 4HH B 2241 11.97 -16.13 -0.89
SU 4HH B 2241 13.87 -14.79 -4.05
HA 4HH B 2241 18.68 -23.74 7.51
HB3 4HH B 2241 17.03 -22.36 6.01
HB2 4HH B 2241 17.84 -23.64 5.55
HJ3 4HH B 2241 20.14 -20.70 1.06
HJ2 4HH B 2241 19.12 -21.89 0.99
HL13 4HH B 2241 18.30 -18.87 -1.15
HL12 4HH B 2241 19.05 -20.25 -1.38
HL11 4HH B 2241 19.71 -19.14 -0.53
HL21 4HH B 2241 17.33 -18.26 0.94
HL23 4HH B 2241 18.68 -18.48 1.75
HL22 4HH B 2241 17.35 -19.25 2.18
HL3 4HH B 2241 17.25 -21.79 -0.18
HM 4HH B 2241 15.81 -20.51 1.53
HN 4HH B 2241 15.48 -18.80 0.34
HO2 4HH B 2241 14.61 -18.73 -2.27
HO3 4HH B 2241 14.95 -17.42 -1.48
HP3 4HH B 2241 13.10 -18.16 0.06
HP2 4HH B 2241 12.69 -19.07 -1.15
HS2 4HH B 2241 10.77 -16.57 -4.10
HS3 4HH B 2241 11.25 -15.48 -3.08
HT3 4HH B 2241 11.98 -14.89 -5.24
HT2 4HH B 2241 12.73 -16.25 -5.38
HR 4HH B 2241 12.53 -17.87 -3.35
HU 4HH B 2241 13.34 -13.99 -3.33
N LEU B 2242 20.86 -23.05 6.00
CA LEU B 2242 22.28 -22.83 5.78
C LEU B 2242 23.08 -23.24 7.01
N MET B 2243 22.81 -22.58 8.15
CA MET B 2243 23.44 -22.98 9.40
C MET B 2243 23.12 -24.44 9.73
N SER B 2244 21.96 -24.93 9.32
CA SER B 2244 21.64 -26.33 9.53
C SER B 2244 22.56 -27.24 8.72
N VAL B 2245 22.84 -26.89 7.48
CA VAL B 2245 23.76 -27.68 6.67
C VAL B 2245 25.16 -27.67 7.29
N GLU B 2246 25.59 -26.49 7.76
CA GLU B 2246 26.88 -26.39 8.42
C GLU B 2246 26.91 -27.26 9.68
N ILE B 2247 25.83 -27.27 10.46
CA ILE B 2247 25.77 -28.09 11.65
C ILE B 2247 25.88 -29.56 11.28
N LYS B 2248 25.13 -29.98 10.26
CA LYS B 2248 25.17 -31.38 9.84
C LYS B 2248 26.56 -31.78 9.39
N GLN B 2249 27.22 -30.94 8.59
CA GLN B 2249 28.56 -31.24 8.13
C GLN B 2249 29.55 -31.29 9.29
N ALA B 2250 29.40 -30.37 10.25
CA ALA B 2250 30.28 -30.37 11.41
C ALA B 2250 30.09 -31.63 12.24
N LEU B 2251 28.84 -32.08 12.42
CA LEU B 2251 28.60 -33.32 13.14
C LEU B 2251 29.22 -34.51 12.41
N GLU B 2252 29.07 -34.55 11.08
CA GLU B 2252 29.67 -35.65 10.33
C GLU B 2252 31.18 -35.65 10.43
N ARG B 2253 31.79 -34.46 10.36
CA ARG B 2253 33.25 -34.35 10.44
C ARG B 2253 33.78 -34.58 11.84
N ASP B 2254 32.94 -34.41 12.87
CA ASP B 2254 33.36 -34.51 14.25
C ASP B 2254 32.92 -35.81 14.93
N ALA B 2255 31.73 -36.31 14.58
CA ALA B 2255 31.21 -37.54 15.16
C ALA B 2255 30.54 -38.35 14.06
N GLY B 2256 29.97 -39.49 14.43
CA GLY B 2256 29.33 -40.38 13.49
C GLY B 2256 27.89 -40.07 13.18
N LEU B 2257 27.33 -39.01 13.76
CA LEU B 2257 25.93 -38.68 13.51
C LEU B 2257 25.73 -38.17 12.09
N VAL B 2258 24.59 -38.53 11.51
CA VAL B 2258 24.18 -38.02 10.20
C VAL B 2258 22.73 -37.60 10.36
N ILE B 2259 22.49 -36.31 10.57
CA ILE B 2259 21.17 -35.77 10.89
C ILE B 2259 20.66 -34.97 9.71
N SER B 2260 19.38 -35.14 9.40
CA SER B 2260 18.75 -34.38 8.33
C SER B 2260 18.60 -32.92 8.74
N THR B 2261 18.47 -32.05 7.73
CA THR B 2261 18.36 -30.62 8.00
C THR B 2261 17.11 -30.29 8.79
N LYS B 2262 15.99 -30.94 8.46
CA LYS B 2262 14.73 -30.60 9.13
C LYS B 2262 14.79 -30.88 10.62
N ASP B 2263 15.38 -32.01 11.02
CA ASP B 2263 15.46 -32.34 12.43
C ASP B 2263 16.42 -31.44 13.19
N THR B 2264 17.34 -30.76 12.49
CA THR B 2264 18.32 -29.93 13.17
C THR B 2264 17.66 -28.75 13.87
N GLN B 2265 16.66 -28.13 13.22
CA GLN B 2265 16.05 -26.93 13.76
C GLN B 2265 15.06 -27.22 14.89
N LEU B 2266 14.76 -28.50 15.17
CA LEU B 2266 13.84 -28.87 16.23
C LEU B 2266 14.51 -29.75 17.27
N MET B 2267 15.84 -29.70 17.37
CA MET B 2267 16.60 -30.51 18.31
C MET B 2267 17.35 -29.60 19.27
N THR B 2268 17.30 -29.93 20.56
CA THR B 2268 17.91 -29.12 21.59
C THR B 2268 19.32 -29.58 21.89
N PHE B 2269 20.05 -28.78 22.66
CA PHE B 2269 21.42 -29.11 23.03
C PHE B 2269 21.47 -30.40 23.85
N ASN B 2270 20.58 -30.54 24.83
CA ASN B 2270 20.55 -31.76 25.62
C ASN B 2270 20.25 -32.96 24.75
N THR B 2271 19.41 -32.80 23.73
CA THR B 2271 19.10 -33.91 22.83
C THR B 2271 20.30 -34.28 21.98
N LEU B 2272 21.04 -33.29 21.46
CA LEU B 2272 22.20 -33.61 20.66
C LEU B 2272 23.26 -34.30 21.51
N ARG B 2273 23.42 -33.86 22.77
CA ARG B 2273 24.34 -34.56 23.67
C ARG B 2273 23.91 -36.00 23.88
N SER B 2274 22.61 -36.23 24.04
CA SER B 2274 22.13 -37.60 24.22
C SER B 2274 22.44 -38.45 23.01
N MET B 2275 22.19 -37.93 21.80
CA MET B 2275 22.44 -38.75 20.61
C MET B 2275 23.92 -39.01 20.41
N VAL B 2276 24.78 -38.01 20.63
CA VAL B 2276 26.22 -38.26 20.50
C VAL B 2276 26.67 -39.30 21.51
N LYS B 2277 26.12 -39.25 22.73
CA LYS B 2277 26.44 -40.30 23.69
C LYS B 2277 25.99 -41.66 23.19
N GLY B 2278 24.80 -41.73 22.60
CA GLY B 2278 24.29 -42.98 22.07
C GLY B 2278 25.12 -43.53 20.92
C8 MLC C . -8.46 27.62 -61.15
N9 MLC C . -7.30 28.29 -61.30
C4 MLC C . -7.42 29.11 -62.37
C5 MLC C . -8.66 28.94 -62.88
N7 MLC C . -9.30 28.03 -62.12
N3 MLC C . -6.58 29.97 -62.94
C2 MLC C . -6.97 30.68 -64.03
N1 MLC C . -8.22 30.52 -64.55
C6 MLC C . -9.05 29.67 -63.99
N6 MLC C . -10.27 29.76 -64.79
C1' MLC C . -6.24 28.12 -60.47
C2' MLC C . -5.35 26.97 -60.94
O2' MLC C . -5.90 25.67 -60.47
C3' MLC C . -4.20 27.25 -60.34
O3' MLC C . -4.25 26.83 -58.95
C4' MLC C . -4.07 28.87 -60.41
O4' MLC C . -5.27 29.36 -60.52
C5' MLC C . -3.24 29.26 -61.63
O5' MLC C . -3.53 30.58 -62.00
P1 MLC C . -2.98 31.83 -61.08
O11 MLC C . -1.76 32.45 -61.74
O12 MLC C . -2.59 31.34 -59.70
O6 MLC C . -4.17 32.99 -60.93
P2 MLC C . -4.34 34.25 -62.03
O21 MLC C . -3.91 33.77 -63.39
O22 MLC C . -3.46 35.40 -61.60
O7 MLC C . -5.93 34.75 -62.07
CPB MLC C . -6.76 34.53 -60.93
CPA MLC C . -7.71 35.75 -60.73
CP7 MLC C . -7.91 35.99 -59.20
CP9 MLC C . -9.05 35.48 -61.44
CP8 MLC C . -7.05 37.01 -61.36
OP3 MLC C . -7.11 37.05 -58.81
CP6 MLC C . -9.37 36.31 -58.83
OP2 MLC C . -10.04 35.50 -58.29
NP2 MLC C . -9.94 37.64 -59.13
CP5 MLC C . -11.33 37.94 -58.76
CP4 MLC C . -12.34 37.24 -59.69
CP3 MLC C . -13.73 37.32 -59.00
OP1 MLC C . -14.09 36.43 -58.33
NP1 MLC C . -14.56 38.50 -59.16
CP2 MLC C . -15.89 38.58 -58.48
CP1 MLC C . -17.06 38.57 -59.47
S MLC C . -17.32 36.87 -60.05
P3 MLC C . -3.71 25.27 -58.54
O31 MLC C . -2.88 25.34 -57.28
O32 MLC C . -2.89 24.70 -59.67
O33 MLC C . -4.92 24.38 -58.30
CM1 MLC C . -18.19 35.99 -58.69
CM2 MLC C . -19.64 35.54 -58.91
CM3 MLC C . -20.58 36.68 -58.52
OM2 MLC C . -17.62 35.78 -57.67
OM3 MLC C . -20.10 37.78 -58.11
OM4 MLC C . -21.83 36.51 -58.56
H8 MLC C . -8.64 27.00 -60.49
H2 MLC C . -6.43 31.31 -64.48
HN61 MLC C . -10.29 30.23 -65.52
HN62 MLC C . -10.99 29.34 -64.54
H1' MLC C . -6.54 27.96 -59.57
H2' MLC C . -5.25 26.98 -61.90
HO2 MLC C . -6.63 25.80 -60.05
H3' MLC C . -3.46 26.83 -60.81
H4' MLC C . -3.65 29.20 -59.60
H5'1 MLC C . -3.45 28.67 -62.36
H5'2 MLC C . -2.29 29.19 -61.41
HPB1 MLC C . -6.20 34.44 -60.15
HPB2 MLC C . -7.29 33.74 -61.06
HP7 MLC C . -7.63 35.20 -58.71
HP91 MLC C . -9.54 34.80 -60.97
HP92 MLC C . -8.86 35.19 -62.35
HP93 MLC C . -9.56 36.30 -61.47
HP81 MLC C . -7.57 37.80 -61.12
HP82 MLC C . -7.04 36.93 -62.32
HP83 MLC C . -6.14 37.10 -61.03
HP3 MLC C . -7.49 37.47 -58.18
HP2 MLC C . -9.46 38.24 -59.51
HP51 MLC C . -11.47 38.90 -58.80
HP52 MLC C . -11.49 37.65 -57.84
HP41 MLC C . -12.09 36.31 -59.80
HP42 MLC C . -12.37 37.69 -60.54
HP1 MLC C . -14.30 39.17 -59.64
HP21 MLC C . -15.93 39.40 -57.96
HP22 MLC C . -15.98 37.83 -57.87
HP11 MLC C . -16.89 39.17 -60.20
HP12 MLC C . -17.86 38.87 -59.00
HM21 MLC C . -19.83 34.75 -58.36
HM22 MLC C . -19.78 35.32 -59.84
C8 MLC D . 0.00 -31.13 63.03
N9 MLC D . -0.90 -30.25 62.55
C4 MLC D . -2.07 -30.47 63.20
C5 MLC D . -1.88 -31.48 64.07
N7 MLC D . -0.61 -31.88 63.97
N3 MLC D . -3.27 -29.88 63.11
C2 MLC D . -4.29 -30.31 63.89
N1 MLC D . -4.12 -31.33 64.77
C6 MLC D . -2.93 -31.90 64.87
N6 MLC D . -3.11 -32.94 65.90
C1' MLC D . -0.63 -29.33 61.59
C2' MLC D . 0.39 -28.28 62.06
O2' MLC D . -0.31 -27.04 62.47
C3' MLC D . 1.14 -28.05 60.99
O3' MLC D . 0.50 -27.04 60.16
C4' MLC D . 1.21 -29.47 60.20
O4' MLC D . 0.05 -30.04 60.35
C5' MLC D . 2.29 -30.36 60.81
O5' MLC D . 3.52 -30.12 60.17
P1 MLC D . 4.72 -31.25 60.37
O11 MLC D . 5.54 -30.91 61.60
O12 MLC D . 5.61 -31.24 59.16
O6 MLC D . 4.04 -32.76 60.54
P2 MLC D . 4.01 -33.60 62.01
O21 MLC D . 4.05 -32.60 63.14
O22 MLC D . 5.21 -34.50 62.08
O7 MLC D . 2.61 -34.51 62.11
CPB MLC D . 1.84 -34.73 60.92
CPA MLC D . 1.29 -36.17 60.93
CP7 MLC D . 1.23 -36.68 59.45
CP9 MLC D . -0.11 -36.17 61.59
CP8 MLC D . 2.25 -37.07 61.75
OP3 MLC D . 2.48 -37.14 59.11
CP6 MLC D . 0.21 -37.82 59.22
OP2 MLC D . -0.36 -37.88 58.18
NP2 MLC D . -0.07 -38.83 60.24
CP5 MLC D . -1.04 -39.92 60.00
CP4 MLC D . -2.45 -39.40 59.72
CP3 MLC D . -3.13 -40.42 58.77
OP1 MLC D . -2.70 -40.57 57.69
NP1 MLC D . -4.29 -41.21 59.19
CP2 MLC D . -4.87 -42.18 58.23
CP1 MLC D . -6.38 -42.34 58.39
S MLC D . -7.12 -40.82 59.01
P3 MLC D . 1.48 -26.07 59.19
O31 MLC D . 1.93 -24.86 59.98
O32 MLC D . 0.70 -25.61 57.97
O33 MLC D . 2.70 -26.86 58.74
CM1 MLC D . -8.43 -40.30 57.81
CM2 MLC D . -9.91 -40.47 58.19
CM3 MLC D . -10.37 -41.88 57.78
OM2 MLC D . -8.12 -39.84 56.76
OM3 MLC D . -9.52 -42.80 57.66
OM4 MLC D . -11.59 -42.12 57.57
H8 MLC D . 0.89 -31.20 62.77
H2 MLC D . -5.15 -29.95 63.87
HN61 MLC D . -3.88 -33.07 66.25
HN62 MLC D . -2.43 -33.42 66.16
H1' MLC D . -1.45 -28.89 61.32
H2' MLC D . 0.94 -28.63 62.78
HO2 MLC D . -0.16 -26.43 61.90
H3' MLC D . 2.03 -27.77 61.26
H4' MLC D . 1.38 -29.32 59.27
H5'1 MLC D . 2.05 -31.29 60.70
H5'2 MLC D . 2.39 -30.15 61.75
HPB1 MLC D . 2.40 -34.60 60.15
HPB2 MLC D . 1.10 -34.10 60.90
HP7 MLC D . 1.01 -35.94 58.88
HP91 MLC D . -0.79 -35.96 60.91
HP92 MLC D . -0.14 -35.50 62.28
HP93 MLC D . -0.29 -37.03 61.97
HP81 MLC D . 2.06 -38.00 61.58
HP82 MLC D . 2.13 -36.89 62.70
HP83 MLC D . 3.17 -36.87 61.50
HP3 MLC D . 2.43 -37.95 58.84
HP2 MLC D . 0.35 -38.81 61.00
HP51 MLC D . -1.05 -40.51 60.76
HP52 MLC D . -0.73 -40.42 59.22
HP41 MLC D . -2.42 -38.53 59.30
HP42 MLC D . -2.95 -39.34 60.55
HP1 MLC D . -4.62 -41.12 59.98
HP21 MLC D . -4.45 -43.04 58.37
HP22 MLC D . -4.68 -41.88 57.33
HP11 MLC D . -6.57 -43.08 59.00
HP12 MLC D . -6.77 -42.55 57.52
HM21 MLC D . -10.44 -39.81 57.72
HM22 MLC D . -10.03 -40.36 59.15
#